data_4LVR
# 
_entry.id   4LVR 
# 
_audit_conform.dict_name       mmcif_pdbx.dic 
_audit_conform.dict_version    5.387 
_audit_conform.dict_location   http://mmcif.pdb.org/dictionaries/ascii/mmcif_pdbx.dic 
# 
loop_
_database_2.database_id 
_database_2.database_code 
_database_2.pdbx_database_accession 
_database_2.pdbx_DOI 
PDB   4LVR         pdb_00004lvr 10.2210/pdb4lvr/pdb 
RCSB  RCSB081146   ?            ?                   
WWPDB D_1000081146 ?            ?                   
# 
loop_
_pdbx_audit_revision_history.ordinal 
_pdbx_audit_revision_history.data_content_type 
_pdbx_audit_revision_history.major_revision 
_pdbx_audit_revision_history.minor_revision 
_pdbx_audit_revision_history.revision_date 
1 'Structure model' 1 0 2013-09-11 
2 'Structure model' 1 1 2024-02-28 
# 
_pdbx_audit_revision_details.ordinal             1 
_pdbx_audit_revision_details.revision_ordinal    1 
_pdbx_audit_revision_details.data_content_type   'Structure model' 
_pdbx_audit_revision_details.provider            repository 
_pdbx_audit_revision_details.type                'Initial release' 
_pdbx_audit_revision_details.description         ? 
_pdbx_audit_revision_details.details             ? 
# 
loop_
_pdbx_audit_revision_group.ordinal 
_pdbx_audit_revision_group.revision_ordinal 
_pdbx_audit_revision_group.data_content_type 
_pdbx_audit_revision_group.group 
1 2 'Structure model' 'Data collection'     
2 2 'Structure model' 'Database references' 
# 
loop_
_pdbx_audit_revision_category.ordinal 
_pdbx_audit_revision_category.revision_ordinal 
_pdbx_audit_revision_category.data_content_type 
_pdbx_audit_revision_category.category 
1 2 'Structure model' chem_comp_atom 
2 2 'Structure model' chem_comp_bond 
3 2 'Structure model' database_2     
# 
loop_
_pdbx_audit_revision_item.ordinal 
_pdbx_audit_revision_item.revision_ordinal 
_pdbx_audit_revision_item.data_content_type 
_pdbx_audit_revision_item.item 
1 2 'Structure model' '_database_2.pdbx_DOI'                
2 2 'Structure model' '_database_2.pdbx_database_accession' 
# 
_pdbx_database_status.status_code                     REL 
_pdbx_database_status.entry_id                        4LVR 
_pdbx_database_status.recvd_initial_deposition_date   2013-07-26 
_pdbx_database_status.deposit_site                    RCSB 
_pdbx_database_status.process_site                    RCSB 
_pdbx_database_status.status_code_sf                  REL 
_pdbx_database_status.status_code_mr                  ? 
_pdbx_database_status.SG_entry                        ? 
_pdbx_database_status.status_code_cs                  ? 
_pdbx_database_status.methods_development_category    ? 
_pdbx_database_status.pdb_format_compatible           Y 
_pdbx_database_status.status_code_nmr_data            ? 
# 
_pdbx_database_related.db_name        PDB 
_pdbx_database_related.db_id          4LVP 
_pdbx_database_related.details        . 
_pdbx_database_related.content_type   unspecified 
# 
_audit_author.name           'Bhogaraju, S.' 
_audit_author.pdbx_ordinal   1 
# 
_citation.id                        primary 
_citation.title                     'Molecular Basis of Tubulin Transport Within the Cilium by IFT74 and IFT81.' 
_citation.journal_abbrev            Science 
_citation.journal_volume            341 
_citation.page_first                1009 
_citation.page_last                 1012 
_citation.year                      2013 
_citation.journal_id_ASTM           SCIEAS 
_citation.country                   US 
_citation.journal_id_ISSN           0036-8075 
_citation.journal_id_CSD            0038 
_citation.book_publisher            ? 
_citation.pdbx_database_id_PubMed   23990561 
_citation.pdbx_database_id_DOI      10.1126/science.1240985 
# 
loop_
_citation_author.citation_id 
_citation_author.name 
_citation_author.ordinal 
_citation_author.identifier_ORCID 
primary 'Bhogaraju, S.' 1  ? 
primary 'Cajanek, L.'   2  ? 
primary 'Fort, C.'      3  ? 
primary 'Blisnick, T.'  4  ? 
primary 'Weber, K.'     5  ? 
primary 'Taschner, M.'  6  ? 
primary 'Mizuno, N.'    7  ? 
primary 'Lamla, S.'     8  ? 
primary 'Bastin, P.'    9  ? 
primary 'Nigg, E.A.'    10 ? 
primary 'Lorentzen, E.' 11 ? 
# 
_entity.id                         1 
_entity.type                       polymer 
_entity.src_method                 man 
_entity.pdbx_description           'Intraflagellar transport protein 81' 
_entity.formula_weight             14175.346 
_entity.pdbx_number_of_molecules   1 
_entity.pdbx_ec                    ? 
_entity.pdbx_mutation              ? 
_entity.pdbx_fragment              'N-terminal domain (UNP residues 1-124)' 
_entity.details                    ? 
# 
_entity_name_com.entity_id   1 
_entity_name_com.name        IFT81 
# 
_entity_poly.entity_id                      1 
_entity_poly.type                           'polypeptide(L)' 
_entity_poly.nstd_linkage                   no 
_entity_poly.nstd_monomer                   no 
_entity_poly.pdbx_seq_one_letter_code       
;MGDVSYIVDSLGLPPFSYQMSLLSFTEKGPQELLQLLSDVFSTISPKHQKVDVAKEVPDQTADRLIGFLKIIKYRPNVQD
PLLFRQLVAAGDRETLYQILRWVVPQAQLLEKRAFVGYYLSFPD
;
_entity_poly.pdbx_seq_one_letter_code_can   
;MGDVSYIVDSLGLPPFSYQMSLLSFTEKGPQELLQLLSDVFSTISPKHQKVDVAKEVPDQTADRLIGFLKIIKYRPNVQD
PLLFRQLVAAGDRETLYQILRWVVPQAQLLEKRAFVGYYLSFPD
;
_entity_poly.pdbx_strand_id                 A 
_entity_poly.pdbx_target_identifier         ? 
# 
loop_
_entity_poly_seq.entity_id 
_entity_poly_seq.num 
_entity_poly_seq.mon_id 
_entity_poly_seq.hetero 
1 1   MET n 
1 2   GLY n 
1 3   ASP n 
1 4   VAL n 
1 5   SER n 
1 6   TYR n 
1 7   ILE n 
1 8   VAL n 
1 9   ASP n 
1 10  SER n 
1 11  LEU n 
1 12  GLY n 
1 13  LEU n 
1 14  PRO n 
1 15  PRO n 
1 16  PHE n 
1 17  SER n 
1 18  TYR n 
1 19  GLN n 
1 20  MET n 
1 21  SER n 
1 22  LEU n 
1 23  LEU n 
1 24  SER n 
1 25  PHE n 
1 26  THR n 
1 27  GLU n 
1 28  LYS n 
1 29  GLY n 
1 30  PRO n 
1 31  GLN n 
1 32  GLU n 
1 33  LEU n 
1 34  LEU n 
1 35  GLN n 
1 36  LEU n 
1 37  LEU n 
1 38  SER n 
1 39  ASP n 
1 40  VAL n 
1 41  PHE n 
1 42  SER n 
1 43  THR n 
1 44  ILE n 
1 45  SER n 
1 46  PRO n 
1 47  LYS n 
1 48  HIS n 
1 49  GLN n 
1 50  LYS n 
1 51  VAL n 
1 52  ASP n 
1 53  VAL n 
1 54  ALA n 
1 55  LYS n 
1 56  GLU n 
1 57  VAL n 
1 58  PRO n 
1 59  ASP n 
1 60  GLN n 
1 61  THR n 
1 62  ALA n 
1 63  ASP n 
1 64  ARG n 
1 65  LEU n 
1 66  ILE n 
1 67  GLY n 
1 68  PHE n 
1 69  LEU n 
1 70  LYS n 
1 71  ILE n 
1 72  ILE n 
1 73  LYS n 
1 74  TYR n 
1 75  ARG n 
1 76  PRO n 
1 77  ASN n 
1 78  VAL n 
1 79  GLN n 
1 80  ASP n 
1 81  PRO n 
1 82  LEU n 
1 83  LEU n 
1 84  PHE n 
1 85  ARG n 
1 86  GLN n 
1 87  LEU n 
1 88  VAL n 
1 89  ALA n 
1 90  ALA n 
1 91  GLY n 
1 92  ASP n 
1 93  ARG n 
1 94  GLU n 
1 95  THR n 
1 96  LEU n 
1 97  TYR n 
1 98  GLN n 
1 99  ILE n 
1 100 LEU n 
1 101 ARG n 
1 102 TRP n 
1 103 VAL n 
1 104 VAL n 
1 105 PRO n 
1 106 GLN n 
1 107 ALA n 
1 108 GLN n 
1 109 LEU n 
1 110 LEU n 
1 111 GLU n 
1 112 LYS n 
1 113 ARG n 
1 114 ALA n 
1 115 PHE n 
1 116 VAL n 
1 117 GLY n 
1 118 TYR n 
1 119 TYR n 
1 120 LEU n 
1 121 SER n 
1 122 PHE n 
1 123 PRO n 
1 124 ASP n 
# 
_entity_src_gen.entity_id                          1 
_entity_src_gen.pdbx_src_id                        1 
_entity_src_gen.pdbx_alt_source_flag               sample 
_entity_src_gen.pdbx_seq_type                      ? 
_entity_src_gen.pdbx_beg_seq_num                   ? 
_entity_src_gen.pdbx_end_seq_num                   ? 
_entity_src_gen.gene_src_common_name               ? 
_entity_src_gen.gene_src_genus                     ? 
_entity_src_gen.pdbx_gene_src_gene                 'IFT81, CHLREDRAFT_138649' 
_entity_src_gen.gene_src_species                   ? 
_entity_src_gen.gene_src_strain                    ? 
_entity_src_gen.gene_src_tissue                    ? 
_entity_src_gen.gene_src_tissue_fraction           ? 
_entity_src_gen.gene_src_details                   ? 
_entity_src_gen.pdbx_gene_src_fragment             ? 
_entity_src_gen.pdbx_gene_src_scientific_name      'Chlamydomonas reinhardtii' 
_entity_src_gen.pdbx_gene_src_ncbi_taxonomy_id     3055 
_entity_src_gen.pdbx_gene_src_variant              ? 
_entity_src_gen.pdbx_gene_src_cell_line            ? 
_entity_src_gen.pdbx_gene_src_atcc                 ? 
_entity_src_gen.pdbx_gene_src_organ                ? 
_entity_src_gen.pdbx_gene_src_organelle            ? 
_entity_src_gen.pdbx_gene_src_cell                 ? 
_entity_src_gen.pdbx_gene_src_cellular_location    ? 
_entity_src_gen.host_org_common_name               ? 
_entity_src_gen.pdbx_host_org_scientific_name      'Escherichia coli' 
_entity_src_gen.pdbx_host_org_ncbi_taxonomy_id     469008 
_entity_src_gen.host_org_genus                     ? 
_entity_src_gen.pdbx_host_org_gene                 ? 
_entity_src_gen.pdbx_host_org_organ                ? 
_entity_src_gen.host_org_species                   ? 
_entity_src_gen.pdbx_host_org_tissue               ? 
_entity_src_gen.pdbx_host_org_tissue_fraction      ? 
_entity_src_gen.pdbx_host_org_strain               'BL21(DE3)' 
_entity_src_gen.pdbx_host_org_variant              ? 
_entity_src_gen.pdbx_host_org_cell_line            ? 
_entity_src_gen.pdbx_host_org_atcc                 ? 
_entity_src_gen.pdbx_host_org_culture_collection   ? 
_entity_src_gen.pdbx_host_org_cell                 ? 
_entity_src_gen.pdbx_host_org_organelle            ? 
_entity_src_gen.pdbx_host_org_cellular_location    ? 
_entity_src_gen.pdbx_host_org_vector_type          ? 
_entity_src_gen.pdbx_host_org_vector               ? 
_entity_src_gen.host_org_details                   ? 
_entity_src_gen.expression_system_id               ? 
_entity_src_gen.plasmid_name                       ? 
_entity_src_gen.plasmid_details                    ? 
_entity_src_gen.pdbx_description                   ? 
# 
loop_
_chem_comp.id 
_chem_comp.type 
_chem_comp.mon_nstd_flag 
_chem_comp.name 
_chem_comp.pdbx_synonyms 
_chem_comp.formula 
_chem_comp.formula_weight 
ALA 'L-peptide linking' y ALANINE         ? 'C3 H7 N O2'     89.093  
ARG 'L-peptide linking' y ARGININE        ? 'C6 H15 N4 O2 1' 175.209 
ASN 'L-peptide linking' y ASPARAGINE      ? 'C4 H8 N2 O3'    132.118 
ASP 'L-peptide linking' y 'ASPARTIC ACID' ? 'C4 H7 N O4'     133.103 
GLN 'L-peptide linking' y GLUTAMINE       ? 'C5 H10 N2 O3'   146.144 
GLU 'L-peptide linking' y 'GLUTAMIC ACID' ? 'C5 H9 N O4'     147.129 
GLY 'peptide linking'   y GLYCINE         ? 'C2 H5 N O2'     75.067  
HIS 'L-peptide linking' y HISTIDINE       ? 'C6 H10 N3 O2 1' 156.162 
ILE 'L-peptide linking' y ISOLEUCINE      ? 'C6 H13 N O2'    131.173 
LEU 'L-peptide linking' y LEUCINE         ? 'C6 H13 N O2'    131.173 
LYS 'L-peptide linking' y LYSINE          ? 'C6 H15 N2 O2 1' 147.195 
MET 'L-peptide linking' y METHIONINE      ? 'C5 H11 N O2 S'  149.211 
PHE 'L-peptide linking' y PHENYLALANINE   ? 'C9 H11 N O2'    165.189 
PRO 'L-peptide linking' y PROLINE         ? 'C5 H9 N O2'     115.130 
SER 'L-peptide linking' y SERINE          ? 'C3 H7 N O3'     105.093 
THR 'L-peptide linking' y THREONINE       ? 'C4 H9 N O3'     119.119 
TRP 'L-peptide linking' y TRYPTOPHAN      ? 'C11 H12 N2 O2'  204.225 
TYR 'L-peptide linking' y TYROSINE        ? 'C9 H11 N O3'    181.189 
VAL 'L-peptide linking' y VALINE          ? 'C5 H11 N O2'    117.146 
# 
loop_
_pdbx_poly_seq_scheme.asym_id 
_pdbx_poly_seq_scheme.entity_id 
_pdbx_poly_seq_scheme.seq_id 
_pdbx_poly_seq_scheme.mon_id 
_pdbx_poly_seq_scheme.ndb_seq_num 
_pdbx_poly_seq_scheme.pdb_seq_num 
_pdbx_poly_seq_scheme.auth_seq_num 
_pdbx_poly_seq_scheme.pdb_mon_id 
_pdbx_poly_seq_scheme.auth_mon_id 
_pdbx_poly_seq_scheme.pdb_strand_id 
_pdbx_poly_seq_scheme.pdb_ins_code 
_pdbx_poly_seq_scheme.hetero 
A 1 1   MET 1   1   1   MET MET A . n 
A 1 2   GLY 2   2   2   GLY GLY A . n 
A 1 3   ASP 3   3   3   ASP ASP A . n 
A 1 4   VAL 4   4   4   VAL VAL A . n 
A 1 5   SER 5   5   5   SER SER A . n 
A 1 6   TYR 6   6   6   TYR TYR A . n 
A 1 7   ILE 7   7   7   ILE ILE A . n 
A 1 8   VAL 8   8   8   VAL VAL A . n 
A 1 9   ASP 9   9   9   ASP ASP A . n 
A 1 10  SER 10  10  10  SER SER A . n 
A 1 11  LEU 11  11  11  LEU LEU A . n 
A 1 12  GLY 12  12  12  GLY GLY A . n 
A 1 13  LEU 13  13  13  LEU LEU A . n 
A 1 14  PRO 14  14  14  PRO PRO A . n 
A 1 15  PRO 15  15  15  PRO PRO A . n 
A 1 16  PHE 16  16  16  PHE PHE A . n 
A 1 17  SER 17  17  17  SER SER A . n 
A 1 18  TYR 18  18  18  TYR TYR A . n 
A 1 19  GLN 19  19  19  GLN GLN A . n 
A 1 20  MET 20  20  20  MET MET A . n 
A 1 21  SER 21  21  21  SER SER A . n 
A 1 22  LEU 22  22  22  LEU LEU A . n 
A 1 23  LEU 23  23  23  LEU LEU A . n 
A 1 24  SER 24  24  24  SER SER A . n 
A 1 25  PHE 25  25  25  PHE PHE A . n 
A 1 26  THR 26  26  26  THR THR A . n 
A 1 27  GLU 27  27  27  GLU GLU A . n 
A 1 28  LYS 28  28  28  LYS LYS A . n 
A 1 29  GLY 29  29  29  GLY GLY A . n 
A 1 30  PRO 30  30  30  PRO PRO A . n 
A 1 31  GLN 31  31  31  GLN GLN A . n 
A 1 32  GLU 32  32  32  GLU GLU A . n 
A 1 33  LEU 33  33  33  LEU LEU A . n 
A 1 34  LEU 34  34  34  LEU LEU A . n 
A 1 35  GLN 35  35  35  GLN GLN A . n 
A 1 36  LEU 36  36  36  LEU LEU A . n 
A 1 37  LEU 37  37  37  LEU LEU A . n 
A 1 38  SER 38  38  38  SER SER A . n 
A 1 39  ASP 39  39  39  ASP ASP A . n 
A 1 40  VAL 40  40  40  VAL VAL A . n 
A 1 41  PHE 41  41  41  PHE PHE A . n 
A 1 42  SER 42  42  42  SER SER A . n 
A 1 43  THR 43  43  43  THR THR A . n 
A 1 44  ILE 44  44  44  ILE ILE A . n 
A 1 45  SER 45  45  ?   ?   ?   A . n 
A 1 46  PRO 46  46  ?   ?   ?   A . n 
A 1 47  LYS 47  47  ?   ?   ?   A . n 
A 1 48  HIS 48  48  ?   ?   ?   A . n 
A 1 49  GLN 49  49  49  GLN ALA A . n 
A 1 50  LYS 50  50  50  LYS LYS A . n 
A 1 51  VAL 51  51  51  VAL VAL A . n 
A 1 52  ASP 52  52  52  ASP ASP A . n 
A 1 53  VAL 53  53  53  VAL VAL A . n 
A 1 54  ALA 54  54  54  ALA ALA A . n 
A 1 55  LYS 55  55  55  LYS LYS A . n 
A 1 56  GLU 56  56  56  GLU GLU A . n 
A 1 57  VAL 57  57  57  VAL VAL A . n 
A 1 58  PRO 58  58  58  PRO PRO A . n 
A 1 59  ASP 59  59  59  ASP ASP A . n 
A 1 60  GLN 60  60  60  GLN GLN A . n 
A 1 61  THR 61  61  61  THR THR A . n 
A 1 62  ALA 62  62  62  ALA ALA A . n 
A 1 63  ASP 63  63  63  ASP ASP A . n 
A 1 64  ARG 64  64  64  ARG ARG A . n 
A 1 65  LEU 65  65  65  LEU LEU A . n 
A 1 66  ILE 66  66  66  ILE ILE A . n 
A 1 67  GLY 67  67  67  GLY GLY A . n 
A 1 68  PHE 68  68  68  PHE PHE A . n 
A 1 69  LEU 69  69  69  LEU LEU A . n 
A 1 70  LYS 70  70  70  LYS LYS A . n 
A 1 71  ILE 71  71  71  ILE ILE A . n 
A 1 72  ILE 72  72  72  ILE ILE A . n 
A 1 73  LYS 73  73  73  LYS LYS A . n 
A 1 74  TYR 74  74  74  TYR TYR A . n 
A 1 75  ARG 75  75  75  ARG ARG A . n 
A 1 76  PRO 76  76  76  PRO PRO A . n 
A 1 77  ASN 77  77  77  ASN ASN A . n 
A 1 78  VAL 78  78  78  VAL VAL A . n 
A 1 79  GLN 79  79  79  GLN GLN A . n 
A 1 80  ASP 80  80  80  ASP ASP A . n 
A 1 81  PRO 81  81  81  PRO PRO A . n 
A 1 82  LEU 82  82  82  LEU LEU A . n 
A 1 83  LEU 83  83  83  LEU LEU A . n 
A 1 84  PHE 84  84  84  PHE PHE A . n 
A 1 85  ARG 85  85  85  ARG ARG A . n 
A 1 86  GLN 86  86  86  GLN GLN A . n 
A 1 87  LEU 87  87  87  LEU LEU A . n 
A 1 88  VAL 88  88  88  VAL VAL A . n 
A 1 89  ALA 89  89  89  ALA ALA A . n 
A 1 90  ALA 90  90  90  ALA ALA A . n 
A 1 91  GLY 91  91  91  GLY GLY A . n 
A 1 92  ASP 92  92  92  ASP ASP A . n 
A 1 93  ARG 93  93  93  ARG ARG A . n 
A 1 94  GLU 94  94  94  GLU GLU A . n 
A 1 95  THR 95  95  95  THR THR A . n 
A 1 96  LEU 96  96  96  LEU LEU A . n 
A 1 97  TYR 97  97  97  TYR TYR A . n 
A 1 98  GLN 98  98  98  GLN GLN A . n 
A 1 99  ILE 99  99  99  ILE ILE A . n 
A 1 100 LEU 100 100 100 LEU LEU A . n 
A 1 101 ARG 101 101 101 ARG ARG A . n 
A 1 102 TRP 102 102 102 TRP TRP A . n 
A 1 103 VAL 103 103 103 VAL VAL A . n 
A 1 104 VAL 104 104 104 VAL VAL A . n 
A 1 105 PRO 105 105 105 PRO PRO A . n 
A 1 106 GLN 106 106 106 GLN GLN A . n 
A 1 107 ALA 107 107 107 ALA ALA A . n 
A 1 108 GLN 108 108 108 GLN GLN A . n 
A 1 109 LEU 109 109 109 LEU LEU A . n 
A 1 110 LEU 110 110 110 LEU LEU A . n 
A 1 111 GLU 111 111 111 GLU GLU A . n 
A 1 112 LYS 112 112 112 LYS LYS A . n 
A 1 113 ARG 113 113 113 ARG ARG A . n 
A 1 114 ALA 114 114 114 ALA ALA A . n 
A 1 115 PHE 115 115 115 PHE PHE A . n 
A 1 116 VAL 116 116 116 VAL VAL A . n 
A 1 117 GLY 117 117 117 GLY GLY A . n 
A 1 118 TYR 118 118 118 TYR TYR A . n 
A 1 119 TYR 119 119 119 TYR TYR A . n 
A 1 120 LEU 120 120 120 LEU LEU A . n 
A 1 121 SER 121 121 121 SER SER A . n 
A 1 122 PHE 122 122 122 PHE PHE A . n 
A 1 123 PRO 123 123 123 PRO PRO A . n 
A 1 124 ASP 124 124 124 ASP ASP A . n 
# 
loop_
_pdbx_unobs_or_zero_occ_atoms.id 
_pdbx_unobs_or_zero_occ_atoms.PDB_model_num 
_pdbx_unobs_or_zero_occ_atoms.polymer_flag 
_pdbx_unobs_or_zero_occ_atoms.occupancy_flag 
_pdbx_unobs_or_zero_occ_atoms.auth_asym_id 
_pdbx_unobs_or_zero_occ_atoms.auth_comp_id 
_pdbx_unobs_or_zero_occ_atoms.auth_seq_id 
_pdbx_unobs_or_zero_occ_atoms.PDB_ins_code 
_pdbx_unobs_or_zero_occ_atoms.auth_atom_id 
_pdbx_unobs_or_zero_occ_atoms.label_alt_id 
_pdbx_unobs_or_zero_occ_atoms.label_asym_id 
_pdbx_unobs_or_zero_occ_atoms.label_comp_id 
_pdbx_unobs_or_zero_occ_atoms.label_seq_id 
_pdbx_unobs_or_zero_occ_atoms.label_atom_id 
1  1 Y 1 A LEU 22  ? CG  ? A LEU 22  CG  
2  1 Y 1 A LEU 22  ? CD1 ? A LEU 22  CD1 
3  1 Y 1 A LEU 22  ? CD2 ? A LEU 22  CD2 
4  1 Y 1 A LEU 23  ? CG  ? A LEU 23  CG  
5  1 Y 1 A LEU 23  ? CD1 ? A LEU 23  CD1 
6  1 Y 1 A LEU 23  ? CD2 ? A LEU 23  CD2 
7  1 Y 1 A LYS 28  ? CG  ? A LYS 28  CG  
8  1 Y 1 A LYS 28  ? CD  ? A LYS 28  CD  
9  1 Y 1 A LYS 28  ? CE  ? A LYS 28  CE  
10 1 Y 1 A LYS 28  ? NZ  ? A LYS 28  NZ  
11 1 Y 1 A GLN 49  ? CG  ? A GLN 49  CG  
12 1 Y 1 A GLN 49  ? CD  ? A GLN 49  CD  
13 1 Y 1 A GLN 49  ? OE1 ? A GLN 49  OE1 
14 1 Y 1 A GLN 49  ? NE2 ? A GLN 49  NE2 
15 1 Y 1 A LYS 55  ? CG  ? A LYS 55  CG  
16 1 Y 1 A LYS 55  ? CD  ? A LYS 55  CD  
17 1 Y 1 A LYS 55  ? CE  ? A LYS 55  CE  
18 1 Y 1 A LYS 55  ? NZ  ? A LYS 55  NZ  
19 1 Y 1 A PHE 68  ? CG  ? A PHE 68  CG  
20 1 Y 1 A PHE 68  ? CD1 ? A PHE 68  CD1 
21 1 Y 1 A PHE 68  ? CD2 ? A PHE 68  CD2 
22 1 Y 1 A PHE 68  ? CE1 ? A PHE 68  CE1 
23 1 Y 1 A PHE 68  ? CE2 ? A PHE 68  CE2 
24 1 Y 1 A PHE 68  ? CZ  ? A PHE 68  CZ  
25 1 Y 1 A LYS 70  ? CG  ? A LYS 70  CG  
26 1 Y 1 A LYS 70  ? CD  ? A LYS 70  CD  
27 1 Y 1 A LYS 70  ? CE  ? A LYS 70  CE  
28 1 Y 1 A LYS 70  ? NZ  ? A LYS 70  NZ  
29 1 Y 1 A LYS 73  ? CG  ? A LYS 73  CG  
30 1 Y 1 A LYS 73  ? CD  ? A LYS 73  CD  
31 1 Y 1 A LYS 73  ? CE  ? A LYS 73  CE  
32 1 Y 1 A LYS 73  ? NZ  ? A LYS 73  NZ  
33 1 Y 1 A ARG 75  ? CG  ? A ARG 75  CG  
34 1 Y 1 A ARG 75  ? CD  ? A ARG 75  CD  
35 1 Y 1 A ARG 75  ? NE  ? A ARG 75  NE  
36 1 Y 1 A ARG 75  ? CZ  ? A ARG 75  CZ  
37 1 Y 1 A ARG 75  ? NH1 ? A ARG 75  NH1 
38 1 Y 1 A ARG 75  ? NH2 ? A ARG 75  NH2 
39 1 Y 1 A GLN 79  ? CG  ? A GLN 79  CG  
40 1 Y 1 A GLN 79  ? CD  ? A GLN 79  CD  
41 1 Y 1 A GLN 79  ? OE1 ? A GLN 79  OE1 
42 1 Y 1 A GLN 79  ? NE2 ? A GLN 79  NE2 
43 1 Y 1 A GLU 94  ? CG  ? A GLU 94  CG  
44 1 Y 1 A GLU 94  ? CD  ? A GLU 94  CD  
45 1 Y 1 A GLU 94  ? OE1 ? A GLU 94  OE1 
46 1 Y 1 A GLU 94  ? OE2 ? A GLU 94  OE2 
47 1 Y 1 A PRO 123 ? O   ? A PRO 123 O   
# 
loop_
_software.name 
_software.classification 
_software.version 
_software.citation_id 
_software.pdbx_ordinal 
XDS    'data scaling'   .                            ? 1 
PHENIX 'model building' Autosol                      ? 2 
PHENIX refinement       '(phenix.refine: 1.7.1_743)' ? 3 
XDS    'data reduction' .                            ? 4 
PHENIX phasing          Autosol                      ? 5 
# 
_cell.entry_id           4LVR 
_cell.length_a           75.070 
_cell.length_b           75.070 
_cell.length_c           93.330 
_cell.angle_alpha        90.00 
_cell.angle_beta         90.00 
_cell.angle_gamma        120.00 
_cell.Z_PDB              12 
_cell.pdbx_unique_axis   ? 
_cell.length_a_esd       ? 
_cell.length_b_esd       ? 
_cell.length_c_esd       ? 
_cell.angle_alpha_esd    ? 
_cell.angle_beta_esd     ? 
_cell.angle_gamma_esd    ? 
# 
_symmetry.entry_id                         4LVR 
_symmetry.space_group_name_H-M             'P 64 2 2' 
_symmetry.pdbx_full_space_group_name_H-M   ? 
_symmetry.cell_setting                     ? 
_symmetry.Int_Tables_number                181 
_symmetry.space_group_name_Hall            ? 
# 
_exptl.entry_id          4LVR 
_exptl.method            'X-RAY DIFFRACTION' 
_exptl.crystals_number   1 
# 
_exptl_crystal.id                    1 
_exptl_crystal.density_meas          ? 
_exptl_crystal.density_Matthews      2.68 
_exptl_crystal.density_percent_sol   54.07 
_exptl_crystal.description           ? 
_exptl_crystal.F_000                 ? 
_exptl_crystal.preparation           ? 
# 
_exptl_crystal_grow.crystal_id      1 
_exptl_crystal_grow.method          'VAPOR DIFFUSION, SITTING DROP' 
_exptl_crystal_grow.temp            291 
_exptl_crystal_grow.temp_details    ? 
_exptl_crystal_grow.pH              8 
_exptl_crystal_grow.pdbx_details    '0.8 M ammonium sulfate, 0.1 M Tris, VAPOR DIFFUSION, SITTING DROP, temperature 291K' 
_exptl_crystal_grow.pdbx_pH_range   ? 
# 
_diffrn.id                     1 
_diffrn.ambient_temp           100 
_diffrn.ambient_temp_details   ? 
_diffrn.crystal_id             1 
# 
_diffrn_detector.diffrn_id              1 
_diffrn_detector.detector               PIXEL 
_diffrn_detector.type                   'DECTRIS PILATUS 6M' 
_diffrn_detector.pdbx_collection_date   2011-07-03 
_diffrn_detector.details                ? 
# 
_diffrn_radiation.diffrn_id                        1 
_diffrn_radiation.wavelength_id                    1 
_diffrn_radiation.pdbx_monochromatic_or_laue_m_l   M 
_diffrn_radiation.monochromator                    'double crystal Si(111)' 
_diffrn_radiation.pdbx_diffrn_protocol             'SINGLE WAVELENGTH' 
_diffrn_radiation.pdbx_scattering_type             x-ray 
# 
_diffrn_radiation_wavelength.id           1 
_diffrn_radiation_wavelength.wavelength   0.9793 
_diffrn_radiation_wavelength.wt           1.0 
# 
_diffrn_source.diffrn_id                   1 
_diffrn_source.source                      SYNCHROTRON 
_diffrn_source.type                        'SLS BEAMLINE X10SA' 
_diffrn_source.pdbx_synchrotron_site       SLS 
_diffrn_source.pdbx_synchrotron_beamline   X10SA 
_diffrn_source.pdbx_wavelength             ? 
_diffrn_source.pdbx_wavelength_list        0.9793 
# 
_reflns.entry_id                     4LVR 
_reflns.observed_criterion_sigma_I   -3 
_reflns.observed_criterion_sigma_F   -3 
_reflns.d_resolution_low             38 
_reflns.d_resolution_high            2.5 
_reflns.number_obs                   5727 
_reflns.number_all                   5756 
_reflns.percent_possible_obs         99.5 
_reflns.pdbx_Rmerge_I_obs            ? 
_reflns.pdbx_Rsym_value              ? 
_reflns.pdbx_netI_over_sigmaI        ? 
_reflns.B_iso_Wilson_estimate        ? 
_reflns.pdbx_redundancy              ? 
_reflns.R_free_details               ? 
_reflns.limit_h_max                  ? 
_reflns.limit_h_min                  ? 
_reflns.limit_k_max                  ? 
_reflns.limit_k_min                  ? 
_reflns.limit_l_max                  ? 
_reflns.limit_l_min                  ? 
_reflns.observed_criterion_F_max     ? 
_reflns.observed_criterion_F_min     ? 
_reflns.pdbx_chi_squared             ? 
_reflns.pdbx_scaling_rejects         ? 
_reflns.pdbx_ordinal                 1 
_reflns.pdbx_diffrn_id               1 
# 
_reflns_shell.d_res_high             2.5 
_reflns_shell.d_res_low              2.66 
_reflns_shell.percent_possible_all   97.4 
_reflns_shell.Rmerge_I_obs           ? 
_reflns_shell.pdbx_Rsym_value        ? 
_reflns_shell.meanI_over_sigI_obs    ? 
_reflns_shell.pdbx_redundancy        ? 
_reflns_shell.percent_possible_obs   ? 
_reflns_shell.number_unique_all      ? 
_reflns_shell.number_measured_all    ? 
_reflns_shell.number_measured_obs    ? 
_reflns_shell.number_unique_obs      ? 
_reflns_shell.pdbx_chi_squared       ? 
_reflns_shell.pdbx_ordinal           1 
_reflns_shell.pdbx_diffrn_id         1 
# 
_refine.entry_id                                 4LVR 
_refine.ls_number_reflns_obs                     5162 
_refine.ls_number_reflns_all                     5756 
_refine.pdbx_ls_sigma_I                          ? 
_refine.pdbx_ls_sigma_F                          2.00 
_refine.pdbx_data_cutoff_high_absF               ? 
_refine.pdbx_data_cutoff_low_absF                ? 
_refine.pdbx_data_cutoff_high_rms_absF           ? 
_refine.ls_d_res_low                             37.910 
_refine.ls_d_res_high                            2.600 
_refine.ls_percent_reflns_obs                    99.90 
_refine.ls_R_factor_obs                          0.2549 
_refine.ls_R_factor_all                          0.2650 
_refine.ls_R_factor_R_work                       0.2522 
_refine.ls_R_factor_R_free                       0.2854 
_refine.ls_R_factor_R_free_error                 ? 
_refine.ls_R_factor_R_free_error_details         ? 
_refine.ls_percent_reflns_R_free                 7.52 
_refine.ls_number_reflns_R_free                  388 
_refine.ls_number_parameters                     ? 
_refine.ls_number_restraints                     ? 
_refine.occupancy_min                            ? 
_refine.occupancy_max                            ? 
_refine.correlation_coeff_Fo_to_Fc               ? 
_refine.correlation_coeff_Fo_to_Fc_free          ? 
_refine.B_iso_mean                               ? 
_refine.aniso_B[1][1]                            -2.5196 
_refine.aniso_B[2][2]                            -2.5196 
_refine.aniso_B[3][3]                            -10.5239 
_refine.aniso_B[1][2]                            0.0000 
_refine.aniso_B[1][3]                            -0.0000 
_refine.aniso_B[2][3]                            0.0000 
_refine.solvent_model_details                    'FLAT BULK SOLVENT MODEL' 
_refine.solvent_model_param_ksol                 0.317 
_refine.solvent_model_param_bsol                 57.925 
_refine.pdbx_solvent_vdw_probe_radii             1.20 
_refine.pdbx_solvent_ion_probe_radii             ? 
_refine.pdbx_solvent_shrinkage_radii             0.95 
_refine.pdbx_ls_cross_valid_method               ? 
_refine.details                                  ? 
_refine.pdbx_starting_model                      ? 
_refine.pdbx_method_to_determine_struct          'MOLECULAR REPLACEMENT' 
_refine.pdbx_isotropic_thermal_model             ? 
_refine.pdbx_stereochemistry_target_values       ML 
_refine.pdbx_stereochem_target_val_spec_case     ? 
_refine.pdbx_R_Free_selection_details            RANDOM 
_refine.pdbx_overall_ESU_R                       ? 
_refine.pdbx_overall_ESU_R_Free                  ? 
_refine.overall_SU_ML                            0.62 
_refine.pdbx_overall_phase_error                 32.67 
_refine.overall_SU_B                             ? 
_refine.overall_SU_R_Cruickshank_DPI             ? 
_refine.ls_redundancy_reflns_obs                 ? 
_refine.B_iso_min                                ? 
_refine.B_iso_max                                ? 
_refine.overall_SU_R_free                        ? 
_refine.ls_wR_factor_R_free                      ? 
_refine.ls_wR_factor_R_work                      ? 
_refine.overall_FOM_free_R_set                   ? 
_refine.overall_FOM_work_R_set                   ? 
_refine.pdbx_diffrn_id                           1 
_refine.pdbx_refine_id                           'X-RAY DIFFRACTION' 
_refine.pdbx_TLS_residual_ADP_flag               ? 
_refine.pdbx_overall_SU_R_free_Cruickshank_DPI   ? 
_refine.pdbx_overall_SU_R_Blow_DPI               ? 
_refine.pdbx_overall_SU_R_free_Blow_DPI          ? 
# 
_refine_hist.pdbx_refine_id                   'X-RAY DIFFRACTION' 
_refine_hist.cycle_id                         LAST 
_refine_hist.pdbx_number_atoms_protein        922 
_refine_hist.pdbx_number_atoms_nucleic_acid   0 
_refine_hist.pdbx_number_atoms_ligand         0 
_refine_hist.number_atoms_solvent             0 
_refine_hist.number_atoms_total               922 
_refine_hist.d_res_high                       2.600 
_refine_hist.d_res_low                        37.910 
# 
loop_
_refine_ls_restr.type 
_refine_ls_restr.dev_ideal 
_refine_ls_restr.dev_ideal_target 
_refine_ls_restr.weight 
_refine_ls_restr.number 
_refine_ls_restr.pdbx_restraint_function 
_refine_ls_restr.pdbx_refine_id 
f_bond_d           0.009  ? ? 942  ? 'X-RAY DIFFRACTION' 
f_angle_d          1.368  ? ? 1286 ? 'X-RAY DIFFRACTION' 
f_dihedral_angle_d 16.708 ? ? 336  ? 'X-RAY DIFFRACTION' 
f_chiral_restr     0.086  ? ? 151  ? 'X-RAY DIFFRACTION' 
f_plane_restr      0.009  ? ? 165  ? 'X-RAY DIFFRACTION' 
# 
loop_
_refine_ls_shell.pdbx_total_number_of_bins_used 
_refine_ls_shell.d_res_high 
_refine_ls_shell.d_res_low 
_refine_ls_shell.number_reflns_R_work 
_refine_ls_shell.R_factor_R_work 
_refine_ls_shell.percent_reflns_obs 
_refine_ls_shell.R_factor_R_free 
_refine_ls_shell.R_factor_R_free_error 
_refine_ls_shell.percent_reflns_R_free 
_refine_ls_shell.number_reflns_R_free 
_refine_ls_shell.number_reflns_all 
_refine_ls_shell.R_factor_all 
_refine_ls_shell.number_reflns_obs 
_refine_ls_shell.redundancy_reflns_obs 
_refine_ls_shell.pdbx_refine_id 
. 2.600  2.9762  1528 0.3448 100.0 0.3657 . . 123 . . . . 'X-RAY DIFFRACTION' 
. 2.9762 3.7491  1573 0.2970 100.0 0.3478 . . 127 . . . . 'X-RAY DIFFRACTION' 
. 3.7491 37.9140 1673 0.2231 100.0 0.2521 . . 138 . . . . 'X-RAY DIFFRACTION' 
# 
_struct.entry_id                  4LVR 
_struct.title                     'Crystal structure of IFT81 N-terminal domain' 
_struct.pdbx_model_details        ? 
_struct.pdbx_CASP_flag            ? 
_struct.pdbx_model_type_details   ? 
# 
_struct_keywords.entry_id        4LVR 
_struct_keywords.pdbx_keywords   'TRANSPORT PROTEIN' 
_struct_keywords.text            'CH domain, Tubulin/Microtubules, TRANSPORT PROTEIN' 
# 
_struct_asym.id                            A 
_struct_asym.pdbx_blank_PDB_chainid_flag   N 
_struct_asym.pdbx_modified                 N 
_struct_asym.entity_id                     1 
_struct_asym.details                       ? 
# 
_struct_ref.id                         1 
_struct_ref.db_name                    UNP 
_struct_ref.db_code                    Q68RJ5_CHLRE 
_struct_ref.pdbx_db_accession          Q68RJ5 
_struct_ref.entity_id                  1 
_struct_ref.pdbx_seq_one_letter_code   
;MGDVSYIVDSLGLPPFSYQMSLLSFTEKGPQELLQLLSDVFSTISPKHQKVDVAKEVPDQTADRLIGFLKIIKYRPNVQD
PLLFRQLVAAGDRETLYQILRWVVPQAQLLEKRAFVGYYLSFPD
;
_struct_ref.pdbx_align_begin           1 
_struct_ref.pdbx_db_isoform            ? 
# 
_struct_ref_seq.align_id                      1 
_struct_ref_seq.ref_id                        1 
_struct_ref_seq.pdbx_PDB_id_code              4LVR 
_struct_ref_seq.pdbx_strand_id                A 
_struct_ref_seq.seq_align_beg                 1 
_struct_ref_seq.pdbx_seq_align_beg_ins_code   ? 
_struct_ref_seq.seq_align_end                 124 
_struct_ref_seq.pdbx_seq_align_end_ins_code   ? 
_struct_ref_seq.pdbx_db_accession             Q68RJ5 
_struct_ref_seq.db_align_beg                  1 
_struct_ref_seq.pdbx_db_align_beg_ins_code    ? 
_struct_ref_seq.db_align_end                  124 
_struct_ref_seq.pdbx_db_align_end_ins_code    ? 
_struct_ref_seq.pdbx_auth_seq_align_beg       1 
_struct_ref_seq.pdbx_auth_seq_align_end       124 
# 
loop_
_pdbx_struct_assembly.id 
_pdbx_struct_assembly.details 
_pdbx_struct_assembly.method_details 
_pdbx_struct_assembly.oligomeric_details 
_pdbx_struct_assembly.oligomeric_count 
1 author_defined_assembly   ?    monomeric  1 
2 software_defined_assembly PISA tetrameric 4 
# 
loop_
_pdbx_struct_assembly_prop.biol_id 
_pdbx_struct_assembly_prop.type 
_pdbx_struct_assembly_prop.value 
_pdbx_struct_assembly_prop.details 
2 'ABSA (A^2)' 7680  ? 
2 MORE         -37   ? 
2 'SSA (A^2)'  21290 ? 
# 
loop_
_pdbx_struct_assembly_gen.assembly_id 
_pdbx_struct_assembly_gen.oper_expression 
_pdbx_struct_assembly_gen.asym_id_list 
1 1       A 
2 1,2,3,4 A 
# 
loop_
_pdbx_struct_oper_list.id 
_pdbx_struct_oper_list.type 
_pdbx_struct_oper_list.name 
_pdbx_struct_oper_list.symmetry_operation 
_pdbx_struct_oper_list.matrix[1][1] 
_pdbx_struct_oper_list.matrix[1][2] 
_pdbx_struct_oper_list.matrix[1][3] 
_pdbx_struct_oper_list.vector[1] 
_pdbx_struct_oper_list.matrix[2][1] 
_pdbx_struct_oper_list.matrix[2][2] 
_pdbx_struct_oper_list.matrix[2][3] 
_pdbx_struct_oper_list.vector[2] 
_pdbx_struct_oper_list.matrix[3][1] 
_pdbx_struct_oper_list.matrix[3][2] 
_pdbx_struct_oper_list.matrix[3][3] 
_pdbx_struct_oper_list.vector[3] 
1 'identity operation'         1_555  x,y,z            1.0000000000  0.0000000000  0.0000000000  0.0000000000  0.0000000000  1.0000000000  0.0000000000  0.0000000000  0.0000000000  0.0000000000  1.0000000000  0.0000000000  
2 'crystal symmetry operation' 4_665  -x+1,-y+1,z      -0.7428261341 0.6579974844  0.1234854046  0.3011333488  0.6579974844  0.6835329975  0.3159461217  -5.0207316851 0.1234854046  0.3159461217  -0.9407068635 26.1260446306 
3 'crystal symmetry operation' 7_555  y,x,-z+1/3       -0.6523069176 0.0063457954  -0.7579283714 20.0945340277 0.0063457954  -0.9998841820 -0.0138330574 20.5633169309 -0.7579283714 -0.0138330574 0.6521910996  9.3903610770  
4 'crystal symmetry operation' 10_665 -y+1,-x+1,-z+1/3 0.3951330517  -0.6643432798 0.6344429668  0.0645716685  -0.6643432798 -0.6836488155 -0.3021130643 25.2239749798 0.6344429668  -0.3021130643 -0.7114842361 26.2707494134 
# 
_struct_biol.id        1 
_struct_biol.details   ? 
# 
loop_
_struct_conf.conf_type_id 
_struct_conf.id 
_struct_conf.pdbx_PDB_helix_id 
_struct_conf.beg_label_comp_id 
_struct_conf.beg_label_asym_id 
_struct_conf.beg_label_seq_id 
_struct_conf.pdbx_beg_PDB_ins_code 
_struct_conf.end_label_comp_id 
_struct_conf.end_label_asym_id 
_struct_conf.end_label_seq_id 
_struct_conf.pdbx_end_PDB_ins_code 
_struct_conf.beg_auth_comp_id 
_struct_conf.beg_auth_asym_id 
_struct_conf.beg_auth_seq_id 
_struct_conf.end_auth_comp_id 
_struct_conf.end_auth_asym_id 
_struct_conf.end_auth_seq_id 
_struct_conf.pdbx_PDB_helix_class 
_struct_conf.details 
_struct_conf.pdbx_PDB_helix_length 
HELX_P HELX_P1 1 GLY A 2   ? GLY A 12  ? GLY A 2   GLY A 12  1 ? 11 
HELX_P HELX_P2 2 SER A 21  ? GLU A 27  ? SER A 21  GLU A 27  1 ? 7  
HELX_P HELX_P3 3 GLY A 29  ? ILE A 44  ? GLY A 29  ILE A 44  1 ? 16 
HELX_P HELX_P4 4 ASP A 52  ? GLU A 56  ? ASP A 52  GLU A 56  5 ? 5  
HELX_P HELX_P5 5 VAL A 57  ? ILE A 72  ? VAL A 57  ILE A 72  1 ? 16 
HELX_P HELX_P6 6 ASP A 80  ? ALA A 90  ? ASP A 80  ALA A 90  1 ? 11 
HELX_P HELX_P7 7 ASP A 92  ? VAL A 104 ? ASP A 92  VAL A 104 1 ? 13 
HELX_P HELX_P8 8 GLN A 106 ? VAL A 116 ? GLN A 106 VAL A 116 1 ? 11 
# 
_struct_conf_type.id          HELX_P 
_struct_conf_type.criteria    ? 
_struct_conf_type.reference   ? 
# 
loop_
_struct_mon_prot_cis.pdbx_id 
_struct_mon_prot_cis.label_comp_id 
_struct_mon_prot_cis.label_seq_id 
_struct_mon_prot_cis.label_asym_id 
_struct_mon_prot_cis.label_alt_id 
_struct_mon_prot_cis.pdbx_PDB_ins_code 
_struct_mon_prot_cis.auth_comp_id 
_struct_mon_prot_cis.auth_seq_id 
_struct_mon_prot_cis.auth_asym_id 
_struct_mon_prot_cis.pdbx_label_comp_id_2 
_struct_mon_prot_cis.pdbx_label_seq_id_2 
_struct_mon_prot_cis.pdbx_label_asym_id_2 
_struct_mon_prot_cis.pdbx_PDB_ins_code_2 
_struct_mon_prot_cis.pdbx_auth_comp_id_2 
_struct_mon_prot_cis.pdbx_auth_seq_id_2 
_struct_mon_prot_cis.pdbx_auth_asym_id_2 
_struct_mon_prot_cis.pdbx_PDB_model_num 
_struct_mon_prot_cis.pdbx_omega_angle 
1 MET 1  A . ? MET 1  A GLY 2  A ? GLY 2  A 1 1.38 
2 PRO 14 A . ? PRO 14 A PRO 15 A ? PRO 15 A 1 7.44 
# 
_pdbx_validate_close_contact.id               1 
_pdbx_validate_close_contact.PDB_model_num    1 
_pdbx_validate_close_contact.auth_atom_id_1   OG 
_pdbx_validate_close_contact.auth_asym_id_1   A 
_pdbx_validate_close_contact.auth_comp_id_1   SER 
_pdbx_validate_close_contact.auth_seq_id_1    21 
_pdbx_validate_close_contact.PDB_ins_code_1   ? 
_pdbx_validate_close_contact.label_alt_id_1   ? 
_pdbx_validate_close_contact.auth_atom_id_2   OG 
_pdbx_validate_close_contact.auth_asym_id_2   A 
_pdbx_validate_close_contact.auth_comp_id_2   SER 
_pdbx_validate_close_contact.auth_seq_id_2    24 
_pdbx_validate_close_contact.PDB_ins_code_2   ? 
_pdbx_validate_close_contact.label_alt_id_2   ? 
_pdbx_validate_close_contact.dist             2.04 
# 
loop_
_pdbx_validate_torsion.id 
_pdbx_validate_torsion.PDB_model_num 
_pdbx_validate_torsion.auth_comp_id 
_pdbx_validate_torsion.auth_asym_id 
_pdbx_validate_torsion.auth_seq_id 
_pdbx_validate_torsion.PDB_ins_code 
_pdbx_validate_torsion.label_alt_id 
_pdbx_validate_torsion.phi 
_pdbx_validate_torsion.psi 
1 1 PRO A 58  ? ? -51.13 -8.58  
2 1 LYS A 73  ? ? 78.77  48.32  
3 1 ASP A 92  ? ? -39.34 131.67 
4 1 GLN A 106 ? ? 87.84  7.12   
5 1 PRO A 123 ? ? -47.70 153.43 
# 
loop_
_pdbx_refine_tls.pdbx_refine_id 
_pdbx_refine_tls.id 
_pdbx_refine_tls.details 
_pdbx_refine_tls.method 
_pdbx_refine_tls.origin_x 
_pdbx_refine_tls.origin_y 
_pdbx_refine_tls.origin_z 
_pdbx_refine_tls.T[1][1] 
_pdbx_refine_tls.T[2][2] 
_pdbx_refine_tls.T[3][3] 
_pdbx_refine_tls.T[1][2] 
_pdbx_refine_tls.T[1][3] 
_pdbx_refine_tls.T[2][3] 
_pdbx_refine_tls.L[1][1] 
_pdbx_refine_tls.L[2][2] 
_pdbx_refine_tls.L[3][3] 
_pdbx_refine_tls.L[1][2] 
_pdbx_refine_tls.L[1][3] 
_pdbx_refine_tls.L[2][3] 
_pdbx_refine_tls.S[1][1] 
_pdbx_refine_tls.S[2][2] 
_pdbx_refine_tls.S[3][3] 
_pdbx_refine_tls.S[1][2] 
_pdbx_refine_tls.S[1][3] 
_pdbx_refine_tls.S[2][3] 
_pdbx_refine_tls.S[2][1] 
_pdbx_refine_tls.S[3][1] 
_pdbx_refine_tls.S[3][2] 
'X-RAY DIFFRACTION' 1 ? refined -8.0617 6.7464  5.4448  0.8720 0.9160 0.5291  0.1756  -0.0949 0.0131  3.0809 5.3200 8.8013 -2.0534 -0.4127 -2.2824 0.0870  0.5820 -0.3187 0.4118  -0.0782 1.1600  -0.6433 -1.5893 -1.1466 
'X-RAY DIFFRACTION' 2 ? refined 0.6926  3.6817  -6.9537 1.0673 1.2736 -0.3688 -0.3169 -0.4656 -0.3634 2.1262 1.4674 2.2528 -0.1427 0.2924  -1.8058 0.2426  0.0206 -0.0044 1.7567  -0.3065 0.1903  -1.1735 -0.2623 -0.2246 
'X-RAY DIFFRACTION' 3 ? refined 4.5492  -5.7995 -6.8871 0.6314 1.3830 0.8179  -0.1157 -0.0094 -0.5277 2.2631 5.4208 5.2081 3.5037  3.4362  5.3142  -0.1488 0.8000 -0.6394 1.3525  -0.3358 -0.5858 -0.9517 -0.2739 2.0172  
'X-RAY DIFFRACTION' 4 ? refined -1.5484 -6.1165 1.1058  0.5552 0.8515 0.7625  -0.1795 0.0140  -0.3151 3.0367 2.9398 5.4462 0.9554  3.2198  2.5732  -0.5304 0.2663 0.0729  1.1272  -1.3169 0.5166  -0.2948 0.2254  -0.1723 
'X-RAY DIFFRACTION' 5 ? refined 20.8446 6.4806  6.9477  0.9378 1.1414 1.2868  -0.1638 1.0639  -0.6331 3.3817 0.5827 3.1810 0.1670  -3.2534 -0.3370 -0.2546 0.1510 0.1650  -0.4497 -0.1476 -0.1459 -0.0300 0.4250  0.7026 
# 
loop_
_pdbx_refine_tls_group.pdbx_refine_id 
_pdbx_refine_tls_group.id 
_pdbx_refine_tls_group.refine_tls_id 
_pdbx_refine_tls_group.beg_auth_asym_id 
_pdbx_refine_tls_group.beg_auth_seq_id 
_pdbx_refine_tls_group.end_auth_asym_id 
_pdbx_refine_tls_group.end_auth_seq_id 
_pdbx_refine_tls_group.selection_details 
_pdbx_refine_tls_group.beg_label_asym_id 
_pdbx_refine_tls_group.beg_label_seq_id 
_pdbx_refine_tls_group.end_label_asym_id 
_pdbx_refine_tls_group.end_label_seq_id 
_pdbx_refine_tls_group.selection 
'X-RAY DIFFRACTION' 1 1 A 1   A 29  'chain A and  ( resseq 1:29 )'    ? ? ? ? ? 
'X-RAY DIFFRACTION' 2 2 A 30  A 58  'chain A and  ( resseq 30:58 )'   ? ? ? ? ? 
'X-RAY DIFFRACTION' 3 3 A 59  A 71  'chain A and  ( resseq 59:71 )'   ? ? ? ? ? 
'X-RAY DIFFRACTION' 4 4 A 72  A 114 'chain A and  ( resseq 72:114 )'  ? ? ? ? ? 
'X-RAY DIFFRACTION' 5 5 A 115 A 124 'chain A and  ( resseq 115:124 )' ? ? ? ? ? 
# 
loop_
_pdbx_unobs_or_zero_occ_residues.id 
_pdbx_unobs_or_zero_occ_residues.PDB_model_num 
_pdbx_unobs_or_zero_occ_residues.polymer_flag 
_pdbx_unobs_or_zero_occ_residues.occupancy_flag 
_pdbx_unobs_or_zero_occ_residues.auth_asym_id 
_pdbx_unobs_or_zero_occ_residues.auth_comp_id 
_pdbx_unobs_or_zero_occ_residues.auth_seq_id 
_pdbx_unobs_or_zero_occ_residues.PDB_ins_code 
_pdbx_unobs_or_zero_occ_residues.label_asym_id 
_pdbx_unobs_or_zero_occ_residues.label_comp_id 
_pdbx_unobs_or_zero_occ_residues.label_seq_id 
1 1 Y 1 A SER 45 ? A SER 45 
2 1 Y 1 A PRO 46 ? A PRO 46 
3 1 Y 1 A LYS 47 ? A LYS 47 
4 1 Y 1 A HIS 48 ? A HIS 48 
# 
loop_
_chem_comp_atom.comp_id 
_chem_comp_atom.atom_id 
_chem_comp_atom.type_symbol 
_chem_comp_atom.pdbx_aromatic_flag 
_chem_comp_atom.pdbx_stereo_config 
_chem_comp_atom.pdbx_ordinal 
ALA N    N N N 1   
ALA CA   C N S 2   
ALA C    C N N 3   
ALA O    O N N 4   
ALA CB   C N N 5   
ALA OXT  O N N 6   
ALA H    H N N 7   
ALA H2   H N N 8   
ALA HA   H N N 9   
ALA HB1  H N N 10  
ALA HB2  H N N 11  
ALA HB3  H N N 12  
ALA HXT  H N N 13  
ARG N    N N N 14  
ARG CA   C N S 15  
ARG C    C N N 16  
ARG O    O N N 17  
ARG CB   C N N 18  
ARG CG   C N N 19  
ARG CD   C N N 20  
ARG NE   N N N 21  
ARG CZ   C N N 22  
ARG NH1  N N N 23  
ARG NH2  N N N 24  
ARG OXT  O N N 25  
ARG H    H N N 26  
ARG H2   H N N 27  
ARG HA   H N N 28  
ARG HB2  H N N 29  
ARG HB3  H N N 30  
ARG HG2  H N N 31  
ARG HG3  H N N 32  
ARG HD2  H N N 33  
ARG HD3  H N N 34  
ARG HE   H N N 35  
ARG HH11 H N N 36  
ARG HH12 H N N 37  
ARG HH21 H N N 38  
ARG HH22 H N N 39  
ARG HXT  H N N 40  
ASN N    N N N 41  
ASN CA   C N S 42  
ASN C    C N N 43  
ASN O    O N N 44  
ASN CB   C N N 45  
ASN CG   C N N 46  
ASN OD1  O N N 47  
ASN ND2  N N N 48  
ASN OXT  O N N 49  
ASN H    H N N 50  
ASN H2   H N N 51  
ASN HA   H N N 52  
ASN HB2  H N N 53  
ASN HB3  H N N 54  
ASN HD21 H N N 55  
ASN HD22 H N N 56  
ASN HXT  H N N 57  
ASP N    N N N 58  
ASP CA   C N S 59  
ASP C    C N N 60  
ASP O    O N N 61  
ASP CB   C N N 62  
ASP CG   C N N 63  
ASP OD1  O N N 64  
ASP OD2  O N N 65  
ASP OXT  O N N 66  
ASP H    H N N 67  
ASP H2   H N N 68  
ASP HA   H N N 69  
ASP HB2  H N N 70  
ASP HB3  H N N 71  
ASP HD2  H N N 72  
ASP HXT  H N N 73  
GLN N    N N N 74  
GLN CA   C N S 75  
GLN C    C N N 76  
GLN O    O N N 77  
GLN CB   C N N 78  
GLN CG   C N N 79  
GLN CD   C N N 80  
GLN OE1  O N N 81  
GLN NE2  N N N 82  
GLN OXT  O N N 83  
GLN H    H N N 84  
GLN H2   H N N 85  
GLN HA   H N N 86  
GLN HB2  H N N 87  
GLN HB3  H N N 88  
GLN HG2  H N N 89  
GLN HG3  H N N 90  
GLN HE21 H N N 91  
GLN HE22 H N N 92  
GLN HXT  H N N 93  
GLU N    N N N 94  
GLU CA   C N S 95  
GLU C    C N N 96  
GLU O    O N N 97  
GLU CB   C N N 98  
GLU CG   C N N 99  
GLU CD   C N N 100 
GLU OE1  O N N 101 
GLU OE2  O N N 102 
GLU OXT  O N N 103 
GLU H    H N N 104 
GLU H2   H N N 105 
GLU HA   H N N 106 
GLU HB2  H N N 107 
GLU HB3  H N N 108 
GLU HG2  H N N 109 
GLU HG3  H N N 110 
GLU HE2  H N N 111 
GLU HXT  H N N 112 
GLY N    N N N 113 
GLY CA   C N N 114 
GLY C    C N N 115 
GLY O    O N N 116 
GLY OXT  O N N 117 
GLY H    H N N 118 
GLY H2   H N N 119 
GLY HA2  H N N 120 
GLY HA3  H N N 121 
GLY HXT  H N N 122 
HIS N    N N N 123 
HIS CA   C N S 124 
HIS C    C N N 125 
HIS O    O N N 126 
HIS CB   C N N 127 
HIS CG   C Y N 128 
HIS ND1  N Y N 129 
HIS CD2  C Y N 130 
HIS CE1  C Y N 131 
HIS NE2  N Y N 132 
HIS OXT  O N N 133 
HIS H    H N N 134 
HIS H2   H N N 135 
HIS HA   H N N 136 
HIS HB2  H N N 137 
HIS HB3  H N N 138 
HIS HD1  H N N 139 
HIS HD2  H N N 140 
HIS HE1  H N N 141 
HIS HE2  H N N 142 
HIS HXT  H N N 143 
ILE N    N N N 144 
ILE CA   C N S 145 
ILE C    C N N 146 
ILE O    O N N 147 
ILE CB   C N S 148 
ILE CG1  C N N 149 
ILE CG2  C N N 150 
ILE CD1  C N N 151 
ILE OXT  O N N 152 
ILE H    H N N 153 
ILE H2   H N N 154 
ILE HA   H N N 155 
ILE HB   H N N 156 
ILE HG12 H N N 157 
ILE HG13 H N N 158 
ILE HG21 H N N 159 
ILE HG22 H N N 160 
ILE HG23 H N N 161 
ILE HD11 H N N 162 
ILE HD12 H N N 163 
ILE HD13 H N N 164 
ILE HXT  H N N 165 
LEU N    N N N 166 
LEU CA   C N S 167 
LEU C    C N N 168 
LEU O    O N N 169 
LEU CB   C N N 170 
LEU CG   C N N 171 
LEU CD1  C N N 172 
LEU CD2  C N N 173 
LEU OXT  O N N 174 
LEU H    H N N 175 
LEU H2   H N N 176 
LEU HA   H N N 177 
LEU HB2  H N N 178 
LEU HB3  H N N 179 
LEU HG   H N N 180 
LEU HD11 H N N 181 
LEU HD12 H N N 182 
LEU HD13 H N N 183 
LEU HD21 H N N 184 
LEU HD22 H N N 185 
LEU HD23 H N N 186 
LEU HXT  H N N 187 
LYS N    N N N 188 
LYS CA   C N S 189 
LYS C    C N N 190 
LYS O    O N N 191 
LYS CB   C N N 192 
LYS CG   C N N 193 
LYS CD   C N N 194 
LYS CE   C N N 195 
LYS NZ   N N N 196 
LYS OXT  O N N 197 
LYS H    H N N 198 
LYS H2   H N N 199 
LYS HA   H N N 200 
LYS HB2  H N N 201 
LYS HB3  H N N 202 
LYS HG2  H N N 203 
LYS HG3  H N N 204 
LYS HD2  H N N 205 
LYS HD3  H N N 206 
LYS HE2  H N N 207 
LYS HE3  H N N 208 
LYS HZ1  H N N 209 
LYS HZ2  H N N 210 
LYS HZ3  H N N 211 
LYS HXT  H N N 212 
MET N    N N N 213 
MET CA   C N S 214 
MET C    C N N 215 
MET O    O N N 216 
MET CB   C N N 217 
MET CG   C N N 218 
MET SD   S N N 219 
MET CE   C N N 220 
MET OXT  O N N 221 
MET H    H N N 222 
MET H2   H N N 223 
MET HA   H N N 224 
MET HB2  H N N 225 
MET HB3  H N N 226 
MET HG2  H N N 227 
MET HG3  H N N 228 
MET HE1  H N N 229 
MET HE2  H N N 230 
MET HE3  H N N 231 
MET HXT  H N N 232 
PHE N    N N N 233 
PHE CA   C N S 234 
PHE C    C N N 235 
PHE O    O N N 236 
PHE CB   C N N 237 
PHE CG   C Y N 238 
PHE CD1  C Y N 239 
PHE CD2  C Y N 240 
PHE CE1  C Y N 241 
PHE CE2  C Y N 242 
PHE CZ   C Y N 243 
PHE OXT  O N N 244 
PHE H    H N N 245 
PHE H2   H N N 246 
PHE HA   H N N 247 
PHE HB2  H N N 248 
PHE HB3  H N N 249 
PHE HD1  H N N 250 
PHE HD2  H N N 251 
PHE HE1  H N N 252 
PHE HE2  H N N 253 
PHE HZ   H N N 254 
PHE HXT  H N N 255 
PRO N    N N N 256 
PRO CA   C N S 257 
PRO C    C N N 258 
PRO O    O N N 259 
PRO CB   C N N 260 
PRO CG   C N N 261 
PRO CD   C N N 262 
PRO OXT  O N N 263 
PRO H    H N N 264 
PRO HA   H N N 265 
PRO HB2  H N N 266 
PRO HB3  H N N 267 
PRO HG2  H N N 268 
PRO HG3  H N N 269 
PRO HD2  H N N 270 
PRO HD3  H N N 271 
PRO HXT  H N N 272 
SER N    N N N 273 
SER CA   C N S 274 
SER C    C N N 275 
SER O    O N N 276 
SER CB   C N N 277 
SER OG   O N N 278 
SER OXT  O N N 279 
SER H    H N N 280 
SER H2   H N N 281 
SER HA   H N N 282 
SER HB2  H N N 283 
SER HB3  H N N 284 
SER HG   H N N 285 
SER HXT  H N N 286 
THR N    N N N 287 
THR CA   C N S 288 
THR C    C N N 289 
THR O    O N N 290 
THR CB   C N R 291 
THR OG1  O N N 292 
THR CG2  C N N 293 
THR OXT  O N N 294 
THR H    H N N 295 
THR H2   H N N 296 
THR HA   H N N 297 
THR HB   H N N 298 
THR HG1  H N N 299 
THR HG21 H N N 300 
THR HG22 H N N 301 
THR HG23 H N N 302 
THR HXT  H N N 303 
TRP N    N N N 304 
TRP CA   C N S 305 
TRP C    C N N 306 
TRP O    O N N 307 
TRP CB   C N N 308 
TRP CG   C Y N 309 
TRP CD1  C Y N 310 
TRP CD2  C Y N 311 
TRP NE1  N Y N 312 
TRP CE2  C Y N 313 
TRP CE3  C Y N 314 
TRP CZ2  C Y N 315 
TRP CZ3  C Y N 316 
TRP CH2  C Y N 317 
TRP OXT  O N N 318 
TRP H    H N N 319 
TRP H2   H N N 320 
TRP HA   H N N 321 
TRP HB2  H N N 322 
TRP HB3  H N N 323 
TRP HD1  H N N 324 
TRP HE1  H N N 325 
TRP HE3  H N N 326 
TRP HZ2  H N N 327 
TRP HZ3  H N N 328 
TRP HH2  H N N 329 
TRP HXT  H N N 330 
TYR N    N N N 331 
TYR CA   C N S 332 
TYR C    C N N 333 
TYR O    O N N 334 
TYR CB   C N N 335 
TYR CG   C Y N 336 
TYR CD1  C Y N 337 
TYR CD2  C Y N 338 
TYR CE1  C Y N 339 
TYR CE2  C Y N 340 
TYR CZ   C Y N 341 
TYR OH   O N N 342 
TYR OXT  O N N 343 
TYR H    H N N 344 
TYR H2   H N N 345 
TYR HA   H N N 346 
TYR HB2  H N N 347 
TYR HB3  H N N 348 
TYR HD1  H N N 349 
TYR HD2  H N N 350 
TYR HE1  H N N 351 
TYR HE2  H N N 352 
TYR HH   H N N 353 
TYR HXT  H N N 354 
VAL N    N N N 355 
VAL CA   C N S 356 
VAL C    C N N 357 
VAL O    O N N 358 
VAL CB   C N N 359 
VAL CG1  C N N 360 
VAL CG2  C N N 361 
VAL OXT  O N N 362 
VAL H    H N N 363 
VAL H2   H N N 364 
VAL HA   H N N 365 
VAL HB   H N N 366 
VAL HG11 H N N 367 
VAL HG12 H N N 368 
VAL HG13 H N N 369 
VAL HG21 H N N 370 
VAL HG22 H N N 371 
VAL HG23 H N N 372 
VAL HXT  H N N 373 
# 
loop_
_chem_comp_bond.comp_id 
_chem_comp_bond.atom_id_1 
_chem_comp_bond.atom_id_2 
_chem_comp_bond.value_order 
_chem_comp_bond.pdbx_aromatic_flag 
_chem_comp_bond.pdbx_stereo_config 
_chem_comp_bond.pdbx_ordinal 
ALA N   CA   sing N N 1   
ALA N   H    sing N N 2   
ALA N   H2   sing N N 3   
ALA CA  C    sing N N 4   
ALA CA  CB   sing N N 5   
ALA CA  HA   sing N N 6   
ALA C   O    doub N N 7   
ALA C   OXT  sing N N 8   
ALA CB  HB1  sing N N 9   
ALA CB  HB2  sing N N 10  
ALA CB  HB3  sing N N 11  
ALA OXT HXT  sing N N 12  
ARG N   CA   sing N N 13  
ARG N   H    sing N N 14  
ARG N   H2   sing N N 15  
ARG CA  C    sing N N 16  
ARG CA  CB   sing N N 17  
ARG CA  HA   sing N N 18  
ARG C   O    doub N N 19  
ARG C   OXT  sing N N 20  
ARG CB  CG   sing N N 21  
ARG CB  HB2  sing N N 22  
ARG CB  HB3  sing N N 23  
ARG CG  CD   sing N N 24  
ARG CG  HG2  sing N N 25  
ARG CG  HG3  sing N N 26  
ARG CD  NE   sing N N 27  
ARG CD  HD2  sing N N 28  
ARG CD  HD3  sing N N 29  
ARG NE  CZ   sing N N 30  
ARG NE  HE   sing N N 31  
ARG CZ  NH1  sing N N 32  
ARG CZ  NH2  doub N N 33  
ARG NH1 HH11 sing N N 34  
ARG NH1 HH12 sing N N 35  
ARG NH2 HH21 sing N N 36  
ARG NH2 HH22 sing N N 37  
ARG OXT HXT  sing N N 38  
ASN N   CA   sing N N 39  
ASN N   H    sing N N 40  
ASN N   H2   sing N N 41  
ASN CA  C    sing N N 42  
ASN CA  CB   sing N N 43  
ASN CA  HA   sing N N 44  
ASN C   O    doub N N 45  
ASN C   OXT  sing N N 46  
ASN CB  CG   sing N N 47  
ASN CB  HB2  sing N N 48  
ASN CB  HB3  sing N N 49  
ASN CG  OD1  doub N N 50  
ASN CG  ND2  sing N N 51  
ASN ND2 HD21 sing N N 52  
ASN ND2 HD22 sing N N 53  
ASN OXT HXT  sing N N 54  
ASP N   CA   sing N N 55  
ASP N   H    sing N N 56  
ASP N   H2   sing N N 57  
ASP CA  C    sing N N 58  
ASP CA  CB   sing N N 59  
ASP CA  HA   sing N N 60  
ASP C   O    doub N N 61  
ASP C   OXT  sing N N 62  
ASP CB  CG   sing N N 63  
ASP CB  HB2  sing N N 64  
ASP CB  HB3  sing N N 65  
ASP CG  OD1  doub N N 66  
ASP CG  OD2  sing N N 67  
ASP OD2 HD2  sing N N 68  
ASP OXT HXT  sing N N 69  
GLN N   CA   sing N N 70  
GLN N   H    sing N N 71  
GLN N   H2   sing N N 72  
GLN CA  C    sing N N 73  
GLN CA  CB   sing N N 74  
GLN CA  HA   sing N N 75  
GLN C   O    doub N N 76  
GLN C   OXT  sing N N 77  
GLN CB  CG   sing N N 78  
GLN CB  HB2  sing N N 79  
GLN CB  HB3  sing N N 80  
GLN CG  CD   sing N N 81  
GLN CG  HG2  sing N N 82  
GLN CG  HG3  sing N N 83  
GLN CD  OE1  doub N N 84  
GLN CD  NE2  sing N N 85  
GLN NE2 HE21 sing N N 86  
GLN NE2 HE22 sing N N 87  
GLN OXT HXT  sing N N 88  
GLU N   CA   sing N N 89  
GLU N   H    sing N N 90  
GLU N   H2   sing N N 91  
GLU CA  C    sing N N 92  
GLU CA  CB   sing N N 93  
GLU CA  HA   sing N N 94  
GLU C   O    doub N N 95  
GLU C   OXT  sing N N 96  
GLU CB  CG   sing N N 97  
GLU CB  HB2  sing N N 98  
GLU CB  HB3  sing N N 99  
GLU CG  CD   sing N N 100 
GLU CG  HG2  sing N N 101 
GLU CG  HG3  sing N N 102 
GLU CD  OE1  doub N N 103 
GLU CD  OE2  sing N N 104 
GLU OE2 HE2  sing N N 105 
GLU OXT HXT  sing N N 106 
GLY N   CA   sing N N 107 
GLY N   H    sing N N 108 
GLY N   H2   sing N N 109 
GLY CA  C    sing N N 110 
GLY CA  HA2  sing N N 111 
GLY CA  HA3  sing N N 112 
GLY C   O    doub N N 113 
GLY C   OXT  sing N N 114 
GLY OXT HXT  sing N N 115 
HIS N   CA   sing N N 116 
HIS N   H    sing N N 117 
HIS N   H2   sing N N 118 
HIS CA  C    sing N N 119 
HIS CA  CB   sing N N 120 
HIS CA  HA   sing N N 121 
HIS C   O    doub N N 122 
HIS C   OXT  sing N N 123 
HIS CB  CG   sing N N 124 
HIS CB  HB2  sing N N 125 
HIS CB  HB3  sing N N 126 
HIS CG  ND1  sing Y N 127 
HIS CG  CD2  doub Y N 128 
HIS ND1 CE1  doub Y N 129 
HIS ND1 HD1  sing N N 130 
HIS CD2 NE2  sing Y N 131 
HIS CD2 HD2  sing N N 132 
HIS CE1 NE2  sing Y N 133 
HIS CE1 HE1  sing N N 134 
HIS NE2 HE2  sing N N 135 
HIS OXT HXT  sing N N 136 
ILE N   CA   sing N N 137 
ILE N   H    sing N N 138 
ILE N   H2   sing N N 139 
ILE CA  C    sing N N 140 
ILE CA  CB   sing N N 141 
ILE CA  HA   sing N N 142 
ILE C   O    doub N N 143 
ILE C   OXT  sing N N 144 
ILE CB  CG1  sing N N 145 
ILE CB  CG2  sing N N 146 
ILE CB  HB   sing N N 147 
ILE CG1 CD1  sing N N 148 
ILE CG1 HG12 sing N N 149 
ILE CG1 HG13 sing N N 150 
ILE CG2 HG21 sing N N 151 
ILE CG2 HG22 sing N N 152 
ILE CG2 HG23 sing N N 153 
ILE CD1 HD11 sing N N 154 
ILE CD1 HD12 sing N N 155 
ILE CD1 HD13 sing N N 156 
ILE OXT HXT  sing N N 157 
LEU N   CA   sing N N 158 
LEU N   H    sing N N 159 
LEU N   H2   sing N N 160 
LEU CA  C    sing N N 161 
LEU CA  CB   sing N N 162 
LEU CA  HA   sing N N 163 
LEU C   O    doub N N 164 
LEU C   OXT  sing N N 165 
LEU CB  CG   sing N N 166 
LEU CB  HB2  sing N N 167 
LEU CB  HB3  sing N N 168 
LEU CG  CD1  sing N N 169 
LEU CG  CD2  sing N N 170 
LEU CG  HG   sing N N 171 
LEU CD1 HD11 sing N N 172 
LEU CD1 HD12 sing N N 173 
LEU CD1 HD13 sing N N 174 
LEU CD2 HD21 sing N N 175 
LEU CD2 HD22 sing N N 176 
LEU CD2 HD23 sing N N 177 
LEU OXT HXT  sing N N 178 
LYS N   CA   sing N N 179 
LYS N   H    sing N N 180 
LYS N   H2   sing N N 181 
LYS CA  C    sing N N 182 
LYS CA  CB   sing N N 183 
LYS CA  HA   sing N N 184 
LYS C   O    doub N N 185 
LYS C   OXT  sing N N 186 
LYS CB  CG   sing N N 187 
LYS CB  HB2  sing N N 188 
LYS CB  HB3  sing N N 189 
LYS CG  CD   sing N N 190 
LYS CG  HG2  sing N N 191 
LYS CG  HG3  sing N N 192 
LYS CD  CE   sing N N 193 
LYS CD  HD2  sing N N 194 
LYS CD  HD3  sing N N 195 
LYS CE  NZ   sing N N 196 
LYS CE  HE2  sing N N 197 
LYS CE  HE3  sing N N 198 
LYS NZ  HZ1  sing N N 199 
LYS NZ  HZ2  sing N N 200 
LYS NZ  HZ3  sing N N 201 
LYS OXT HXT  sing N N 202 
MET N   CA   sing N N 203 
MET N   H    sing N N 204 
MET N   H2   sing N N 205 
MET CA  C    sing N N 206 
MET CA  CB   sing N N 207 
MET CA  HA   sing N N 208 
MET C   O    doub N N 209 
MET C   OXT  sing N N 210 
MET CB  CG   sing N N 211 
MET CB  HB2  sing N N 212 
MET CB  HB3  sing N N 213 
MET CG  SD   sing N N 214 
MET CG  HG2  sing N N 215 
MET CG  HG3  sing N N 216 
MET SD  CE   sing N N 217 
MET CE  HE1  sing N N 218 
MET CE  HE2  sing N N 219 
MET CE  HE3  sing N N 220 
MET OXT HXT  sing N N 221 
PHE N   CA   sing N N 222 
PHE N   H    sing N N 223 
PHE N   H2   sing N N 224 
PHE CA  C    sing N N 225 
PHE CA  CB   sing N N 226 
PHE CA  HA   sing N N 227 
PHE C   O    doub N N 228 
PHE C   OXT  sing N N 229 
PHE CB  CG   sing N N 230 
PHE CB  HB2  sing N N 231 
PHE CB  HB3  sing N N 232 
PHE CG  CD1  doub Y N 233 
PHE CG  CD2  sing Y N 234 
PHE CD1 CE1  sing Y N 235 
PHE CD1 HD1  sing N N 236 
PHE CD2 CE2  doub Y N 237 
PHE CD2 HD2  sing N N 238 
PHE CE1 CZ   doub Y N 239 
PHE CE1 HE1  sing N N 240 
PHE CE2 CZ   sing Y N 241 
PHE CE2 HE2  sing N N 242 
PHE CZ  HZ   sing N N 243 
PHE OXT HXT  sing N N 244 
PRO N   CA   sing N N 245 
PRO N   CD   sing N N 246 
PRO N   H    sing N N 247 
PRO CA  C    sing N N 248 
PRO CA  CB   sing N N 249 
PRO CA  HA   sing N N 250 
PRO C   O    doub N N 251 
PRO C   OXT  sing N N 252 
PRO CB  CG   sing N N 253 
PRO CB  HB2  sing N N 254 
PRO CB  HB3  sing N N 255 
PRO CG  CD   sing N N 256 
PRO CG  HG2  sing N N 257 
PRO CG  HG3  sing N N 258 
PRO CD  HD2  sing N N 259 
PRO CD  HD3  sing N N 260 
PRO OXT HXT  sing N N 261 
SER N   CA   sing N N 262 
SER N   H    sing N N 263 
SER N   H2   sing N N 264 
SER CA  C    sing N N 265 
SER CA  CB   sing N N 266 
SER CA  HA   sing N N 267 
SER C   O    doub N N 268 
SER C   OXT  sing N N 269 
SER CB  OG   sing N N 270 
SER CB  HB2  sing N N 271 
SER CB  HB3  sing N N 272 
SER OG  HG   sing N N 273 
SER OXT HXT  sing N N 274 
THR N   CA   sing N N 275 
THR N   H    sing N N 276 
THR N   H2   sing N N 277 
THR CA  C    sing N N 278 
THR CA  CB   sing N N 279 
THR CA  HA   sing N N 280 
THR C   O    doub N N 281 
THR C   OXT  sing N N 282 
THR CB  OG1  sing N N 283 
THR CB  CG2  sing N N 284 
THR CB  HB   sing N N 285 
THR OG1 HG1  sing N N 286 
THR CG2 HG21 sing N N 287 
THR CG2 HG22 sing N N 288 
THR CG2 HG23 sing N N 289 
THR OXT HXT  sing N N 290 
TRP N   CA   sing N N 291 
TRP N   H    sing N N 292 
TRP N   H2   sing N N 293 
TRP CA  C    sing N N 294 
TRP CA  CB   sing N N 295 
TRP CA  HA   sing N N 296 
TRP C   O    doub N N 297 
TRP C   OXT  sing N N 298 
TRP CB  CG   sing N N 299 
TRP CB  HB2  sing N N 300 
TRP CB  HB3  sing N N 301 
TRP CG  CD1  doub Y N 302 
TRP CG  CD2  sing Y N 303 
TRP CD1 NE1  sing Y N 304 
TRP CD1 HD1  sing N N 305 
TRP CD2 CE2  doub Y N 306 
TRP CD2 CE3  sing Y N 307 
TRP NE1 CE2  sing Y N 308 
TRP NE1 HE1  sing N N 309 
TRP CE2 CZ2  sing Y N 310 
TRP CE3 CZ3  doub Y N 311 
TRP CE3 HE3  sing N N 312 
TRP CZ2 CH2  doub Y N 313 
TRP CZ2 HZ2  sing N N 314 
TRP CZ3 CH2  sing Y N 315 
TRP CZ3 HZ3  sing N N 316 
TRP CH2 HH2  sing N N 317 
TRP OXT HXT  sing N N 318 
TYR N   CA   sing N N 319 
TYR N   H    sing N N 320 
TYR N   H2   sing N N 321 
TYR CA  C    sing N N 322 
TYR CA  CB   sing N N 323 
TYR CA  HA   sing N N 324 
TYR C   O    doub N N 325 
TYR C   OXT  sing N N 326 
TYR CB  CG   sing N N 327 
TYR CB  HB2  sing N N 328 
TYR CB  HB3  sing N N 329 
TYR CG  CD1  doub Y N 330 
TYR CG  CD2  sing Y N 331 
TYR CD1 CE1  sing Y N 332 
TYR CD1 HD1  sing N N 333 
TYR CD2 CE2  doub Y N 334 
TYR CD2 HD2  sing N N 335 
TYR CE1 CZ   doub Y N 336 
TYR CE1 HE1  sing N N 337 
TYR CE2 CZ   sing Y N 338 
TYR CE2 HE2  sing N N 339 
TYR CZ  OH   sing N N 340 
TYR OH  HH   sing N N 341 
TYR OXT HXT  sing N N 342 
VAL N   CA   sing N N 343 
VAL N   H    sing N N 344 
VAL N   H2   sing N N 345 
VAL CA  C    sing N N 346 
VAL CA  CB   sing N N 347 
VAL CA  HA   sing N N 348 
VAL C   O    doub N N 349 
VAL C   OXT  sing N N 350 
VAL CB  CG1  sing N N 351 
VAL CB  CG2  sing N N 352 
VAL CB  HB   sing N N 353 
VAL CG1 HG11 sing N N 354 
VAL CG1 HG12 sing N N 355 
VAL CG1 HG13 sing N N 356 
VAL CG2 HG21 sing N N 357 
VAL CG2 HG22 sing N N 358 
VAL CG2 HG23 sing N N 359 
VAL OXT HXT  sing N N 360 
# 
_atom_sites.entry_id                    4LVR 
_atom_sites.fract_transf_matrix[1][1]   -0.01197763 
_atom_sites.fract_transf_matrix[1][2]   0.00295737 
_atom_sites.fract_transf_matrix[1][3]   0.00918645 
_atom_sites.fract_transf_matrix[2][1]   0.00086929 
_atom_sites.fract_transf_matrix[2][2]   -0.00316018 
_atom_sites.fract_transf_matrix[2][3]   0.01502876 
_atom_sites.fract_transf_matrix[3][1]   0.00384229 
_atom_sites.fract_transf_matrix[3][2]   0.00983078 
_atom_sites.fract_transf_matrix[3][3]   0.00184493 
_atom_sites.fract_transf_vector[1]      0.389232 
_atom_sites.fract_transf_vector[2]      0.295626 
_atom_sites.fract_transf_vector[3]      0.018328 
# 
loop_
_atom_type.symbol 
C 
N 
O 
S 
# 
loop_
_atom_site.group_PDB 
_atom_site.id 
_atom_site.type_symbol 
_atom_site.label_atom_id 
_atom_site.label_alt_id 
_atom_site.label_comp_id 
_atom_site.label_asym_id 
_atom_site.label_entity_id 
_atom_site.label_seq_id 
_atom_site.pdbx_PDB_ins_code 
_atom_site.Cartn_x 
_atom_site.Cartn_y 
_atom_site.Cartn_z 
_atom_site.occupancy 
_atom_site.B_iso_or_equiv 
_atom_site.pdbx_formal_charge 
_atom_site.auth_seq_id 
_atom_site.auth_comp_id 
_atom_site.auth_asym_id 
_atom_site.auth_atom_id 
_atom_site.pdbx_PDB_model_num 
ATOM 1   N N   . MET A 1 1   ? -15.630 -2.195  5.419   1.00 108.98 ? 1   MET A N   1 
ATOM 2   C CA  . MET A 1 1   ? -15.752 -1.290  6.559   1.00 113.48 ? 1   MET A CA  1 
ATOM 3   C C   . MET A 1 1   ? -16.030 -2.067  7.851   1.00 117.72 ? 1   MET A C   1 
ATOM 4   O O   . MET A 1 1   ? -16.680 -3.110  7.842   1.00 122.31 ? 1   MET A O   1 
ATOM 5   C CB  . MET A 1 1   ? -16.850 -0.266  6.333   1.00 105.45 ? 1   MET A CB  1 
ATOM 6   C CG  . MET A 1 1   ? -16.878 0.226   4.907   1.00 123.84 ? 1   MET A CG  1 
ATOM 7   S SD  . MET A 1 1   ? -17.821 1.741   4.694   1.00 259.62 ? 1   MET A SD  1 
ATOM 8   C CE  . MET A 1 1   ? -17.326 2.647   6.159   1.00 96.73  ? 1   MET A CE  1 
ATOM 9   N N   . GLY A 1 2   ? -15.425 -1.586  8.933   1.00 105.89 ? 2   GLY A N   1 
ATOM 10  C CA  . GLY A 1 2   ? -14.609 -0.400  8.830   1.00 104.37 ? 2   GLY A CA  1 
ATOM 11  C C   . GLY A 1 2   ? -13.172 -0.836  8.943   1.00 118.15 ? 2   GLY A C   1 
ATOM 12  O O   . GLY A 1 2   ? -12.434 -0.534  9.879   1.00 106.45 ? 2   GLY A O   1 
ATOM 13  N N   . ASP A 1 3   ? -12.801 -1.572  7.905   1.00 122.08 ? 3   ASP A N   1 
ATOM 14  C CA  . ASP A 1 3   ? -11.447 -1.636  7.425   1.00 120.24 ? 3   ASP A CA  1 
ATOM 15  C C   . ASP A 1 3   ? -11.130 -0.246  6.946   1.00 102.35 ? 3   ASP A C   1 
ATOM 16  O O   . ASP A 1 3   ? -10.019 0.227   7.124   1.00 81.21  ? 3   ASP A O   1 
ATOM 17  C CB  . ASP A 1 3   ? -11.315 -2.614  6.262   1.00 135.11 ? 3   ASP A CB  1 
ATOM 18  C CG  . ASP A 1 3   ? -10.835 -3.972  6.717   1.00 134.98 ? 3   ASP A CG  1 
ATOM 19  O OD1 . ASP A 1 3   ? -10.762 -4.180  7.947   1.00 136.05 ? 3   ASP A OD1 1 
ATOM 20  O OD2 . ASP A 1 3   ? -10.486 -4.805  5.848   1.00 134.61 ? 3   ASP A OD2 1 
ATOM 21  N N   . VAL A 1 4   ? -12.071 0.348   6.213   1.00 113.56 ? 4   VAL A N   1 
ATOM 22  C CA  . VAL A 1 4   ? -11.921 1.725   5.750   1.00 105.72 ? 4   VAL A CA  1 
ATOM 23  C C   . VAL A 1 4   ? -11.530 2.730   6.843   1.00 103.88 ? 4   VAL A C   1 
ATOM 24  O O   . VAL A 1 4   ? -10.573 3.491   6.668   1.00 99.06  ? 4   VAL A O   1 
ATOM 25  C CB  . VAL A 1 4   ? -13.175 2.212   5.037   1.00 107.81 ? 4   VAL A CB  1 
ATOM 26  C CG1 . VAL A 1 4   ? -13.075 3.701   4.793   1.00 96.42  ? 4   VAL A CG1 1 
ATOM 27  C CG2 . VAL A 1 4   ? -13.296 1.481   3.719   1.00 125.50 ? 4   VAL A CG2 1 
ATOM 28  N N   . SER A 1 5   ? -12.272 2.764   7.949   1.00 91.92  ? 5   SER A N   1 
ATOM 29  C CA  . SER A 1 5   ? -11.962 3.734   9.002   1.00 80.43  ? 5   SER A CA  1 
ATOM 30  C C   . SER A 1 5   ? -10.600 3.511   9.660   1.00 90.62  ? 5   SER A C   1 
ATOM 31  O O   . SER A 1 5   ? -9.921  4.445   10.089  1.00 94.32  ? 5   SER A O   1 
ATOM 32  C CB  . SER A 1 5   ? -13.068 3.763   10.052  1.00 85.56  ? 5   SER A CB  1 
ATOM 33  O OG  . SER A 1 5   ? -12.977 2.611   10.873  1.00 107.17 ? 5   SER A OG  1 
ATOM 34  N N   . TYR A 1 6   ? -10.196 2.254   9.663   1.00 76.98  ? 6   TYR A N   1 
ATOM 35  C CA  . TYR A 1 6   ? -8.901  1.846   10.163  1.00 73.48  ? 6   TYR A CA  1 
ATOM 36  C C   . TYR A 1 6   ? -7.831  2.367   9.226   1.00 75.03  ? 6   TYR A C   1 
ATOM 37  O O   . TYR A 1 6   ? -6.825  2.932   9.652   1.00 78.57  ? 6   TYR A O   1 
ATOM 38  C CB  . TYR A 1 6   ? -8.884  0.319   10.273  1.00 70.94  ? 6   TYR A CB  1 
ATOM 39  C CG  . TYR A 1 6   ? -8.076  -0.217  11.416  1.00 61.20  ? 6   TYR A CG  1 
ATOM 40  C CD1 . TYR A 1 6   ? -8.715  -0.738  12.531  1.00 71.73  ? 6   TYR A CD1 1 
ATOM 41  C CD2 . TYR A 1 6   ? -6.681  -0.291  11.350  1.00 77.93  ? 6   TYR A CD2 1 
ATOM 42  C CE1 . TYR A 1 6   ? -8.002  -1.251  13.581  1.00 95.30  ? 6   TYR A CE1 1 
ATOM 43  C CE2 . TYR A 1 6   ? -5.941  -0.818  12.409  1.00 72.26  ? 6   TYR A CE2 1 
ATOM 44  C CZ  . TYR A 1 6   ? -6.618  -1.295  13.519  1.00 97.45  ? 6   TYR A CZ  1 
ATOM 45  O OH  . TYR A 1 6   ? -5.913  -1.815  14.575  1.00 111.01 ? 6   TYR A OH  1 
ATOM 46  N N   . ILE A 1 7   ? -8.017  2.107   7.940   1.00 78.72  ? 7   ILE A N   1 
ATOM 47  C CA  . ILE A 1 7   ? -7.081  2.605   6.951   1.00 76.25  ? 7   ILE A CA  1 
ATOM 48  C C   . ILE A 1 7   ? -7.011  4.135   6.991   1.00 67.48  ? 7   ILE A C   1 
ATOM 49  O O   . ILE A 1 7   ? -5.932  4.700   7.183   1.00 77.87  ? 7   ILE A O   1 
ATOM 50  C CB  . ILE A 1 7   ? -7.471  2.206   5.528   1.00 78.77  ? 7   ILE A CB  1 
ATOM 51  C CG1 . ILE A 1 7   ? -7.411  0.684   5.357   1.00 83.91  ? 7   ILE A CG1 1 
ATOM 52  C CG2 . ILE A 1 7   ? -6.574  2.941   4.518   1.00 58.11  ? 7   ILE A CG2 1 
ATOM 53  C CD1 . ILE A 1 7   ? -8.093  0.176   4.067   1.00 80.64  ? 7   ILE A CD1 1 
ATOM 54  N N   . VAL A 1 8   ? -8.172  4.792   6.977   1.00 81.92  ? 8   VAL A N   1 
ATOM 55  C CA  . VAL A 1 8   ? -8.229  6.270   6.956   1.00 92.61  ? 8   VAL A CA  1 
ATOM 56  C C   . VAL A 1 8   ? -7.608  6.920   8.200   1.00 91.32  ? 8   VAL A C   1 
ATOM 57  O O   . VAL A 1 8   ? -6.921  7.940   8.098   1.00 92.79  ? 8   VAL A O   1 
ATOM 58  C CB  . VAL A 1 8   ? -9.680  6.790   6.727   1.00 85.28  ? 8   VAL A CB  1 
ATOM 59  C CG1 . VAL A 1 8   ? -9.797  8.234   7.157   1.00 80.23  ? 8   VAL A CG1 1 
ATOM 60  C CG2 . VAL A 1 8   ? -10.057 6.657   5.258   1.00 81.18  ? 8   VAL A CG2 1 
ATOM 61  N N   . ASP A 1 9   ? -7.906  6.366   9.366   1.00 72.31  ? 9   ASP A N   1 
ATOM 62  C CA  . ASP A 1 9   ? -7.298  6.815   10.606  1.00 74.52  ? 9   ASP A CA  1 
ATOM 63  C C   . ASP A 1 9   ? -5.760  6.683   10.554  1.00 75.65  ? 9   ASP A C   1 
ATOM 64  O O   . ASP A 1 9   ? -5.025  7.530   11.071  1.00 72.80  ? 9   ASP A O   1 
ATOM 65  C CB  . ASP A 1 9   ? -7.887  6.083   11.821  1.00 75.68  ? 9   ASP A CB  1 
ATOM 66  C CG  . ASP A 1 9   ? -9.265  6.611   12.218  1.00 74.39  ? 9   ASP A CG  1 
ATOM 67  O OD1 . ASP A 1 9   ? -9.854  6.090   13.199  1.00 86.74  ? 9   ASP A OD1 1 
ATOM 68  O OD2 . ASP A 1 9   ? -9.748  7.575   11.578  1.00 73.36  ? 9   ASP A OD2 1 
ATOM 69  N N   . SER A 1 10  ? -5.281  5.592   9.965   1.00 73.25  ? 10  SER A N   1 
ATOM 70  C CA  . SER A 1 10  ? -3.836  5.350   9.884   1.00 68.35  ? 10  SER A CA  1 
ATOM 71  C C   . SER A 1 10  ? -3.115  6.331   8.948   1.00 73.76  ? 10  SER A C   1 
ATOM 72  O O   . SER A 1 10  ? -1.940  6.656   9.154   1.00 85.67  ? 10  SER A O   1 
ATOM 73  C CB  . SER A 1 10  ? -3.553  3.894   9.493   1.00 80.46  ? 10  SER A CB  1 
ATOM 74  O OG  . SER A 1 10  ? -4.045  2.992   10.474  1.00 73.78  ? 10  SER A OG  1 
ATOM 75  N N   . LEU A 1 11  ? -3.812  6.777   7.908   1.00 77.04  ? 11  LEU A N   1 
ATOM 76  C CA  . LEU A 1 11  ? -3.270  7.789   6.997   1.00 87.96  ? 11  LEU A CA  1 
ATOM 77  C C   . LEU A 1 11  ? -3.169  9.185   7.607   1.00 82.02  ? 11  LEU A C   1 
ATOM 78  O O   . LEU A 1 11  ? -2.435  10.032  7.101   1.00 93.43  ? 11  LEU A O   1 
ATOM 79  C CB  . LEU A 1 11  ? -4.108  7.840   5.708   1.00 82.41  ? 11  LEU A CB  1 
ATOM 80  C CG  . LEU A 1 11  ? -4.162  6.564   4.864   1.00 93.84  ? 11  LEU A CG  1 
ATOM 81  C CD1 . LEU A 1 11  ? -5.239  6.619   3.774   1.00 100.00 ? 11  LEU A CD1 1 
ATOM 82  C CD2 . LEU A 1 11  ? -2.762  6.222   4.290   1.00 58.21  ? 11  LEU A CD2 1 
ATOM 83  N N   . GLY A 1 12  ? -3.889  9.423   8.699   1.00 75.20  ? 12  GLY A N   1 
ATOM 84  C CA  . GLY A 1 12  ? -3.879  10.730  9.335   1.00 74.58  ? 12  GLY A CA  1 
ATOM 85  C C   . GLY A 1 12  ? -2.774  10.864  10.355  1.00 87.29  ? 12  GLY A C   1 
ATOM 86  O O   . GLY A 1 12  ? -2.549  11.945  10.906  1.00 123.61 ? 12  GLY A O   1 
ATOM 87  N N   . LEU A 1 13  ? -2.091  9.748   10.597  1.00 75.34  ? 13  LEU A N   1 
ATOM 88  C CA  . LEU A 1 13  ? -0.907  9.708   11.449  1.00 67.22  ? 13  LEU A CA  1 
ATOM 89  C C   . LEU A 1 13  ? 0.327   9.712   10.552  1.00 56.78  ? 13  LEU A C   1 
ATOM 90  O O   . LEU A 1 13  ? 0.216   9.387   9.376   1.00 69.34  ? 13  LEU A O   1 
ATOM 91  C CB  . LEU A 1 13  ? -0.919  8.436   12.295  1.00 61.48  ? 13  LEU A CB  1 
ATOM 92  C CG  . LEU A 1 13  ? -1.531  8.465   13.688  1.00 85.17  ? 13  LEU A CG  1 
ATOM 93  C CD1 . LEU A 1 13  ? -2.320  9.744   13.871  1.00 100.78 ? 13  LEU A CD1 1 
ATOM 94  C CD2 . LEU A 1 13  ? -2.459  7.290   13.784  1.00 76.19  ? 13  LEU A CD2 1 
ATOM 95  N N   . PRO A 1 14  ? 1.511   9.947   11.142  1.00 83.48  ? 14  PRO A N   1 
ATOM 96  C CA  . PRO A 1 14  ? 2.797   9.747   10.459  1.00 68.79  ? 14  PRO A CA  1 
ATOM 97  C C   . PRO A 1 14  ? 3.049   8.315   10.027  1.00 75.15  ? 14  PRO A C   1 
ATOM 98  O O   . PRO A 1 14  ? 2.654   7.391   10.736  1.00 76.10  ? 14  PRO A O   1 
ATOM 99  C CB  . PRO A 1 14  ? 3.827   10.143  11.517  1.00 67.82  ? 14  PRO A CB  1 
ATOM 100 C CG  . PRO A 1 14  ? 3.087   11.198  12.327  1.00 75.02  ? 14  PRO A CG  1 
ATOM 101 C CD  . PRO A 1 14  ? 1.683   10.640  12.430  1.00 84.70  ? 14  PRO A CD  1 
ATOM 102 N N   . PRO A 1 15  ? 3.752   8.130   8.899   1.00 76.60  ? 15  PRO A N   1 
ATOM 103 C CA  . PRO A 1 15  ? 4.445   9.143   8.094   1.00 84.73  ? 15  PRO A CA  1 
ATOM 104 C C   . PRO A 1 15  ? 3.606   9.814   6.994   1.00 86.83  ? 15  PRO A C   1 
ATOM 105 O O   . PRO A 1 15  ? 4.199   10.468  6.135   1.00 90.30  ? 15  PRO A O   1 
ATOM 106 C CB  . PRO A 1 15  ? 5.547   8.316   7.410   1.00 84.48  ? 15  PRO A CB  1 
ATOM 107 C CG  . PRO A 1 15  ? 4.986   6.953   7.317   1.00 60.13  ? 15  PRO A CG  1 
ATOM 108 C CD  . PRO A 1 15  ? 4.152   6.763   8.541   1.00 68.19  ? 15  PRO A CD  1 
ATOM 109 N N   . PHE A 1 16  ? 2.280   9.721   7.036   1.00 71.03  ? 16  PHE A N   1 
ATOM 110 C CA  . PHE A 1 16  ? 1.470   10.369  6.005   1.00 67.91  ? 16  PHE A CA  1 
ATOM 111 C C   . PHE A 1 16  ? 0.894   11.692  6.490   1.00 88.45  ? 16  PHE A C   1 
ATOM 112 O O   . PHE A 1 16  ? 1.000   12.710  5.802   1.00 116.02 ? 16  PHE A O   1 
ATOM 113 C CB  . PHE A 1 16  ? 0.343   9.443   5.545   1.00 70.92  ? 16  PHE A CB  1 
ATOM 114 C CG  . PHE A 1 16  ? 0.781   8.017   5.305   1.00 92.97  ? 16  PHE A CG  1 
ATOM 115 C CD1 . PHE A 1 16  ? 1.409   7.659   4.120   1.00 94.48  ? 16  PHE A CD1 1 
ATOM 116 C CD2 . PHE A 1 16  ? 0.520   7.027   6.247   1.00 98.41  ? 16  PHE A CD2 1 
ATOM 117 C CE1 . PHE A 1 16  ? 1.806   6.361   3.897   1.00 90.77  ? 16  PHE A CE1 1 
ATOM 118 C CE2 . PHE A 1 16  ? 0.900   5.724   6.022   1.00 85.28  ? 16  PHE A CE2 1 
ATOM 119 C CZ  . PHE A 1 16  ? 1.545   5.389   4.848   1.00 81.88  ? 16  PHE A CZ  1 
ATOM 120 N N   . SER A 1 17  ? 0.312   11.685  7.683   1.00 72.56  ? 17  SER A N   1 
ATOM 121 C CA  . SER A 1 17  ? -0.322  12.872  8.235   1.00 71.00  ? 17  SER A CA  1 
ATOM 122 C C   . SER A 1 17  ? -1.205  13.608  7.209   1.00 88.34  ? 17  SER A C   1 
ATOM 123 O O   . SER A 1 17  ? -1.084  14.829  7.038   1.00 83.85  ? 17  SER A O   1 
ATOM 124 C CB  . SER A 1 17  ? 0.762   13.784  8.810   1.00 66.19  ? 17  SER A CB  1 
ATOM 125 O OG  . SER A 1 17  ? 1.219   13.275  10.064  1.00 92.26  ? 17  SER A OG  1 
ATOM 126 N N   . TYR A 1 18  ? -2.145  12.869  6.611   1.00 80.42  ? 18  TYR A N   1 
ATOM 127 C CA  . TYR A 1 18  ? -3.038  13.370  5.563   1.00 79.25  ? 18  TYR A CA  1 
ATOM 128 C C   . TYR A 1 18  ? -4.486  13.066  5.925   1.00 97.38  ? 18  TYR A C   1 
ATOM 129 O O   . TYR A 1 18  ? -4.813  11.931  6.274   1.00 106.96 ? 18  TYR A O   1 
ATOM 130 C CB  . TYR A 1 18  ? -2.695  12.699  4.223   1.00 87.42  ? 18  TYR A CB  1 
ATOM 131 C CG  . TYR A 1 18  ? -3.495  13.180  3.025   1.00 100.44 ? 18  TYR A CG  1 
ATOM 132 C CD1 . TYR A 1 18  ? -3.123  14.345  2.346   1.00 93.11  ? 18  TYR A CD1 1 
ATOM 133 C CD2 . TYR A 1 18  ? -4.627  12.492  2.578   1.00 108.15 ? 18  TYR A CD2 1 
ATOM 134 C CE1 . TYR A 1 18  ? -3.835  14.801  1.248   1.00 89.61  ? 18  TYR A CE1 1 
ATOM 135 C CE2 . TYR A 1 18  ? -5.349  12.947  1.472   1.00 107.44 ? 18  TYR A CE2 1 
ATOM 136 C CZ  . TYR A 1 18  ? -4.947  14.106  0.821   1.00 113.82 ? 18  TYR A CZ  1 
ATOM 137 O OH  . TYR A 1 18  ? -5.641  14.584  -0.272  1.00 144.57 ? 18  TYR A OH  1 
ATOM 138 N N   . GLN A 1 19  ? -5.343  14.081  5.888   1.00 112.78 ? 19  GLN A N   1 
ATOM 139 C CA  . GLN A 1 19  ? -6.746  13.891  6.244   1.00 116.32 ? 19  GLN A CA  1 
ATOM 140 C C   . GLN A 1 19  ? -7.658  13.507  5.079   1.00 112.99 ? 19  GLN A C   1 
ATOM 141 O O   . GLN A 1 19  ? -7.946  14.312  4.199   1.00 106.53 ? 19  GLN A O   1 
ATOM 142 C CB  . GLN A 1 19  ? -7.328  15.111  6.958   1.00 103.20 ? 19  GLN A CB  1 
ATOM 143 C CG  . GLN A 1 19  ? -7.300  14.966  8.474   1.00 111.94 ? 19  GLN A CG  1 
ATOM 144 C CD  . GLN A 1 19  ? -5.932  14.559  8.998   1.00 123.13 ? 19  GLN A CD  1 
ATOM 145 O OE1 . GLN A 1 19  ? -4.902  14.940  8.436   1.00 135.40 ? 19  GLN A OE1 1 
ATOM 146 N NE2 . GLN A 1 19  ? -5.914  13.773  10.074  1.00 109.30 ? 19  GLN A NE2 1 
ATOM 147 N N   . MET A 1 20  ? -8.101  12.257  5.086   1.00 117.56 ? 20  MET A N   1 
ATOM 148 C CA  . MET A 1 20  ? -8.983  11.740  4.064   1.00 113.07 ? 20  MET A CA  1 
ATOM 149 C C   . MET A 1 20  ? -10.323 11.415  4.707   1.00 124.07 ? 20  MET A C   1 
ATOM 150 O O   . MET A 1 20  ? -10.356 10.953  5.851   1.00 121.19 ? 20  MET A O   1 
ATOM 151 C CB  . MET A 1 20  ? -8.394  10.481  3.464   1.00 103.71 ? 20  MET A CB  1 
ATOM 152 C CG  . MET A 1 20  ? -9.011  10.064  2.172   1.00 120.13 ? 20  MET A CG  1 
ATOM 153 S SD  . MET A 1 20  ? -8.081  8.632   1.657   1.00 150.85 ? 20  MET A SD  1 
ATOM 154 C CE  . MET A 1 20  ? -6.622  9.426   0.995   1.00 75.27  ? 20  MET A CE  1 
ATOM 155 N N   . SER A 1 21  ? -11.430 11.676  4.017   1.00 132.29 ? 21  SER A N   1 
ATOM 156 C CA  . SER A 1 21  ? -12.724 11.435  4.651   1.00 138.27 ? 21  SER A CA  1 
ATOM 157 C C   . SER A 1 21  ? -13.184 10.002  4.387   1.00 128.72 ? 21  SER A C   1 
ATOM 158 O O   . SER A 1 21  ? -12.890 9.428   3.338   1.00 123.54 ? 21  SER A O   1 
ATOM 159 C CB  . SER A 1 21  ? -13.800 12.416  4.159   1.00 136.31 ? 21  SER A CB  1 
ATOM 160 O OG  . SER A 1 21  ? -13.418 13.081  2.971   1.00 116.30 ? 21  SER A OG  1 
ATOM 161 N N   . LEU A 1 22  ? -13.950 9.450   5.320   1.00 123.33 ? 22  LEU A N   1 
ATOM 162 C CA  . LEU A 1 22  ? -14.464 8.096   5.167   1.00 122.78 ? 22  LEU A CA  1 
ATOM 163 C C   . LEU A 1 22  ? -15.124 7.946   3.796   1.00 143.19 ? 22  LEU A C   1 
ATOM 164 O O   . LEU A 1 22  ? -14.996 6.913   3.142   1.00 160.49 ? 22  LEU A O   1 
ATOM 165 C CB  . LEU A 1 22  ? -15.432 7.744   6.297   1.00 107.46 ? 22  LEU A CB  1 
ATOM 166 N N   . LEU A 1 23  ? -15.832 8.989   3.366   1.00 130.46 ? 23  LEU A N   1 
ATOM 167 C CA  . LEU A 1 23  ? -16.498 8.968   2.067   1.00 134.23 ? 23  LEU A CA  1 
ATOM 168 C C   . LEU A 1 23  ? -15.505 9.051   0.901   1.00 141.17 ? 23  LEU A C   1 
ATOM 169 O O   . LEU A 1 23  ? -15.552 8.234   -0.025  1.00 148.02 ? 23  LEU A O   1 
ATOM 170 C CB  . LEU A 1 23  ? -17.520 10.109  1.964   1.00 137.67 ? 23  LEU A CB  1 
ATOM 171 N N   . SER A 1 24  ? -14.600 10.029  0.959   1.00 139.19 ? 24  SER A N   1 
ATOM 172 C CA  . SER A 1 24  ? -13.613 10.279  -0.103  1.00 131.55 ? 24  SER A CA  1 
ATOM 173 C C   . SER A 1 24  ? -12.796 9.044   -0.441  1.00 130.27 ? 24  SER A C   1 
ATOM 174 O O   . SER A 1 24  ? -12.415 8.827   -1.593  1.00 122.13 ? 24  SER A O   1 
ATOM 175 C CB  . SER A 1 24  ? -12.648 11.377  0.336   1.00 126.79 ? 24  SER A CB  1 
ATOM 176 O OG  . SER A 1 24  ? -13.337 12.373  1.064   1.00 131.01 ? 24  SER A OG  1 
ATOM 177 N N   . PHE A 1 25  ? -12.497 8.261   0.588   1.00 130.26 ? 25  PHE A N   1 
ATOM 178 C CA  . PHE A 1 25  ? -11.768 7.018   0.424   1.00 119.50 ? 25  PHE A CA  1 
ATOM 179 C C   . PHE A 1 25  ? -12.548 5.983   -0.372  1.00 113.48 ? 25  PHE A C   1 
ATOM 180 O O   . PHE A 1 25  ? -12.048 5.436   -1.361  1.00 108.43 ? 25  PHE A O   1 
ATOM 181 C CB  . PHE A 1 25  ? -11.348 6.473   1.789   1.00 117.70 ? 25  PHE A CB  1 
ATOM 182 C CG  . PHE A 1 25  ? -10.629 5.162   1.721   1.00 114.35 ? 25  PHE A CG  1 
ATOM 183 C CD1 . PHE A 1 25  ? -9.295  5.114   1.366   1.00 97.37  ? 25  PHE A CD1 1 
ATOM 184 C CD2 . PHE A 1 25  ? -11.284 3.977   2.005   1.00 123.72 ? 25  PHE A CD2 1 
ATOM 185 C CE1 . PHE A 1 25  ? -8.631  3.917   1.304   1.00 92.06  ? 25  PHE A CE1 1 
ATOM 186 C CE2 . PHE A 1 25  ? -10.619 2.770   1.946   1.00 111.68 ? 25  PHE A CE2 1 
ATOM 187 C CZ  . PHE A 1 25  ? -9.291  2.740   1.594   1.00 101.77 ? 25  PHE A CZ  1 
ATOM 188 N N   . THR A 1 26  ? -13.777 5.726   0.070   1.00 116.91 ? 26  THR A N   1 
ATOM 189 C CA  . THR A 1 26  ? -14.633 4.729   -0.561  1.00 121.39 ? 26  THR A CA  1 
ATOM 190 C C   . THR A 1 26  ? -15.043 5.103   -1.975  1.00 118.27 ? 26  THR A C   1 
ATOM 191 O O   . THR A 1 26  ? -15.500 4.247   -2.735  1.00 114.43 ? 26  THR A O   1 
ATOM 192 C CB  . THR A 1 26  ? -15.918 4.457   0.260   1.00 126.35 ? 26  THR A CB  1 
ATOM 193 O OG1 . THR A 1 26  ? -16.780 5.605   0.201   1.00 134.33 ? 26  THR A OG1 1 
ATOM 194 C CG2 . THR A 1 26  ? -15.590 4.125   1.712   1.00 124.54 ? 26  THR A CG2 1 
ATOM 195 N N   . GLU A 1 27  ? -14.837 6.368   -2.342  1.00 130.06 ? 27  GLU A N   1 
ATOM 196 C CA  . GLU A 1 27  ? -15.174 6.846   -3.684  1.00 125.54 ? 27  GLU A CA  1 
ATOM 197 C C   . GLU A 1 27  ? -14.022 6.601   -4.649  1.00 126.08 ? 27  GLU A C   1 
ATOM 198 O O   . GLU A 1 27  ? -14.100 6.943   -5.822  1.00 139.71 ? 27  GLU A O   1 
ATOM 199 C CB  . GLU A 1 27  ? -15.607 8.321   -3.687  1.00 134.64 ? 27  GLU A CB  1 
ATOM 200 C CG  . GLU A 1 27  ? -17.130 8.563   -3.698  1.00 148.56 ? 27  GLU A CG  1 
ATOM 201 C CD  . GLU A 1 27  ? -17.737 8.749   -2.304  1.00 151.28 ? 27  GLU A CD  1 
ATOM 202 O OE1 . GLU A 1 27  ? -17.355 9.712   -1.600  1.00 138.44 ? 27  GLU A OE1 1 
ATOM 203 O OE2 . GLU A 1 27  ? -18.602 7.928   -1.922  1.00 159.12 ? 27  GLU A OE2 1 
ATOM 204 N N   . LYS A 1 28  ? -12.943 6.019   -4.132  1.00 127.84 ? 28  LYS A N   1 
ATOM 205 C CA  . LYS A 1 28  ? -11.771 5.758   -4.942  1.00 121.55 ? 28  LYS A CA  1 
ATOM 206 C C   . LYS A 1 28  ? -11.993 4.460   -5.707  1.00 131.54 ? 28  LYS A C   1 
ATOM 207 O O   . LYS A 1 28  ? -12.376 3.447   -5.122  1.00 132.35 ? 28  LYS A O   1 
ATOM 208 C CB  . LYS A 1 28  ? -10.520 5.667   -4.069  1.00 112.46 ? 28  LYS A CB  1 
ATOM 209 N N   . GLY A 1 29  ? -11.726 4.480   -7.010  1.00 133.56 ? 29  GLY A N   1 
ATOM 210 C CA  . GLY A 1 29  ? -11.833 3.285   -7.815  1.00 122.48 ? 29  GLY A CA  1 
ATOM 211 C C   . GLY A 1 29  ? -10.537 2.512   -7.867  1.00 123.38 ? 29  GLY A C   1 
ATOM 212 O O   . GLY A 1 29  ? -9.607  2.789   -7.113  1.00 125.41 ? 29  GLY A O   1 
ATOM 213 N N   . PRO A 1 30  ? -10.465 1.522   -8.765  1.00 137.39 ? 30  PRO A N   1 
ATOM 214 C CA  . PRO A 1 30  ? -9.336  0.587   -8.817  1.00 137.44 ? 30  PRO A CA  1 
ATOM 215 C C   . PRO A 1 30  ? -7.988  1.288   -9.004  1.00 123.57 ? 30  PRO A C   1 
ATOM 216 O O   . PRO A 1 30  ? -7.023  0.925   -8.344  1.00 128.26 ? 30  PRO A O   1 
ATOM 217 C CB  . PRO A 1 30  ? -9.643  -0.267  -10.053 1.00 140.99 ? 30  PRO A CB  1 
ATOM 218 C CG  . PRO A 1 30  ? -11.121 -0.162  -10.231 1.00 131.35 ? 30  PRO A CG  1 
ATOM 219 C CD  . PRO A 1 30  ? -11.476 1.225   -9.792  1.00 138.37 ? 30  PRO A CD  1 
ATOM 220 N N   . GLN A 1 31  ? -7.931  2.293   -9.872  1.00 123.41 ? 31  GLN A N   1 
ATOM 221 C CA  . GLN A 1 31  ? -6.658  2.911   -10.220 1.00 119.42 ? 31  GLN A CA  1 
ATOM 222 C C   . GLN A 1 31  ? -6.147  3.901   -9.185  1.00 125.00 ? 31  GLN A C   1 
ATOM 223 O O   . GLN A 1 31  ? -4.940  3.997   -8.941  1.00 123.75 ? 31  GLN A O   1 
ATOM 224 C CB  . GLN A 1 31  ? -6.691  3.527   -11.619 1.00 127.67 ? 31  GLN A CB  1 
ATOM 225 C CG  . GLN A 1 31  ? -7.058  2.539   -12.720 1.00 145.44 ? 31  GLN A CG  1 
ATOM 226 C CD  . GLN A 1 31  ? -5.982  1.479   -12.932 1.00 138.46 ? 31  GLN A CD  1 
ATOM 227 O OE1 . GLN A 1 31  ? -4.786  1.787   -12.959 1.00 130.95 ? 31  GLN A OE1 1 
ATOM 228 N NE2 . GLN A 1 31  ? -6.405  0.224   -13.082 1.00 123.19 ? 31  GLN A NE2 1 
ATOM 229 N N   . GLU A 1 32  ? -7.062  4.653   -8.582  1.00 134.30 ? 32  GLU A N   1 
ATOM 230 C CA  . GLU A 1 32  ? -6.725  5.526   -7.454  1.00 124.11 ? 32  GLU A CA  1 
ATOM 231 C C   . GLU A 1 32  ? -6.170  4.711   -6.288  1.00 115.57 ? 32  GLU A C   1 
ATOM 232 O O   . GLU A 1 32  ? -5.241  5.142   -5.601  1.00 117.33 ? 32  GLU A O   1 
ATOM 233 C CB  . GLU A 1 32  ? -7.970  6.292   -6.996  1.00 119.97 ? 32  GLU A CB  1 
ATOM 234 C CG  . GLU A 1 32  ? -8.742  6.970   -8.123  1.00 138.72 ? 32  GLU A CG  1 
ATOM 235 C CD  . GLU A 1 32  ? -9.846  7.881   -7.618  1.00 139.25 ? 32  GLU A CD  1 
ATOM 236 O OE1 . GLU A 1 32  ? -9.642  8.555   -6.585  1.00 140.08 ? 32  GLU A OE1 1 
ATOM 237 O OE2 . GLU A 1 32  ? -10.925 7.915   -8.260  1.00 126.51 ? 32  GLU A OE2 1 
ATOM 238 N N   . LEU A 1 33  ? -6.726  3.519   -6.090  1.00 102.80 ? 33  LEU A N   1 
ATOM 239 C CA  . LEU A 1 33  ? -6.285  2.630   -5.020  1.00 89.61  ? 33  LEU A CA  1 
ATOM 240 C C   . LEU A 1 33  ? -4.898  2.044   -5.262  1.00 91.62  ? 33  LEU A C   1 
ATOM 241 O O   . LEU A 1 33  ? -4.057  2.006   -4.354  1.00 99.49  ? 33  LEU A O   1 
ATOM 242 C CB  . LEU A 1 33  ? -7.326  1.532   -4.765  1.00 90.27  ? 33  LEU A CB  1 
ATOM 243 C CG  . LEU A 1 33  ? -8.671  1.986   -4.178  1.00 100.19 ? 33  LEU A CG  1 
ATOM 244 C CD1 . LEU A 1 33  ? -9.745  0.917   -4.329  1.00 111.60 ? 33  LEU A CD1 1 
ATOM 245 C CD2 . LEU A 1 33  ? -8.525  2.385   -2.702  1.00 88.50  ? 33  LEU A CD2 1 
ATOM 246 N N   . LEU A 1 34  ? -4.656  1.569   -6.477  1.00 92.99  ? 34  LEU A N   1 
ATOM 247 C CA  . LEU A 1 34  ? -3.315  1.108   -6.830  1.00 96.88  ? 34  LEU A CA  1 
ATOM 248 C C   . LEU A 1 34  ? -2.297  2.225   -6.664  1.00 94.12  ? 34  LEU A C   1 
ATOM 249 O O   . LEU A 1 34  ? -1.169  2.000   -6.217  1.00 86.49  ? 34  LEU A O   1 
ATOM 250 C CB  . LEU A 1 34  ? -3.321  0.627   -8.271  1.00 96.36  ? 34  LEU A CB  1 
ATOM 251 C CG  . LEU A 1 34  ? -4.150  -0.649  -8.383  1.00 112.20 ? 34  LEU A CG  1 
ATOM 252 C CD1 . LEU A 1 34  ? -4.442  -1.033  -9.833  1.00 116.39 ? 34  LEU A CD1 1 
ATOM 253 C CD2 . LEU A 1 34  ? -3.468  -1.788  -7.615  1.00 90.00  ? 34  LEU A CD2 1 
ATOM 254 N N   . GLN A 1 35  ? -2.756  3.452   -6.891  1.00 95.01  ? 35  GLN A N   1 
ATOM 255 C CA  . GLN A 1 35  ? -1.895  4.607   -6.716  1.00 100.90 ? 35  GLN A CA  1 
ATOM 256 C C   . GLN A 1 35  ? -1.640  4.769   -5.247  1.00 100.99 ? 35  GLN A C   1 
ATOM 257 O O   . GLN A 1 35  ? -0.509  4.983   -4.828  1.00 90.71  ? 35  GLN A O   1 
ATOM 258 C CB  . GLN A 1 35  ? -2.547  5.863   -7.303  1.00 99.87  ? 35  GLN A CB  1 
ATOM 259 C CG  . GLN A 1 35  ? -1.651  7.083   -7.285  1.00 83.12  ? 35  GLN A CG  1 
ATOM 260 C CD  . GLN A 1 35  ? -0.411  6.885   -8.113  1.00 101.04 ? 35  GLN A CD  1 
ATOM 261 O OE1 . GLN A 1 35  ? -0.487  6.615   -9.311  1.00 104.22 ? 35  GLN A OE1 1 
ATOM 262 N NE2 . GLN A 1 35  ? 0.750   6.963   -7.460  1.00 90.78  ? 35  GLN A NE2 1 
ATOM 263 N N   . LEU A 1 36  ? -2.708  4.683   -4.467  1.00 105.77 ? 36  LEU A N   1 
ATOM 264 C CA  . LEU A 1 36  ? -2.587  4.836   -3.033  1.00 102.88 ? 36  LEU A CA  1 
ATOM 265 C C   . LEU A 1 36  ? -1.634  3.813   -2.422  1.00 96.90  ? 36  LEU A C   1 
ATOM 266 O O   . LEU A 1 36  ? -0.748  4.172   -1.655  1.00 84.38  ? 36  LEU A O   1 
ATOM 267 C CB  . LEU A 1 36  ? -3.948  4.766   -2.374  1.00 100.76 ? 36  LEU A CB  1 
ATOM 268 C CG  . LEU A 1 36  ? -3.878  4.842   -0.857  1.00 97.64  ? 36  LEU A CG  1 
ATOM 269 C CD1 . LEU A 1 36  ? -3.242  6.152   -0.434  1.00 107.75 ? 36  LEU A CD1 1 
ATOM 270 C CD2 . LEU A 1 36  ? -5.270  4.680   -0.267  1.00 95.58  ? 36  LEU A CD2 1 
ATOM 271 N N   . LEU A 1 37  ? -1.784  2.548   -2.805  1.00 94.31  ? 37  LEU A N   1 
ATOM 272 C CA  . LEU A 1 37  ? -0.846  1.514   -2.361  1.00 77.56  ? 37  LEU A CA  1 
ATOM 273 C C   . LEU A 1 37  ? 0.573   1.846   -2.781  1.00 78.24  ? 37  LEU A C   1 
ATOM 274 O O   . LEU A 1 37  ? 1.520   1.745   -1.990  1.00 74.44  ? 37  LEU A O   1 
ATOM 275 C CB  . LEU A 1 37  ? -1.214  0.150   -2.936  1.00 93.07  ? 37  LEU A CB  1 
ATOM 276 C CG  . LEU A 1 37  ? -0.546  -1.007  -2.199  1.00 85.75  ? 37  LEU A CG  1 
ATOM 277 C CD1 . LEU A 1 37  ? -0.612  -0.823  -0.684  1.00 70.54  ? 37  LEU A CD1 1 
ATOM 278 C CD2 . LEU A 1 37  ? -1.144  -2.333  -2.627  1.00 96.83  ? 37  LEU A CD2 1 
ATOM 279 N N   . SER A 1 38  ? 0.700   2.290   -4.027  1.00 92.60  ? 38  SER A N   1 
ATOM 280 C CA  . SER A 1 38  ? 1.980   2.656   -4.584  1.00 98.16  ? 38  SER A CA  1 
ATOM 281 C C   . SER A 1 38  ? 2.613   3.811   -3.794  1.00 91.87  ? 38  SER A C   1 
ATOM 282 O O   . SER A 1 38  ? 3.801   3.780   -3.442  1.00 74.54  ? 38  SER A O   1 
ATOM 283 C CB  . SER A 1 38  ? 1.788   3.068   -6.039  1.00 80.48  ? 38  SER A CB  1 
ATOM 284 O OG  . SER A 1 38  ? 3.051   3.229   -6.653  1.00 106.32 ? 38  SER A OG  1 
ATOM 285 N N   . ASP A 1 39  ? 1.792   4.803   -3.465  1.00 79.74  ? 39  ASP A N   1 
ATOM 286 C CA  . ASP A 1 39  ? 2.252   5.986   -2.755  1.00 85.66  ? 39  ASP A CA  1 
ATOM 287 C C   . ASP A 1 39  ? 2.596   5.705   -1.301  1.00 92.93  ? 39  ASP A C   1 
ATOM 288 O O   . ASP A 1 39  ? 3.623   6.169   -0.808  1.00 91.02  ? 39  ASP A O   1 
ATOM 289 C CB  . ASP A 1 39  ? 1.236   7.137   -2.914  1.00 79.75  ? 39  ASP A CB  1 
ATOM 290 C CG  . ASP A 1 39  ? 1.156   7.681   -4.362  1.00 89.86  ? 39  ASP A CG  1 
ATOM 291 O OD1 . ASP A 1 39  ? 2.093   7.457   -5.188  1.00 81.51  ? 39  ASP A OD1 1 
ATOM 292 O OD2 . ASP A 1 39  ? 0.120   8.329   -4.660  1.00 84.62  ? 39  ASP A OD2 1 
ATOM 293 N N   . VAL A 1 40  ? 1.756   4.912   -0.631  1.00 87.17  ? 40  VAL A N   1 
ATOM 294 C CA  . VAL A 1 40  ? 2.074   4.338   0.692   1.00 69.22  ? 40  VAL A CA  1 
ATOM 295 C C   . VAL A 1 40  ? 3.440   3.660   0.719   1.00 63.13  ? 40  VAL A C   1 
ATOM 296 O O   . VAL A 1 40  ? 4.265   3.938   1.599   1.00 72.22  ? 40  VAL A O   1 
ATOM 297 C CB  . VAL A 1 40  ? 0.977   3.310   1.158   1.00 68.90  ? 40  VAL A CB  1 
ATOM 298 C CG1 . VAL A 1 40  ? 1.409   2.468   2.373   1.00 55.88  ? 40  VAL A CG1 1 
ATOM 299 C CG2 . VAL A 1 40  ? -0.354  4.024   1.394   1.00 70.58  ? 40  VAL A CG2 1 
ATOM 300 N N   . PHE A 1 41  ? 3.691   2.763   -0.227  1.00 67.61  ? 41  PHE A N   1 
ATOM 301 C CA  . PHE A 1 41  ? 5.005   2.144   -0.300  1.00 86.00  ? 41  PHE A CA  1 
ATOM 302 C C   . PHE A 1 41  ? 6.145   3.141   -0.534  1.00 83.01  ? 41  PHE A C   1 
ATOM 303 O O   . PHE A 1 41  ? 7.251   2.962   -0.018  1.00 76.94  ? 41  PHE A O   1 
ATOM 304 C CB  . PHE A 1 41  ? 5.047   1.060   -1.372  1.00 87.68  ? 41  PHE A CB  1 
ATOM 305 C CG  . PHE A 1 41  ? 4.553   -0.264  -0.909  1.00 87.74  ? 41  PHE A CG  1 
ATOM 306 C CD1 . PHE A 1 41  ? 5.180   -0.912  0.146   1.00 101.82 ? 41  PHE A CD1 1 
ATOM 307 C CD2 . PHE A 1 41  ? 3.513   -0.897  -1.575  1.00 86.78  ? 41  PHE A CD2 1 
ATOM 308 C CE1 . PHE A 1 41  ? 4.744   -2.151  0.582   1.00 110.52 ? 41  PHE A CE1 1 
ATOM 309 C CE2 . PHE A 1 41  ? 3.070   -2.152  -1.165  1.00 95.81  ? 41  PHE A CE2 1 
ATOM 310 C CZ  . PHE A 1 41  ? 3.681   -2.782  -0.081  1.00 112.57 ? 41  PHE A CZ  1 
ATOM 311 N N   . SER A 1 42  ? 5.865   4.225   -1.254  1.00 85.49  ? 42  SER A N   1 
ATOM 312 C CA  . SER A 1 42  ? 6.912   5.187   -1.552  1.00 97.98  ? 42  SER A CA  1 
ATOM 313 C C   . SER A 1 42  ? 7.261   6.036   -0.323  1.00 84.19  ? 42  SER A C   1 
ATOM 314 O O   . SER A 1 42  ? 8.439   6.339   -0.081  1.00 89.90  ? 42  SER A O   1 
ATOM 315 C CB  . SER A 1 42  ? 6.442   6.095   -2.699  1.00 98.69  ? 42  SER A CB  1 
ATOM 316 O OG  . SER A 1 42  ? 6.462   5.405   -3.924  1.00 104.54 ? 42  SER A OG  1 
ATOM 317 N N   . THR A 1 43  ? 6.241   6.359   0.473   1.00 69.20  ? 43  THR A N   1 
ATOM 318 C CA  . THR A 1 43  ? 6.412   7.028   1.764   1.00 55.06  ? 43  THR A CA  1 
ATOM 319 C C   . THR A 1 43  ? 7.279   6.168   2.671   1.00 58.23  ? 43  THR A C   1 
ATOM 320 O O   . THR A 1 43  ? 8.096   6.675   3.433   1.00 66.86  ? 43  THR A O   1 
ATOM 321 C CB  . THR A 1 43  ? 5.055   7.315   2.461   1.00 83.88  ? 43  THR A CB  1 
ATOM 322 O OG1 . THR A 1 43  ? 4.248   8.115   1.592   1.00 68.06  ? 43  THR A OG1 1 
ATOM 323 C CG2 . THR A 1 43  ? 5.267   8.041   3.813   1.00 60.85  ? 43  THR A CG2 1 
ATOM 324 N N   . ILE A 1 44  ? 7.033   4.861   2.672   1.00 64.02  ? 44  ILE A N   1 
ATOM 325 C CA  . ILE A 1 44  ? 7.802   4.024   3.567   1.00 76.85  ? 44  ILE A CA  1 
ATOM 326 C C   . ILE A 1 44  ? 9.216   3.938   2.983   1.00 69.77  ? 44  ILE A C   1 
ATOM 327 O O   . ILE A 1 44  ? 10.111  3.365   3.585   1.00 85.83  ? 44  ILE A O   1 
ATOM 328 C CB  . ILE A 1 44  ? 7.175   2.651   3.731   1.00 61.63  ? 44  ILE A CB  1 
ATOM 329 C CG1 . ILE A 1 44  ? 5.908   2.787   4.570   1.00 59.50  ? 44  ILE A CG1 1 
ATOM 330 C CG2 . ILE A 1 44  ? 8.171   1.676   4.346   1.00 78.04  ? 44  ILE A CG2 1 
ATOM 331 C CD1 . ILE A 1 44  ? 5.037   1.552   4.532   1.00 53.63  ? 44  ILE A CD1 1 
ATOM 332 N N   . GLN A 1 49  ? 11.346  5.631   -4.546  1.00 132.41 ? 49  GLN A N   1 
ATOM 333 C CA  . GLN A 1 49  ? 10.989  6.154   -5.864  1.00 130.19 ? 49  GLN A CA  1 
ATOM 334 C C   . GLN A 1 49  ? 9.494   6.061   -6.069  1.00 117.93 ? 49  GLN A C   1 
ATOM 335 O O   . GLN A 1 49  ? 8.954   4.958   -6.195  1.00 101.09 ? 49  GLN A O   1 
ATOM 336 C CB  . GLN A 1 49  ? 11.735  5.408   -6.962  1.00 126.25 ? 49  GLN A CB  1 
ATOM 337 N N   . LYS A 1 50  ? 8.830   7.205   -6.216  1.00 120.09 ? 50  LYS A N   1 
ATOM 338 C CA  . LYS A 1 50  ? 7.385   7.183   -6.400  1.00 113.43 ? 50  LYS A CA  1 
ATOM 339 C C   . LYS A 1 50  ? 7.054   6.943   -7.851  1.00 124.84 ? 50  LYS A C   1 
ATOM 340 O O   . LYS A 1 50  ? 7.899   7.090   -8.734  1.00 137.52 ? 50  LYS A O   1 
ATOM 341 C CB  . LYS A 1 50  ? 6.710   8.471   -5.938  1.00 109.55 ? 50  LYS A CB  1 
ATOM 342 C CG  . LYS A 1 50  ? 7.098   9.699   -6.726  1.00 106.47 ? 50  LYS A CG  1 
ATOM 343 C CD  . LYS A 1 50  ? 6.188   10.855  -6.354  1.00 119.82 ? 50  LYS A CD  1 
ATOM 344 C CE  . LYS A 1 50  ? 6.578   12.141  -7.061  1.00 128.01 ? 50  LYS A CE  1 
ATOM 345 N NZ  . LYS A 1 50  ? 5.738   13.281  -6.594  1.00 123.57 ? 50  LYS A NZ  1 
ATOM 346 N N   . VAL A 1 51  ? 5.802   6.580   -8.085  1.00 101.30 ? 51  VAL A N   1 
ATOM 347 C CA  . VAL A 1 51  ? 5.416   6.120   -9.386  1.00 83.52  ? 51  VAL A CA  1 
ATOM 348 C C   . VAL A 1 51  ? 4.000   6.523   -9.744  1.00 111.98 ? 51  VAL A C   1 
ATOM 349 O O   . VAL A 1 51  ? 3.074   6.304   -8.966  1.00 119.60 ? 51  VAL A O   1 
ATOM 350 C CB  . VAL A 1 51  ? 5.512   4.581   -9.461  1.00 90.22  ? 51  VAL A CB  1 
ATOM 351 C CG1 . VAL A 1 51  ? 5.006   4.090   -10.824 1.00 92.34  ? 51  VAL A CG1 1 
ATOM 352 C CG2 . VAL A 1 51  ? 6.938   4.115   -9.245  1.00 83.11  ? 51  VAL A CG2 1 
ATOM 353 N N   . ASP A 1 52  ? 3.847   7.136   -10.914 1.00 134.70 ? 52  ASP A N   1 
ATOM 354 C CA  . ASP A 1 52  ? 2.529   7.448   -11.447 1.00 136.12 ? 52  ASP A CA  1 
ATOM 355 C C   . ASP A 1 52  ? 2.071   6.184   -12.156 1.00 129.41 ? 52  ASP A C   1 
ATOM 356 O O   . ASP A 1 52  ? 2.710   5.730   -13.107 1.00 116.15 ? 52  ASP A O   1 
ATOM 357 C CB  . ASP A 1 52  ? 2.583   8.634   -12.409 1.00 137.26 ? 52  ASP A CB  1 
ATOM 358 C CG  . ASP A 1 52  ? 1.214   8.993   -12.972 1.00 141.64 ? 52  ASP A CG  1 
ATOM 359 O OD1 . ASP A 1 52  ? 0.346   8.090   -13.057 1.00 140.24 ? 52  ASP A OD1 1 
ATOM 360 O OD2 . ASP A 1 52  ? 1.004   10.175  -13.324 1.00 134.61 ? 52  ASP A OD2 1 
ATOM 361 N N   . VAL A 1 53  ? 0.984   5.600   -11.664 1.00 138.41 ? 53  VAL A N   1 
ATOM 362 C CA  . VAL A 1 53  ? 0.546   4.301   -12.143 1.00 133.78 ? 53  VAL A CA  1 
ATOM 363 C C   . VAL A 1 53  ? 0.040   4.371   -13.593 1.00 124.92 ? 53  VAL A C   1 
ATOM 364 O O   . VAL A 1 53  ? -0.020  3.339   -14.284 1.00 121.63 ? 53  VAL A O   1 
ATOM 365 C CB  . VAL A 1 53  ? -0.520  3.678   -11.187 1.00 120.56 ? 53  VAL A CB  1 
ATOM 366 C CG1 . VAL A 1 53  ? -1.731  4.579   -11.052 1.00 123.51 ? 53  VAL A CG1 1 
ATOM 367 C CG2 . VAL A 1 53  ? -0.931  2.288   -11.646 1.00 145.54 ? 53  VAL A CG2 1 
ATOM 368 N N   . ALA A 1 54  ? -0.405  5.545   -14.038 1.00 125.51 ? 54  ALA A N   1 
ATOM 369 C CA  . ALA A 1 54  ? -0.783  5.743   -15.452 1.00 131.59 ? 54  ALA A CA  1 
ATOM 370 C C   . ALA A 1 54  ? 0.408   5.745   -16.437 1.00 128.52 ? 54  ALA A C   1 
ATOM 371 O O   . ALA A 1 54  ? 0.223   5.913   -17.648 1.00 132.66 ? 54  ALA A O   1 
ATOM 372 C CB  . ALA A 1 54  ? -1.592  7.022   -15.619 1.00 117.85 ? 54  ALA A CB  1 
ATOM 373 N N   . LYS A 1 55  ? 1.609   5.528   -15.910 1.00 127.17 ? 55  LYS A N   1 
ATOM 374 C CA  . LYS A 1 55  ? 2.816   5.342   -16.706 1.00 117.52 ? 55  LYS A CA  1 
ATOM 375 C C   . LYS A 1 55  ? 3.337   3.904   -16.599 1.00 122.66 ? 55  LYS A C   1 
ATOM 376 O O   . LYS A 1 55  ? 4.504   3.643   -16.893 1.00 105.21 ? 55  LYS A O   1 
ATOM 377 C CB  . LYS A 1 55  ? 3.912   6.304   -16.225 1.00 94.99  ? 55  LYS A CB  1 
ATOM 378 N N   . GLU A 1 56  ? 2.504   3.021   -16.059 1.00 135.22 ? 56  GLU A N   1 
ATOM 379 C CA  . GLU A 1 56  ? 2.789   1.587   -15.973 1.00 135.97 ? 56  GLU A CA  1 
ATOM 380 C C   . GLU A 1 56  ? 1.663   0.753   -16.580 1.00 133.03 ? 56  GLU A C   1 
ATOM 381 O O   . GLU A 1 56  ? 0.535   1.231   -16.692 1.00 136.88 ? 56  GLU A O   1 
ATOM 382 C CB  . GLU A 1 56  ? 3.109   1.108   -14.547 1.00 137.62 ? 56  GLU A CB  1 
ATOM 383 C CG  . GLU A 1 56  ? 2.299   1.710   -13.423 1.00 119.00 ? 56  GLU A CG  1 
ATOM 384 C CD  . GLU A 1 56  ? 2.908   1.426   -12.056 1.00 117.26 ? 56  GLU A CD  1 
ATOM 385 O OE1 . GLU A 1 56  ? 2.490   2.075   -11.071 1.00 137.68 ? 56  GLU A OE1 1 
ATOM 386 O OE2 . GLU A 1 56  ? 3.781   0.521   -11.961 1.00 88.18  ? 56  GLU A OE2 1 
ATOM 387 N N   . VAL A 1 57  ? 1.980   -0.461  -17.028 1.00 133.11 ? 57  VAL A N   1 
ATOM 388 C CA  . VAL A 1 57  ? 0.928   -1.424  -17.345 1.00 133.70 ? 57  VAL A CA  1 
ATOM 389 C C   . VAL A 1 57  ? 0.602   -2.326  -16.139 1.00 128.66 ? 57  VAL A C   1 
ATOM 390 O O   . VAL A 1 57  ? 1.506   -2.840  -15.487 1.00 118.08 ? 57  VAL A O   1 
ATOM 391 C CB  . VAL A 1 57  ? 1.294   -2.267  -18.581 1.00 132.30 ? 57  VAL A CB  1 
ATOM 392 C CG1 . VAL A 1 57  ? 1.348   -1.364  -19.781 1.00 109.14 ? 57  VAL A CG1 1 
ATOM 393 C CG2 . VAL A 1 57  ? 2.649   -2.911  -18.412 1.00 121.58 ? 57  VAL A CG2 1 
ATOM 394 N N   . PRO A 1 58  ? -0.694  -2.489  -15.831 1.00 144.77 ? 58  PRO A N   1 
ATOM 395 C CA  . PRO A 1 58  ? -1.193  -3.057  -14.566 1.00 147.92 ? 58  PRO A CA  1 
ATOM 396 C C   . PRO A 1 58  ? -0.581  -4.399  -14.157 1.00 141.24 ? 58  PRO A C   1 
ATOM 397 O O   . PRO A 1 58  ? -0.805  -4.855  -13.034 1.00 126.18 ? 58  PRO A O   1 
ATOM 398 C CB  . PRO A 1 58  ? -2.702  -3.202  -14.797 1.00 144.20 ? 58  PRO A CB  1 
ATOM 399 C CG  . PRO A 1 58  ? -3.014  -2.316  -15.963 1.00 115.62 ? 58  PRO A CG  1 
ATOM 400 C CD  . PRO A 1 58  ? -1.779  -2.309  -16.812 1.00 131.52 ? 58  PRO A CD  1 
ATOM 401 N N   . ASP A 1 59  ? 0.198   -5.007  -15.047 1.00 138.17 ? 59  ASP A N   1 
ATOM 402 C CA  . ASP A 1 59  ? 0.792   -6.318  -14.784 1.00 142.57 ? 59  ASP A CA  1 
ATOM 403 C C   . ASP A 1 59  ? 2.147   -6.202  -14.085 1.00 136.87 ? 59  ASP A C   1 
ATOM 404 O O   . ASP A 1 59  ? 2.540   -7.091  -13.326 1.00 141.09 ? 59  ASP A O   1 
ATOM 405 C CB  . ASP A 1 59  ? 0.955   -7.092  -16.104 1.00 147.87 ? 59  ASP A CB  1 
ATOM 406 C CG  . ASP A 1 59  ? 0.260   -8.450  -16.094 1.00 148.97 ? 59  ASP A CG  1 
ATOM 407 O OD1 . ASP A 1 59  ? -0.475  -8.743  -15.120 1.00 131.99 ? 59  ASP A OD1 1 
ATOM 408 O OD2 . ASP A 1 59  ? 0.435   -9.214  -17.080 1.00 161.35 ? 59  ASP A OD2 1 
ATOM 409 N N   . GLN A 1 60  ? 2.857   -5.104  -14.325 1.00 117.60 ? 60  GLN A N   1 
ATOM 410 C CA  . GLN A 1 60  ? 4.128   -4.879  -13.654 1.00 127.03 ? 60  GLN A CA  1 
ATOM 411 C C   . GLN A 1 60  ? 3.911   -3.998  -12.415 1.00 113.08 ? 60  GLN A C   1 
ATOM 412 O O   . GLN A 1 60  ? 4.728   -4.003  -11.491 1.00 117.82 ? 60  GLN A O   1 
ATOM 413 C CB  . GLN A 1 60  ? 5.162   -4.241  -14.596 1.00 137.76 ? 60  GLN A CB  1 
ATOM 414 C CG  . GLN A 1 60  ? 4.695   -2.959  -15.253 1.00 139.85 ? 60  GLN A CG  1 
ATOM 415 C CD  . GLN A 1 60  ? 5.824   -1.962  -15.460 1.00 142.64 ? 60  GLN A CD  1 
ATOM 416 O OE1 . GLN A 1 60  ? 6.880   -2.053  -14.830 1.00 150.14 ? 60  GLN A OE1 1 
ATOM 417 N NE2 . GLN A 1 60  ? 5.583   -0.971  -16.313 1.00 125.97 ? 60  GLN A NE2 1 
ATOM 418 N N   . THR A 1 61  ? 2.811   -3.244  -12.410 1.00 93.91  ? 61  THR A N   1 
ATOM 419 C CA  . THR A 1 61  ? 2.271   -2.650  -11.187 1.00 107.32 ? 61  THR A CA  1 
ATOM 420 C C   . THR A 1 61  ? 1.999   -3.717  -10.134 1.00 112.07 ? 61  THR A C   1 
ATOM 421 O O   . THR A 1 61  ? 2.419   -3.587  -8.971  1.00 109.64 ? 61  THR A O   1 
ATOM 422 C CB  . THR A 1 61  ? 0.917   -1.945  -11.464 1.00 110.26 ? 61  THR A CB  1 
ATOM 423 O OG1 . THR A 1 61  ? 1.132   -0.783  -12.272 1.00 118.70 ? 61  THR A OG1 1 
ATOM 424 C CG2 . THR A 1 61  ? 0.243   -1.526  -10.154 1.00 82.95  ? 61  THR A CG2 1 
ATOM 425 N N   . ALA A 1 62  ? 1.263   -4.751  -10.537 1.00 101.56 ? 62  ALA A N   1 
ATOM 426 C CA  . ALA A 1 62  ? 0.941   -5.858  -9.640  1.00 98.82  ? 62  ALA A CA  1 
ATOM 427 C C   . ALA A 1 62  ? 2.227   -6.471  -9.073  1.00 100.37 ? 62  ALA A C   1 
ATOM 428 O O   . ALA A 1 62  ? 2.407   -6.571  -7.854  1.00 105.66 ? 62  ALA A O   1 
ATOM 429 C CB  . ALA A 1 62  ? 0.139   -6.913  -10.364 1.00 98.43  ? 62  ALA A CB  1 
ATOM 430 N N   . ASP A 1 63  ? 3.132   -6.842  -9.978  1.00 96.47  ? 63  ASP A N   1 
ATOM 431 C CA  . ASP A 1 63  ? 4.354   -7.549  -9.598  1.00 112.65 ? 63  ASP A CA  1 
ATOM 432 C C   . ASP A 1 63  ? 5.191   -6.696  -8.658  1.00 114.71 ? 63  ASP A C   1 
ATOM 433 O O   . ASP A 1 63  ? 5.730   -7.190  -7.669  1.00 122.98 ? 63  ASP A O   1 
ATOM 434 C CB  . ASP A 1 63  ? 5.161   -8.027  -10.820 1.00 133.94 ? 63  ASP A CB  1 
ATOM 435 C CG  . ASP A 1 63  ? 4.453   -9.145  -11.603 1.00 134.39 ? 63  ASP A CG  1 
ATOM 436 O OD1 . ASP A 1 63  ? 3.826   -10.024 -10.960 1.00 113.25 ? 63  ASP A OD1 1 
ATOM 437 O OD2 . ASP A 1 63  ? 4.558   -9.174  -12.854 1.00 143.04 ? 63  ASP A OD2 1 
ATOM 438 N N   . ARG A 1 64  ? 5.311   -5.415  -8.997  1.00 104.39 ? 64  ARG A N   1 
ATOM 439 C CA  . ARG A 1 64  ? 6.057   -4.452  -8.196  1.00 91.03  ? 64  ARG A CA  1 
ATOM 440 C C   . ARG A 1 64  ? 5.516   -4.325  -6.779  1.00 96.32  ? 64  ARG A C   1 
ATOM 441 O O   . ARG A 1 64  ? 6.283   -4.278  -5.807  1.00 79.35  ? 64  ARG A O   1 
ATOM 442 C CB  . ARG A 1 64  ? 6.087   -3.085  -8.886  1.00 89.88  ? 64  ARG A CB  1 
ATOM 443 C CG  . ARG A 1 64  ? 6.909   -2.040  -8.158  1.00 84.16  ? 64  ARG A CG  1 
ATOM 444 C CD  . ARG A 1 64  ? 6.837   -0.728  -8.893  1.00 97.01  ? 64  ARG A CD  1 
ATOM 445 N NE  . ARG A 1 64  ? 5.456   -0.279  -9.042  1.00 109.55 ? 64  ARG A NE  1 
ATOM 446 C CZ  . ARG A 1 64  ? 4.908   0.718   -8.353  1.00 110.72 ? 64  ARG A CZ  1 
ATOM 447 N NH1 . ARG A 1 64  ? 5.615   1.365   -7.441  1.00 124.26 ? 64  ARG A NH1 1 
ATOM 448 N NH2 . ARG A 1 64  ? 3.645   1.060   -8.566  1.00 95.22  ? 64  ARG A NH2 1 
ATOM 449 N N   . LEU A 1 65  ? 4.200   -4.218  -6.642  1.00 83.24  ? 65  LEU A N   1 
ATOM 450 C CA  . LEU A 1 65  ? 3.629   -4.153  -5.301  1.00 82.44  ? 65  LEU A CA  1 
ATOM 451 C C   . LEU A 1 65  ? 3.691   -5.501  -4.585  1.00 84.21  ? 65  LEU A C   1 
ATOM 452 O O   . LEU A 1 65  ? 4.043   -5.564  -3.408  1.00 72.03  ? 65  LEU A O   1 
ATOM 453 C CB  . LEU A 1 65  ? 2.204   -3.611  -5.353  1.00 83.01  ? 65  LEU A CB  1 
ATOM 454 C CG  . LEU A 1 65  ? 2.022   -2.315  -6.161  1.00 95.75  ? 65  LEU A CG  1 
ATOM 455 C CD1 . LEU A 1 65  ? 0.541   -1.970  -6.305  1.00 97.51  ? 65  LEU A CD1 1 
ATOM 456 C CD2 . LEU A 1 65  ? 2.797   -1.158  -5.573  1.00 83.46  ? 65  LEU A CD2 1 
ATOM 457 N N   . ILE A 1 66  ? 3.402   -6.585  -5.313  1.00 85.49  ? 66  ILE A N   1 
ATOM 458 C CA  . ILE A 1 66  ? 3.594   -7.932  -4.770  1.00 87.43  ? 66  ILE A CA  1 
ATOM 459 C C   . ILE A 1 66  ? 5.033   -8.156  -4.293  1.00 85.77  ? 66  ILE A C   1 
ATOM 460 O O   . ILE A 1 66  ? 5.274   -8.848  -3.302  1.00 88.79  ? 66  ILE A O   1 
ATOM 461 C CB  . ILE A 1 66  ? 3.204   -9.020  -5.794  1.00 95.99  ? 66  ILE A CB  1 
ATOM 462 C CG1 . ILE A 1 66  ? 1.724   -9.364  -5.664  1.00 85.80  ? 66  ILE A CG1 1 
ATOM 463 C CG2 . ILE A 1 66  ? 4.028   -10.278 -5.586  1.00 114.98 ? 66  ILE A CG2 1 
ATOM 464 C CD1 . ILE A 1 66  ? 0.800   -8.376  -6.314  1.00 97.89  ? 66  ILE A CD1 1 
ATOM 465 N N   . GLY A 1 67  ? 5.992   -7.629  -5.041  1.00 94.44  ? 67  GLY A N   1 
ATOM 466 C CA  . GLY A 1 67  ? 7.381   -7.759  -4.656  1.00 85.09  ? 67  GLY A CA  1 
ATOM 467 C C   . GLY A 1 67  ? 7.610   -7.111  -3.305  1.00 95.40  ? 67  GLY A C   1 
ATOM 468 O O   . GLY A 1 67  ? 8.204   -7.708  -2.403  1.00 91.51  ? 67  GLY A O   1 
ATOM 469 N N   . PHE A 1 68  ? 7.058   -5.915  -3.137  1.00 83.00  ? 68  PHE A N   1 
ATOM 470 C CA  . PHE A 1 68  ? 7.201   -5.153  -1.900  1.00 102.74 ? 68  PHE A CA  1 
ATOM 471 C C   . PHE A 1 68  ? 6.518   -5.844  -0.731  1.00 96.76  ? 68  PHE A C   1 
ATOM 472 O O   . PHE A 1 68  ? 7.027   -5.833  0.395   1.00 96.43  ? 68  PHE A O   1 
ATOM 473 C CB  . PHE A 1 68  ? 6.604   -3.752  -2.060  1.00 99.45  ? 68  PHE A CB  1 
ATOM 474 N N   . LEU A 1 69  ? 5.347   -6.413  -0.988  1.00 82.70  ? 69  LEU A N   1 
ATOM 475 C CA  . LEU A 1 69  ? 4.592   -7.116  0.041   1.00 88.64  ? 69  LEU A CA  1 
ATOM 476 C C   . LEU A 1 69  ? 5.312   -8.367  0.551   1.00 106.81 ? 69  LEU A C   1 
ATOM 477 O O   . LEU A 1 69  ? 5.266   -8.681  1.742   1.00 111.69 ? 69  LEU A O   1 
ATOM 478 C CB  . LEU A 1 69  ? 3.221   -7.498  -0.496  1.00 79.64  ? 69  LEU A CB  1 
ATOM 479 C CG  . LEU A 1 69  ? 2.329   -6.289  -0.771  1.00 89.34  ? 69  LEU A CG  1 
ATOM 480 C CD1 . LEU A 1 69  ? 1.259   -6.644  -1.796  1.00 63.44  ? 69  LEU A CD1 1 
ATOM 481 C CD2 . LEU A 1 69  ? 1.718   -5.722  0.533   1.00 69.63  ? 69  LEU A CD2 1 
ATOM 482 N N   . LYS A 1 70  ? 6.030   -9.042  -0.334  1.00 106.48 ? 70  LYS A N   1 
ATOM 483 C CA  . LYS A 1 70  ? 6.704   -10.267 0.063   1.00 108.77 ? 70  LYS A CA  1 
ATOM 484 C C   . LYS A 1 70  ? 7.862   -9.877  0.965   1.00 111.89 ? 70  LYS A C   1 
ATOM 485 O O   . LYS A 1 70  ? 8.170   -10.561 1.940   1.00 121.93 ? 70  LYS A O   1 
ATOM 486 C CB  . LYS A 1 70  ? 7.168   -11.079 -1.157  1.00 88.15  ? 70  LYS A CB  1 
ATOM 487 N N   . ILE A 1 71  ? 8.451   -8.728  0.658   1.00 111.24 ? 71  ILE A N   1 
ATOM 488 C CA  . ILE A 1 71  ? 9.517   -8.154  1.470   1.00 113.20 ? 71  ILE A CA  1 
ATOM 489 C C   . ILE A 1 71  ? 9.097   -7.952  2.917   1.00 121.38 ? 71  ILE A C   1 
ATOM 490 O O   . ILE A 1 71  ? 9.801   -8.366  3.844   1.00 133.02 ? 71  ILE A O   1 
ATOM 491 C CB  . ILE A 1 71  ? 9.972   -6.796  0.895   1.00 114.06 ? 71  ILE A CB  1 
ATOM 492 C CG1 . ILE A 1 71  ? 10.684  -6.994  -0.449  1.00 105.82 ? 71  ILE A CG1 1 
ATOM 493 C CG2 . ILE A 1 71  ? 10.883  -6.073  1.888   1.00 121.85 ? 71  ILE A CG2 1 
ATOM 494 C CD1 . ILE A 1 71  ? 11.609  -5.832  -0.833  1.00 97.09  ? 71  ILE A CD1 1 
ATOM 495 N N   . ILE A 1 72  ? 7.924   -7.373  3.121   1.00 93.24  ? 72  ILE A N   1 
ATOM 496 C CA  . ILE A 1 72  ? 7.472   -7.099  4.477   1.00 94.41  ? 72  ILE A CA  1 
ATOM 497 C C   . ILE A 1 72  ? 6.688   -8.245  5.105   1.00 93.53  ? 72  ILE A C   1 
ATOM 498 O O   . ILE A 1 72  ? 6.142   -8.109  6.201   1.00 98.45  ? 72  ILE A O   1 
ATOM 499 C CB  . ILE A 1 72  ? 6.682   -5.794  4.550   1.00 87.78  ? 72  ILE A CB  1 
ATOM 500 C CG1 . ILE A 1 72  ? 5.454   -5.902  3.648   1.00 68.31  ? 72  ILE A CG1 1 
ATOM 501 C CG2 . ILE A 1 72  ? 7.542   -4.636  4.078   1.00 79.90  ? 72  ILE A CG2 1 
ATOM 502 C CD1 . ILE A 1 72  ? 4.505   -4.760  3.769   1.00 67.19  ? 72  ILE A CD1 1 
ATOM 503 N N   . LYS A 1 73  ? 6.581   -9.345  4.375   1.00 89.00  ? 73  LYS A N   1 
ATOM 504 C CA  . LYS A 1 73  ? 6.094   -10.590 4.942   1.00 103.87 ? 73  LYS A CA  1 
ATOM 505 C C   . LYS A 1 73  ? 4.570   -10.549 5.046   1.00 114.20 ? 73  LYS A C   1 
ATOM 506 O O   . LYS A 1 73  ? 4.003   -10.809 6.110   1.00 103.61 ? 73  LYS A O   1 
ATOM 507 C CB  . LYS A 1 73  ? 6.738   -10.862 6.304   1.00 88.30  ? 73  LYS A CB  1 
ATOM 508 N N   . TYR A 1 74  ? 3.921   -10.151 3.959   1.00 110.43 ? 74  TYR A N   1 
ATOM 509 C CA  . TYR A 1 74  ? 2.470   -10.111 3.877   1.00 88.76  ? 74  TYR A CA  1 
ATOM 510 C C   . TYR A 1 74  ? 1.942   -11.484 3.489   1.00 98.95  ? 74  TYR A C   1 
ATOM 511 O O   . TYR A 1 74  ? 2.387   -12.071 2.500   1.00 117.63 ? 74  TYR A O   1 
ATOM 512 C CB  . TYR A 1 74  ? 1.960   -9.037  2.917   1.00 94.52  ? 74  TYR A CB  1 
ATOM 513 C CG  . TYR A 1 74  ? 0.441   -8.966  2.827   1.00 96.13  ? 74  TYR A CG  1 
ATOM 514 C CD1 . TYR A 1 74  ? -0.322  -8.518  3.902   1.00 96.74  ? 74  TYR A CD1 1 
ATOM 515 C CD2 . TYR A 1 74  ? -0.226  -9.385  1.675   1.00 79.27  ? 74  TYR A CD2 1 
ATOM 516 C CE1 . TYR A 1 74  ? -1.707  -8.457  3.817   1.00 89.25  ? 74  TYR A CE1 1 
ATOM 517 C CE2 . TYR A 1 74  ? -1.605  -9.336  1.576   1.00 80.09  ? 74  TYR A CE2 1 
ATOM 518 C CZ  . TYR A 1 74  ? -2.346  -8.871  2.648   1.00 91.13  ? 74  TYR A CZ  1 
ATOM 519 O OH  . TYR A 1 74  ? -3.725  -8.827  2.545   1.00 103.02 ? 74  TYR A OH  1 
ATOM 520 N N   . ARG A 1 75  ? 1.028   -12.000 4.295   1.00 89.25  ? 75  ARG A N   1 
ATOM 521 C CA  . ARG A 1 75  ? 0.321   -13.240 4.002   1.00 108.96 ? 75  ARG A CA  1 
ATOM 522 C C   . ARG A 1 75  ? -1.070  -12.940 3.413   1.00 120.67 ? 75  ARG A C   1 
ATOM 523 O O   . ARG A 1 75  ? -1.993  -12.621 4.160   1.00 125.43 ? 75  ARG A O   1 
ATOM 524 C CB  . ARG A 1 75  ? 0.194   -14.077 5.275   1.00 104.16 ? 75  ARG A CB  1 
ATOM 525 N N   . PRO A 1 76  ? -1.213  -12.988 2.069   1.00 110.60 ? 76  PRO A N   1 
ATOM 526 C CA  . PRO A 1 76  ? -2.531  -12.692 1.480   1.00 106.45 ? 76  PRO A CA  1 
ATOM 527 C C   . PRO A 1 76  ? -3.640  -13.605 1.974   1.00 112.74 ? 76  PRO A C   1 
ATOM 528 O O   . PRO A 1 76  ? -3.352  -14.740 2.339   1.00 98.47  ? 76  PRO A O   1 
ATOM 529 C CB  . PRO A 1 76  ? -2.327  -12.982 -0.009  1.00 95.22  ? 76  PRO A CB  1 
ATOM 530 C CG  . PRO A 1 76  ? -0.859  -12.818 -0.239  1.00 99.88  ? 76  PRO A CG  1 
ATOM 531 C CD  . PRO A 1 76  ? -0.192  -13.273 1.046   1.00 101.96 ? 76  PRO A CD  1 
ATOM 532 N N   . ASN A 1 77  ? -4.878  -13.114 2.001   1.00 112.19 ? 77  ASN A N   1 
ATOM 533 C CA  . ASN A 1 77  ? -6.036  -13.963 2.278   1.00 120.64 ? 77  ASN A CA  1 
ATOM 534 C C   . ASN A 1 77  ? -6.196  -15.065 1.218   1.00 117.76 ? 77  ASN A C   1 
ATOM 535 O O   . ASN A 1 77  ? -6.346  -16.249 1.543   1.00 104.78 ? 77  ASN A O   1 
ATOM 536 C CB  . ASN A 1 77  ? -7.308  -13.129 2.347   1.00 133.23 ? 77  ASN A CB  1 
ATOM 537 C CG  . ASN A 1 77  ? -7.381  -12.310 3.632   1.00 132.11 ? 77  ASN A CG  1 
ATOM 538 O OD1 . ASN A 1 77  ? -8.099  -11.316 3.715   1.00 126.13 ? 77  ASN A OD1 1 
ATOM 539 N ND2 . ASN A 1 77  ? -6.610  -12.721 4.638   1.00 123.82 ? 77  ASN A ND2 1 
ATOM 540 N N   . VAL A 1 78  ? -6.168  -14.648 -0.051  1.00 120.95 ? 78  VAL A N   1 
ATOM 541 C CA  . VAL A 1 78  ? -6.169  -15.555 -1.211  1.00 117.25 ? 78  VAL A CA  1 
ATOM 542 C C   . VAL A 1 78  ? -4.902  -16.409 -1.262  1.00 116.88 ? 78  VAL A C   1 
ATOM 543 O O   . VAL A 1 78  ? -3.784  -15.890 -1.325  1.00 116.14 ? 78  VAL A O   1 
ATOM 544 C CB  . VAL A 1 78  ? -6.295  -14.805 -2.562  1.00 122.14 ? 78  VAL A CB  1 
ATOM 545 C CG1 . VAL A 1 78  ? -5.671  -15.620 -3.689  1.00 136.22 ? 78  VAL A CG1 1 
ATOM 546 C CG2 . VAL A 1 78  ? -7.737  -14.519 -2.877  1.00 89.20  ? 78  VAL A CG2 1 
ATOM 547 N N   . GLN A 1 79  ? -5.074  -17.725 -1.257  1.00 135.73 ? 79  GLN A N   1 
ATOM 548 C CA  . GLN A 1 79  ? -3.930  -18.623 -1.243  1.00 143.28 ? 79  GLN A CA  1 
ATOM 549 C C   . GLN A 1 79  ? -3.536  -19.056 -2.656  1.00 139.90 ? 79  GLN A C   1 
ATOM 550 O O   . GLN A 1 79  ? -2.638  -19.878 -2.822  1.00 135.54 ? 79  GLN A O   1 
ATOM 551 C CB  . GLN A 1 79  ? -4.237  -19.854 -0.384  1.00 143.85 ? 79  GLN A CB  1 
ATOM 552 N N   . ASP A 1 80  ? -4.198  -18.506 -3.675  1.00 142.37 ? 80  ASP A N   1 
ATOM 553 C CA  . ASP A 1 80  ? -3.785  -18.740 -5.063  1.00 140.89 ? 80  ASP A CA  1 
ATOM 554 C C   . ASP A 1 80  ? -2.948  -17.556 -5.538  1.00 134.46 ? 80  ASP A C   1 
ATOM 555 O O   . ASP A 1 80  ? -3.478  -16.486 -5.834  1.00 131.74 ? 80  ASP A O   1 
ATOM 556 C CB  . ASP A 1 80  ? -5.010  -18.928 -5.974  1.00 146.89 ? 80  ASP A CB  1 
ATOM 557 C CG  . ASP A 1 80  ? -4.639  -19.301 -7.416  1.00 166.04 ? 80  ASP A CG  1 
ATOM 558 O OD1 . ASP A 1 80  ? -3.432  -19.478 -7.709  1.00 171.09 ? 80  ASP A OD1 1 
ATOM 559 O OD2 . ASP A 1 80  ? -5.565  -19.450 -8.255  1.00 172.23 ? 80  ASP A OD2 1 
ATOM 560 N N   . PRO A 1 81  ? -1.621  -17.741 -5.587  1.00 128.73 ? 81  PRO A N   1 
ATOM 561 C CA  . PRO A 1 81  ? -0.680  -16.696 -5.998  1.00 111.12 ? 81  PRO A CA  1 
ATOM 562 C C   . PRO A 1 81  ? -1.103  -15.977 -7.274  1.00 116.18 ? 81  PRO A C   1 
ATOM 563 O O   . PRO A 1 81  ? -0.918  -14.766 -7.374  1.00 126.37 ? 81  PRO A O   1 
ATOM 564 C CB  . PRO A 1 81  ? 0.613   -17.471 -6.246  1.00 91.63  ? 81  PRO A CB  1 
ATOM 565 C CG  . PRO A 1 81  ? 0.520   -18.631 -5.320  1.00 107.34 ? 81  PRO A CG  1 
ATOM 566 C CD  . PRO A 1 81  ? -0.933  -19.002 -5.262  1.00 126.22 ? 81  PRO A CD  1 
ATOM 567 N N   . LEU A 1 82  ? -1.680  -16.695 -8.234  1.00 106.78 ? 82  LEU A N   1 
ATOM 568 C CA  . LEU A 1 82  ? -1.950  -16.073 -9.522  1.00 108.51 ? 82  LEU A CA  1 
ATOM 569 C C   . LEU A 1 82  ? -3.306  -15.388 -9.558  1.00 112.09 ? 82  LEU A C   1 
ATOM 570 O O   . LEU A 1 82  ? -3.540  -14.476 -10.357 1.00 113.48 ? 82  LEU A O   1 
ATOM 571 C CB  . LEU A 1 82  ? -1.837  -17.111 -10.634 1.00 123.66 ? 82  LEU A CB  1 
ATOM 572 C CG  . LEU A 1 82  ? -0.526  -17.884 -10.665 1.00 132.25 ? 82  LEU A CG  1 
ATOM 573 C CD1 . LEU A 1 82  ? -0.855  -19.363 -10.726 1.00 134.34 ? 82  LEU A CD1 1 
ATOM 574 C CD2 . LEU A 1 82  ? 0.339   -17.483 -11.849 1.00 129.71 ? 82  LEU A CD2 1 
ATOM 575 N N   . LEU A 1 83  ? -4.181  -15.799 -8.648  1.00 105.66 ? 83  LEU A N   1 
ATOM 576 C CA  . LEU A 1 83  ? -5.473  -15.159 -8.469  1.00 111.99 ? 83  LEU A CA  1 
ATOM 577 C C   . LEU A 1 83  ? -5.278  -13.874 -7.676  1.00 109.38 ? 83  LEU A C   1 
ATOM 578 O O   . LEU A 1 83  ? -5.937  -12.869 -7.926  1.00 112.30 ? 83  LEU A O   1 
ATOM 579 C CB  . LEU A 1 83  ? -6.397  -16.097 -7.679  1.00 115.02 ? 83  LEU A CB  1 
ATOM 580 C CG  . LEU A 1 83  ? -7.909  -16.038 -7.927  1.00 112.97 ? 83  LEU A CG  1 
ATOM 581 C CD1 . LEU A 1 83  ? -8.721  -16.555 -6.736  1.00 115.33 ? 83  LEU A CD1 1 
ATOM 582 C CD2 . LEU A 1 83  ? -8.340  -14.634 -8.316  1.00 99.98  ? 83  LEU A CD2 1 
ATOM 583 N N   . PHE A 1 84  ? -4.321  -13.901 -6.763  1.00 105.68 ? 84  PHE A N   1 
ATOM 584 C CA  . PHE A 1 84  ? -3.956  -12.709 -6.027  1.00 102.67 ? 84  PHE A CA  1 
ATOM 585 C C   . PHE A 1 84  ? -3.354  -11.693 -6.987  1.00 106.84 ? 84  PHE A C   1 
ATOM 586 O O   . PHE A 1 84  ? -3.792  -10.547 -7.036  1.00 115.02 ? 84  PHE A O   1 
ATOM 587 C CB  . PHE A 1 84  ? -2.977  -13.041 -4.904  1.00 107.80 ? 84  PHE A CB  1 
ATOM 588 C CG  . PHE A 1 84  ? -2.685  -11.875 -4.006  1.00 107.09 ? 84  PHE A CG  1 
ATOM 589 C CD1 . PHE A 1 84  ? -3.706  -11.256 -3.298  1.00 94.99  ? 84  PHE A CD1 1 
ATOM 590 C CD2 . PHE A 1 84  ? -1.389  -11.406 -3.866  1.00 114.03 ? 84  PHE A CD2 1 
ATOM 591 C CE1 . PHE A 1 84  ? -3.445  -10.188 -2.482  1.00 95.47  ? 84  PHE A CE1 1 
ATOM 592 C CE2 . PHE A 1 84  ? -1.114  -10.343 -3.042  1.00 115.29 ? 84  PHE A CE2 1 
ATOM 593 C CZ  . PHE A 1 84  ? -2.145  -9.730  -2.349  1.00 111.10 ? 84  PHE A CZ  1 
ATOM 594 N N   . ARG A 1 85  ? -2.320  -12.104 -7.714  1.00 102.37 ? 85  ARG A N   1 
ATOM 595 C CA  . ARG A 1 85  ? -1.763  -11.292 -8.788  1.00 93.51  ? 85  ARG A CA  1 
ATOM 596 C C   . ARG A 1 85  ? -2.869  -10.538 -9.521  1.00 91.12  ? 85  ARG A C   1 
ATOM 597 O O   . ARG A 1 85  ? -2.943  -9.313  -9.455  1.00 94.74  ? 85  ARG A O   1 
ATOM 598 C CB  . ARG A 1 85  ? -1.001  -12.156 -9.774  1.00 85.33  ? 85  ARG A CB  1 
ATOM 599 C CG  . ARG A 1 85  ? 0.405   -11.662 -10.047 1.00 121.99 ? 85  ARG A CG  1 
ATOM 600 C CD  . ARG A 1 85  ? 0.408   -10.425 -10.922 1.00 129.16 ? 85  ARG A CD  1 
ATOM 601 N NE  . ARG A 1 85  ? 0.179   -10.771 -12.320 1.00 134.59 ? 85  ARG A NE  1 
ATOM 602 C CZ  . ARG A 1 85  ? 1.142   -10.953 -13.221 1.00 137.51 ? 85  ARG A CZ  1 
ATOM 603 N NH1 . ARG A 1 85  ? 0.826   -11.271 -14.467 1.00 146.36 ? 85  ARG A NH1 1 
ATOM 604 N NH2 . ARG A 1 85  ? 2.417   -10.819 -12.884 1.00 137.00 ? 85  ARG A NH2 1 
ATOM 605 N N   . GLN A 1 86  ? -3.712  -11.266 -10.245 1.00 110.07 ? 86  GLN A N   1 
ATOM 606 C CA  . GLN A 1 86  ? -4.738  -10.652 -11.091 1.00 114.01 ? 86  GLN A CA  1 
ATOM 607 C C   . GLN A 1 86  ? -5.725  -9.782  -10.328 1.00 99.91  ? 86  GLN A C   1 
ATOM 608 O O   . GLN A 1 86  ? -6.267  -8.819  -10.877 1.00 102.22 ? 86  GLN A O   1 
ATOM 609 C CB  . GLN A 1 86  ? -5.488  -11.694 -11.911 1.00 101.61 ? 86  GLN A CB  1 
ATOM 610 C CG  . GLN A 1 86  ? -4.530  -12.562 -12.644 1.00 113.94 ? 86  GLN A CG  1 
ATOM 611 C CD  . GLN A 1 86  ? -3.702  -11.743 -13.601 1.00 116.18 ? 86  GLN A CD  1 
ATOM 612 O OE1 . GLN A 1 86  ? -4.182  -10.773 -14.190 1.00 124.56 ? 86  GLN A OE1 1 
ATOM 613 N NE2 . GLN A 1 86  ? -2.430  -12.105 -13.729 1.00 101.34 ? 86  GLN A NE2 1 
ATOM 614 N N   . LEU A 1 87  ? -5.994  -10.136 -9.079  1.00 89.86  ? 87  LEU A N   1 
ATOM 615 C CA  . LEU A 1 87  ? -6.857  -9.309  -8.243  1.00 103.45 ? 87  LEU A CA  1 
ATOM 616 C C   . LEU A 1 87  ? -6.212  -7.973  -7.900  1.00 103.67 ? 87  LEU A C   1 
ATOM 617 O O   . LEU A 1 87  ? -6.895  -6.951  -7.830  1.00 96.72  ? 87  LEU A O   1 
ATOM 618 C CB  . LEU A 1 87  ? -7.247  -10.036 -6.953  1.00 107.76 ? 87  LEU A CB  1 
ATOM 619 C CG  . LEU A 1 87  ? -8.305  -11.135 -7.010  1.00 108.33 ? 87  LEU A CG  1 
ATOM 620 C CD1 . LEU A 1 87  ? -8.357  -11.900 -5.700  1.00 117.64 ? 87  LEU A CD1 1 
ATOM 621 C CD2 . LEU A 1 87  ? -9.647  -10.528 -7.330  1.00 91.59  ? 87  LEU A CD2 1 
ATOM 622 N N   . VAL A 1 88  ? -4.896  -7.996  -7.706  1.00 103.39 ? 88  VAL A N   1 
ATOM 623 C CA  . VAL A 1 88  ? -4.117  -6.786  -7.483  1.00 91.84  ? 88  VAL A CA  1 
ATOM 624 C C   . VAL A 1 88  ? -4.129  -5.917  -8.737  1.00 95.21  ? 88  VAL A C   1 
ATOM 625 O O   . VAL A 1 88  ? -4.360  -4.705  -8.684  1.00 89.39  ? 88  VAL A O   1 
ATOM 626 C CB  . VAL A 1 88  ? -2.671  -7.170  -7.083  1.00 94.24  ? 88  VAL A CB  1 
ATOM 627 C CG1 . VAL A 1 88  ? -1.729  -5.972  -7.149  1.00 79.86  ? 88  VAL A CG1 1 
ATOM 628 C CG2 . VAL A 1 88  ? -2.658  -7.852  -5.714  1.00 95.19  ? 88  VAL A CG2 1 
ATOM 629 N N   . ALA A 1 89  ? -3.903  -6.565  -9.875  1.00 106.61 ? 89  ALA A N   1 
ATOM 630 C CA  . ALA A 1 89  ? -3.853  -5.885  -11.165 1.00 108.29 ? 89  ALA A CA  1 
ATOM 631 C C   . ALA A 1 89  ? -5.182  -5.202  -11.499 1.00 114.18 ? 89  ALA A C   1 
ATOM 632 O O   . ALA A 1 89  ? -5.216  -4.104  -12.064 1.00 102.56 ? 89  ALA A O   1 
ATOM 633 C CB  . ALA A 1 89  ? -3.443  -6.855  -12.255 1.00 83.89  ? 89  ALA A CB  1 
ATOM 634 N N   . ALA A 1 90  ? -6.272  -5.893  -11.172 1.00 92.78  ? 90  ALA A N   1 
ATOM 635 C CA  . ALA A 1 90  ? -7.619  -5.391  -11.402 1.00 98.08  ? 90  ALA A CA  1 
ATOM 636 C C   . ALA A 1 90  ? -8.068  -4.410  -10.323 1.00 115.90 ? 90  ALA A C   1 
ATOM 637 O O   . ALA A 1 90  ? -9.103  -3.757  -10.459 1.00 143.09 ? 90  ALA A O   1 
ATOM 638 C CB  . ALA A 1 90  ? -8.602  -6.568  -11.469 1.00 113.63 ? 90  ALA A CB  1 
ATOM 639 N N   . GLY A 1 91  ? -7.270  -4.285  -9.268  1.00 112.45 ? 91  GLY A N   1 
ATOM 640 C CA  . GLY A 1 91  ? -7.546  -3.310  -8.233  1.00 100.76 ? 91  GLY A CA  1 
ATOM 641 C C   . GLY A 1 91  ? -8.763  -3.661  -7.384  1.00 101.87 ? 91  GLY A C   1 
ATOM 642 O O   . GLY A 1 91  ? -9.469  -2.769  -6.898  1.00 101.53 ? 91  GLY A O   1 
ATOM 643 N N   . ASP A 1 92  ? -9.065  -4.956  -7.283  1.00 97.81  ? 92  ASP A N   1 
ATOM 644 C CA  . ASP A 1 92  ? -10.188 -5.428  -6.470  1.00 105.80 ? 92  ASP A CA  1 
ATOM 645 C C   . ASP A 1 92  ? -10.333 -4.665  -5.155  1.00 103.63 ? 92  ASP A C   1 
ATOM 646 O O   . ASP A 1 92  ? -9.356  -4.475  -4.418  1.00 96.85  ? 92  ASP A O   1 
ATOM 647 C CB  . ASP A 1 92  ? -10.044 -6.907  -6.120  1.00 114.10 ? 92  ASP A CB  1 
ATOM 648 C CG  . ASP A 1 92  ? -11.180 -7.401  -5.239  1.00 117.62 ? 92  ASP A CG  1 
ATOM 649 O OD1 . ASP A 1 92  ? -10.907 -7.977  -4.163  1.00 129.17 ? 92  ASP A OD1 1 
ATOM 650 O OD2 . ASP A 1 92  ? -12.351 -7.207  -5.631  1.00 105.26 ? 92  ASP A OD2 1 
ATOM 651 N N   . ARG A 1 93  ? -11.557 -4.235  -4.872  1.00 95.63  ? 93  ARG A N   1 
ATOM 652 C CA  . ARG A 1 93  ? -11.850 -3.475  -3.665  1.00 89.81  ? 93  ARG A CA  1 
ATOM 653 C C   . ARG A 1 93  ? -11.476 -4.207  -2.379  1.00 101.55 ? 93  ARG A C   1 
ATOM 654 O O   . ARG A 1 93  ? -10.779 -3.664  -1.511  1.00 97.36  ? 93  ARG A O   1 
ATOM 655 C CB  . ARG A 1 93  ? -13.324 -3.066  -3.612  1.00 104.27 ? 93  ARG A CB  1 
ATOM 656 C CG  . ARG A 1 93  ? -13.584 -1.579  -3.415  1.00 130.88 ? 93  ARG A CG  1 
ATOM 657 C CD  . ARG A 1 93  ? -15.079 -1.302  -3.447  1.00 140.18 ? 93  ARG A CD  1 
ATOM 658 N NE  . ARG A 1 93  ? -15.400 0.113   -3.308  1.00 143.21 ? 93  ARG A NE  1 
ATOM 659 C CZ  . ARG A 1 93  ? -15.713 0.905   -4.330  1.00 152.60 ? 93  ARG A CZ  1 
ATOM 660 N NH1 . ARG A 1 93  ? -15.791 0.407   -5.557  1.00 155.15 ? 93  ARG A NH1 1 
ATOM 661 N NH2 . ARG A 1 93  ? -15.979 2.188   -4.122  1.00 155.92 ? 93  ARG A NH2 1 
ATOM 662 N N   . GLU A 1 94  ? -11.915 -5.458  -2.266  1.00 88.28  ? 94  GLU A N   1 
ATOM 663 C CA  . GLU A 1 94  ? -11.712 -6.180  -1.015  1.00 95.80  ? 94  GLU A CA  1 
ATOM 664 C C   . GLU A 1 94  ? -10.250 -6.553  -0.806  1.00 98.36  ? 94  GLU A C   1 
ATOM 665 O O   . GLU A 1 94  ? -9.725  -6.393  0.298   1.00 105.92 ? 94  GLU A O   1 
ATOM 666 C CB  . GLU A 1 94  ? -12.623 -7.415  -0.940  1.00 83.75  ? 94  GLU A CB  1 
ATOM 667 N N   . THR A 1 95  ? -9.604  -7.027  -1.876  1.00 98.51  ? 95  THR A N   1 
ATOM 668 C CA  . THR A 1 95  ? -8.161  -7.323  -1.877  1.00 92.55  ? 95  THR A CA  1 
ATOM 669 C C   . THR A 1 95  ? -7.334  -6.108  -1.470  1.00 83.46  ? 95  THR A C   1 
ATOM 670 O O   . THR A 1 95  ? -6.394  -6.200  -0.680  1.00 69.44  ? 95  THR A O   1 
ATOM 671 C CB  . THR A 1 95  ? -7.671  -7.764  -3.273  1.00 92.74  ? 95  THR A CB  1 
ATOM 672 O OG1 . THR A 1 95  ? -8.446  -8.879  -3.713  1.00 100.06 ? 95  THR A OG1 1 
ATOM 673 C CG2 . THR A 1 95  ? -6.189  -8.165  -3.249  1.00 90.74  ? 95  THR A CG2 1 
ATOM 674 N N   . LEU A 1 96  ? -7.653  -4.967  -2.065  1.00 83.93  ? 96  LEU A N   1 
ATOM 675 C CA  . LEU A 1 96  ? -6.893  -3.760  -1.787  1.00 89.80  ? 96  LEU A CA  1 
ATOM 676 C C   . LEU A 1 96  ? -7.121  -3.180  -0.396  1.00 87.05  ? 96  LEU A C   1 
ATOM 677 O O   . LEU A 1 96  ? -6.170  -2.757  0.282   1.00 77.62  ? 96  LEU A O   1 
ATOM 678 C CB  . LEU A 1 96  ? -7.069  -2.721  -2.894  1.00 92.06  ? 96  LEU A CB  1 
ATOM 679 C CG  . LEU A 1 96  ? -5.846  -2.782  -3.813  1.00 91.47  ? 96  LEU A CG  1 
ATOM 680 C CD1 . LEU A 1 96  ? -6.131  -3.440  -5.143  1.00 69.66  ? 96  LEU A CD1 1 
ATOM 681 C CD2 . LEU A 1 96  ? -5.244  -1.384  -3.975  1.00 102.96 ? 96  LEU A CD2 1 
ATOM 682 N N   . TYR A 1 97  ? -8.383  -3.166  0.024   1.00 98.22  ? 97  TYR A N   1 
ATOM 683 C CA  . TYR A 1 97  ? -8.730  -2.804  1.395   1.00 89.94  ? 97  TYR A CA  1 
ATOM 684 C C   . TYR A 1 97  ? -8.031  -3.723  2.392   1.00 81.51  ? 97  TYR A C   1 
ATOM 685 O O   . TYR A 1 97  ? -7.496  -3.263  3.404   1.00 90.68  ? 97  TYR A O   1 
ATOM 686 C CB  . TYR A 1 97  ? -10.245 -2.930  1.564   1.00 106.26 ? 97  TYR A CB  1 
ATOM 687 C CG  . TYR A 1 97  ? -11.041 -1.794  0.943   1.00 112.01 ? 97  TYR A CG  1 
ATOM 688 C CD1 . TYR A 1 97  ? -12.300 -1.434  1.433   1.00 98.43  ? 97  TYR A CD1 1 
ATOM 689 C CD2 . TYR A 1 97  ? -10.514 -1.065  -0.123  1.00 119.58 ? 97  TYR A CD2 1 
ATOM 690 C CE1 . TYR A 1 97  ? -13.017 -0.390  0.860   1.00 97.61  ? 97  TYR A CE1 1 
ATOM 691 C CE2 . TYR A 1 97  ? -11.215 -0.025  -0.698  1.00 122.10 ? 97  TYR A CE2 1 
ATOM 692 C CZ  . TYR A 1 97  ? -12.464 0.313   -0.210  1.00 115.65 ? 97  TYR A CZ  1 
ATOM 693 O OH  . TYR A 1 97  ? -13.133 1.361   -0.813  1.00 117.60 ? 97  TYR A OH  1 
ATOM 694 N N   . GLN A 1 98  ? -7.877  -4.988  2.002   1.00 74.64  ? 98  GLN A N   1 
ATOM 695 C CA  . GLN A 1 98  ? -7.242  -5.993  2.854   1.00 87.31  ? 98  GLN A CA  1 
ATOM 696 C C   . GLN A 1 98  ? -5.778  -5.629  3.070   1.00 83.18  ? 98  GLN A C   1 
ATOM 697 O O   . GLN A 1 98  ? -5.296  -5.591  4.203   1.00 80.35  ? 98  GLN A O   1 
ATOM 698 C CB  . GLN A 1 98  ? -7.360  -7.384  2.236   1.00 101.54 ? 98  GLN A CB  1 
ATOM 699 C CG  . GLN A 1 98  ? -8.481  -8.250  2.821   1.00 109.62 ? 98  GLN A CG  1 
ATOM 700 C CD  . GLN A 1 98  ? -8.966  -9.318  1.821   1.00 139.88 ? 98  GLN A CD  1 
ATOM 701 O OE1 . GLN A 1 98  ? -8.214  -9.732  0.932   1.00 149.95 ? 98  GLN A OE1 1 
ATOM 702 N NE2 . GLN A 1 98  ? -10.216 -9.775  1.978   1.00 134.17 ? 98  GLN A NE2 1 
ATOM 703 N N   . ILE A 1 99  ? -5.070  -5.397  1.965   1.00 85.13  ? 99  ILE A N   1 
ATOM 704 C CA  . ILE A 1 99  ? -3.669  -5.011  1.974   1.00 70.39  ? 99  ILE A CA  1 
ATOM 705 C C   . ILE A 1 99  ? -3.461  -3.707  2.747   1.00 66.23  ? 99  ILE A C   1 
ATOM 706 O O   . ILE A 1 99  ? -2.626  -3.625  3.661   1.00 75.13  ? 99  ILE A O   1 
ATOM 707 C CB  . ILE A 1 99  ? -3.183  -4.832  0.552   1.00 78.04  ? 99  ILE A CB  1 
ATOM 708 C CG1 . ILE A 1 99  ? -3.544  -6.074  -0.254  1.00 82.56  ? 99  ILE A CG1 1 
ATOM 709 C CG2 . ILE A 1 99  ? -1.688  -4.494  0.539   1.00 75.90  ? 99  ILE A CG2 1 
ATOM 710 C CD1 . ILE A 1 99  ? -3.385  -5.909  -1.746  1.00 90.89  ? 99  ILE A CD1 1 
ATOM 711 N N   . LEU A 1 100 ? -4.209  -2.680  2.377   1.00 68.64  ? 100 LEU A N   1 
ATOM 712 C CA  . LEU A 1 100 ? -4.107  -1.369  3.035   1.00 63.39  ? 100 LEU A CA  1 
ATOM 713 C C   . LEU A 1 100 ? -4.351  -1.466  4.539   1.00 61.51  ? 100 LEU A C   1 
ATOM 714 O O   . LEU A 1 100 ? -3.648  -0.838  5.333   1.00 63.85  ? 100 LEU A O   1 
ATOM 715 C CB  . LEU A 1 100 ? -5.115  -0.407  2.403   1.00 93.34  ? 100 LEU A CB  1 
ATOM 716 C CG  . LEU A 1 100 ? -4.758  -0.089  0.945   1.00 90.48  ? 100 LEU A CG  1 
ATOM 717 C CD1 . LEU A 1 100 ? -5.907  0.501   0.134   1.00 87.76  ? 100 LEU A CD1 1 
ATOM 718 C CD2 . LEU A 1 100 ? -3.554  0.845   0.962   1.00 82.63  ? 100 LEU A CD2 1 
ATOM 719 N N   . ARG A 1 101 ? -5.329  -2.282  4.928   1.00 70.18  ? 101 ARG A N   1 
ATOM 720 C CA  . ARG A 1 101 ? -5.673  -2.476  6.343   1.00 71.68  ? 101 ARG A CA  1 
ATOM 721 C C   . ARG A 1 101 ? -4.523  -3.105  7.123   1.00 73.03  ? 101 ARG A C   1 
ATOM 722 O O   . ARG A 1 101 ? -4.330  -2.822  8.311   1.00 73.02  ? 101 ARG A O   1 
ATOM 723 C CB  . ARG A 1 101 ? -6.945  -3.332  6.471   1.00 77.37  ? 101 ARG A CB  1 
ATOM 724 C CG  . ARG A 1 101 ? -7.253  -3.912  7.865   1.00 62.77  ? 101 ARG A CG  1 
ATOM 725 C CD  . ARG A 1 101 ? -7.520  -2.884  8.918   1.00 91.95  ? 101 ARG A CD  1 
ATOM 726 N NE  . ARG A 1 101 ? -7.936  -3.457  10.202  1.00 115.22 ? 101 ARG A NE  1 
ATOM 727 C CZ  . ARG A 1 101 ? -7.094  -3.722  11.200  1.00 123.42 ? 101 ARG A CZ  1 
ATOM 728 N NH1 . ARG A 1 101 ? -5.785  -3.535  11.019  1.00 131.46 ? 101 ARG A NH1 1 
ATOM 729 N NH2 . ARG A 1 101 ? -7.537  -4.245  12.345  1.00 99.17  ? 101 ARG A NH2 1 
ATOM 730 N N   . TRP A 1 102 ? -3.788  -3.999  6.474   1.00 59.83  ? 102 TRP A N   1 
ATOM 731 C CA  . TRP A 1 102 ? -2.665  -4.655  7.120   1.00 64.98  ? 102 TRP A CA  1 
ATOM 732 C C   . TRP A 1 102 ? -1.450  -3.762  7.133   1.00 72.17  ? 102 TRP A C   1 
ATOM 733 O O   . TRP A 1 102 ? -0.792  -3.607  8.161   1.00 75.03  ? 102 TRP A O   1 
ATOM 734 C CB  . TRP A 1 102 ? -2.306  -5.996  6.475   1.00 71.98  ? 102 TRP A CB  1 
ATOM 735 C CG  . TRP A 1 102 ? -1.212  -6.717  7.253   1.00 93.37  ? 102 TRP A CG  1 
ATOM 736 C CD1 . TRP A 1 102 ? -1.382  -7.524  8.353   1.00 88.78  ? 102 TRP A CD1 1 
ATOM 737 C CD2 . TRP A 1 102 ? 0.198   -6.737  6.964   1.00 100.19 ? 102 TRP A CD2 1 
ATOM 738 N NE1 . TRP A 1 102 ? -0.167  -8.007  8.781   1.00 95.00  ? 102 TRP A NE1 1 
ATOM 739 C CE2 . TRP A 1 102 ? 0.816   -7.549  7.941   1.00 96.78  ? 102 TRP A CE2 1 
ATOM 740 C CE3 . TRP A 1 102 ? 0.999   -6.131  5.985   1.00 99.41  ? 102 TRP A CE3 1 
ATOM 741 C CZ2 . TRP A 1 102 ? 2.194   -7.774  7.964   1.00 92.93  ? 102 TRP A CZ2 1 
ATOM 742 C CZ3 . TRP A 1 102 ? 2.375   -6.352  6.017   1.00 107.96 ? 102 TRP A CZ3 1 
ATOM 743 C CH2 . TRP A 1 102 ? 2.954   -7.168  6.998   1.00 105.70 ? 102 TRP A CH2 1 
ATOM 744 N N   . VAL A 1 103 ? -1.175  -3.137  5.995   1.00 72.94  ? 103 VAL A N   1 
ATOM 745 C CA  . VAL A 1 103 ? 0.050   -2.367  5.868   1.00 70.48  ? 103 VAL A CA  1 
ATOM 746 C C   . VAL A 1 103 ? 0.124   -0.988  6.521   1.00 70.69  ? 103 VAL A C   1 
ATOM 747 O O   . VAL A 1 103 ? 1.124   -0.661  7.162   1.00 77.94  ? 103 VAL A O   1 
ATOM 748 C CB  . VAL A 1 103 ? 0.361   -2.172  4.357   1.00 71.18  ? 103 VAL A CB  1 
ATOM 749 C CG1 . VAL A 1 103 ? 1.416   -1.108  4.157   1.00 79.80  ? 103 VAL A CG1 1 
ATOM 750 C CG2 . VAL A 1 103 ? 0.788   -3.498  3.736   1.00 70.89  ? 103 VAL A CG2 1 
ATOM 751 N N   . VAL A 1 104 ? -0.931  -0.202  6.357   1.00 67.47  ? 104 VAL A N   1 
ATOM 752 C CA  . VAL A 1 104 ? -0.925  1.188   6.779   1.00 55.84  ? 104 VAL A CA  1 
ATOM 753 C C   . VAL A 1 104 ? -0.727  1.407   8.288   1.00 69.35  ? 104 VAL A C   1 
ATOM 754 O O   . VAL A 1 104 ? 0.076   2.251   8.691   1.00 81.10  ? 104 VAL A O   1 
ATOM 755 C CB  . VAL A 1 104 ? -2.154  1.952   6.252   1.00 70.66  ? 104 VAL A CB  1 
ATOM 756 C CG1 . VAL A 1 104 ? -2.147  3.368   6.765   1.00 55.18  ? 104 VAL A CG1 1 
ATOM 757 C CG2 . VAL A 1 104 ? -2.084  2.001   4.735   1.00 61.93  ? 104 VAL A CG2 1 
ATOM 758 N N   . PRO A 1 105 ? -1.468  0.656   9.124   1.00 94.41  ? 105 PRO A N   1 
ATOM 759 C CA  . PRO A 1 105 ? -1.056  0.671   10.524  1.00 93.68  ? 105 PRO A CA  1 
ATOM 760 C C   . PRO A 1 105 ? 0.280   -0.047  10.568  1.00 101.18 ? 105 PRO A C   1 
ATOM 761 O O   . PRO A 1 105 ? 0.423   -1.003  9.812   1.00 128.86 ? 105 PRO A O   1 
ATOM 762 C CB  . PRO A 1 105 ? -2.109  -0.195  11.214  1.00 85.20  ? 105 PRO A CB  1 
ATOM 763 C CG  . PRO A 1 105 ? -3.240  -0.267  10.270  1.00 70.34  ? 105 PRO A CG  1 
ATOM 764 C CD  . PRO A 1 105 ? -2.614  -0.237  8.911   1.00 83.03  ? 105 PRO A CD  1 
ATOM 765 N N   . GLN A 1 106 ? 1.250   0.441   11.325  1.00 68.01  ? 106 GLN A N   1 
ATOM 766 C CA  . GLN A 1 106 ? 2.561   -0.218  11.357  1.00 81.24  ? 106 GLN A CA  1 
ATOM 767 C C   . GLN A 1 106 ? 3.467   0.315   10.251  1.00 65.45  ? 106 GLN A C   1 
ATOM 768 O O   . GLN A 1 106 ? 4.600   -0.161  10.061  1.00 65.01  ? 106 GLN A O   1 
ATOM 769 C CB  . GLN A 1 106 ? 2.476   -1.759  11.298  1.00 69.60  ? 106 GLN A CB  1 
ATOM 770 C CG  . GLN A 1 106 ? 2.884   -2.361  9.941   1.00 81.06  ? 106 GLN A CG  1 
ATOM 771 C CD  . GLN A 1 106 ? 2.528   -3.833  9.816   1.00 89.93  ? 106 GLN A CD  1 
ATOM 772 O OE1 . GLN A 1 106 ? 3.087   -4.661  10.533  1.00 101.84 ? 106 GLN A OE1 1 
ATOM 773 N NE2 . GLN A 1 106 ? 1.616   -4.170  8.900   1.00 79.73  ? 106 GLN A NE2 1 
ATOM 774 N N   . ALA A 1 107 ? 2.998   1.350   9.565   1.00 73.45  ? 107 ALA A N   1 
ATOM 775 C CA  . ALA A 1 107 ? 3.801   2.019   8.551   1.00 76.47  ? 107 ALA A CA  1 
ATOM 776 C C   . ALA A 1 107 ? 4.965   2.787   9.175   1.00 60.96  ? 107 ALA A C   1 
ATOM 777 O O   . ALA A 1 107 ? 6.061   2.833   8.607   1.00 74.55  ? 107 ALA A O   1 
ATOM 778 C CB  . ALA A 1 107 ? 2.912   2.984   7.788   1.00 57.28  ? 107 ALA A CB  1 
ATOM 779 N N   . GLN A 1 108 ? 4.731   3.388   10.334  1.00 60.56  ? 108 GLN A N   1 
ATOM 780 C CA  . GLN A 1 108 ? 5.757   4.091   11.102  1.00 60.64  ? 108 GLN A CA  1 
ATOM 781 C C   . GLN A 1 108 ? 6.866   3.074   11.402  1.00 61.17  ? 108 GLN A C   1 
ATOM 782 O O   . GLN A 1 108 ? 8.052   3.364   11.223  1.00 75.33  ? 108 GLN A O   1 
ATOM 783 C CB  . GLN A 1 108 ? 5.150   4.661   12.356  1.00 57.05  ? 108 GLN A CB  1 
ATOM 784 C CG  . GLN A 1 108 ? 5.873   5.836   12.982  1.00 90.04  ? 108 GLN A CG  1 
ATOM 785 C CD  . GLN A 1 108 ? 5.371   6.122   14.396  1.00 115.91 ? 108 GLN A CD  1 
ATOM 786 O OE1 . GLN A 1 108 ? 4.849   5.233   15.078  1.00 112.95 ? 108 GLN A OE1 1 
ATOM 787 N NE2 . GLN A 1 108 ? 5.475   7.392   14.816  1.00 111.61 ? 108 GLN A NE2 1 
ATOM 788 N N   . LEU A 1 109 ? 6.491   1.877   11.839  1.00 65.08  ? 109 LEU A N   1 
ATOM 789 C CA  . LEU A 1 109 ? 7.486   0.818   12.071  1.00 62.45  ? 109 LEU A CA  1 
ATOM 790 C C   . LEU A 1 109 ? 8.179   0.317   10.825  1.00 77.20  ? 109 LEU A C   1 
ATOM 791 O O   . LEU A 1 109 ? 9.351   -0.044  10.876  1.00 75.66  ? 109 LEU A O   1 
ATOM 792 C CB  . LEU A 1 109 ? 6.829   -0.388  12.735  1.00 61.57  ? 109 LEU A CB  1 
ATOM 793 C CG  . LEU A 1 109 ? 7.896   -1.459  12.976  1.00 60.99  ? 109 LEU A CG  1 
ATOM 794 C CD1 . LEU A 1 109 ? 8.949   -1.186  14.055  1.00 66.43  ? 109 LEU A CD1 1 
ATOM 795 C CD2 . LEU A 1 109 ? 7.200   -2.772  13.184  1.00 69.74  ? 109 LEU A CD2 1 
ATOM 796 N N   . LEU A 1 110 ? 7.450   0.272   9.711   1.00 76.52  ? 110 LEU A N   1 
ATOM 797 C CA  . LEU A 1 110 ? 8.003   -0.246  8.459   1.00 54.42  ? 110 LEU A CA  1 
ATOM 798 C C   . LEU A 1 110 ? 8.986   0.818   7.955   1.00 57.17  ? 110 LEU A C   1 
ATOM 799 O O   . LEU A 1 110 ? 10.077  0.500   7.454   1.00 67.94  ? 110 LEU A O   1 
ATOM 800 C CB  . LEU A 1 110 ? 6.849   -0.537  7.478   1.00 68.09  ? 110 LEU A CB  1 
ATOM 801 C CG  . LEU A 1 110 ? 5.944   -1.734  7.868   1.00 88.70  ? 110 LEU A CG  1 
ATOM 802 C CD1 . LEU A 1 110 ? 4.631   -1.919  7.082   1.00 69.29  ? 110 LEU A CD1 1 
ATOM 803 C CD2 . LEU A 1 110 ? 6.749   -3.041  7.891   1.00 65.42  ? 110 LEU A CD2 1 
ATOM 804 N N   . GLU A 1 111 ? 8.592   2.087   8.115   1.00 57.89  ? 111 GLU A N   1 
ATOM 805 C CA  . GLU A 1 111 ? 9.403   3.233   7.679   1.00 67.33  ? 111 GLU A CA  1 
ATOM 806 C C   . GLU A 1 111 ? 10.718  3.311   8.481   1.00 67.87  ? 111 GLU A C   1 
ATOM 807 O O   . GLU A 1 111 ? 11.804  3.483   7.913   1.00 65.26  ? 111 GLU A O   1 
ATOM 808 C CB  . GLU A 1 111 ? 8.639   4.562   7.826   1.00 61.55  ? 111 GLU A CB  1 
ATOM 809 C CG  . GLU A 1 111 ? 9.438   5.794   7.338   1.00 77.43  ? 111 GLU A CG  1 
ATOM 810 C CD  . GLU A 1 111 ? 8.874   7.118   7.845   1.00 126.56 ? 111 GLU A CD  1 
ATOM 811 O OE1 . GLU A 1 111 ? 9.046   8.144   7.142   1.00 135.48 ? 111 GLU A OE1 1 
ATOM 812 O OE2 . GLU A 1 111 ? 8.273   7.138   8.943   1.00 148.88 ? 111 GLU A OE2 1 
ATOM 813 N N   . LYS A 1 112 ? 10.616  3.238   9.806   1.00 68.45  ? 112 LYS A N   1 
ATOM 814 C CA  . LYS A 1 112 ? 11.822  3.215   10.625  1.00 67.15  ? 112 LYS A CA  1 
ATOM 815 C C   . LYS A 1 112 ? 12.823  2.175   10.100  1.00 70.95  ? 112 LYS A C   1 
ATOM 816 O O   . LYS A 1 112 ? 14.018  2.460   9.984   1.00 75.62  ? 112 LYS A O   1 
ATOM 817 C CB  . LYS A 1 112 ? 11.492  2.952   12.093  1.00 65.36  ? 112 LYS A CB  1 
ATOM 818 C CG  . LYS A 1 112 ? 12.510  2.121   12.812  1.00 62.15  ? 112 LYS A CG  1 
ATOM 819 C CD  . LYS A 1 112 ? 12.441  2.420   14.288  1.00 90.85  ? 112 LYS A CD  1 
ATOM 820 C CE  . LYS A 1 112 ? 13.680  1.890   14.983  1.00 114.71 ? 112 LYS A CE  1 
ATOM 821 N NZ  . LYS A 1 112 ? 14.912  2.482   14.368  1.00 118.06 ? 112 LYS A NZ  1 
ATOM 822 N N   . ARG A 1 113 ? 12.352  0.951   9.872   1.00 68.68  ? 113 ARG A N   1 
ATOM 823 C CA  . ARG A 1 113 ? 13.227  -0.133  9.395   1.00 73.08  ? 113 ARG A CA  1 
ATOM 824 C C   . ARG A 1 113 ? 13.747  0.046   7.961   1.00 79.61  ? 113 ARG A C   1 
ATOM 825 O O   . ARG A 1 113 ? 14.895  -0.312  7.642   1.00 77.19  ? 113 ARG A O   1 
ATOM 826 C CB  . ARG A 1 113 ? 12.507  -1.491  9.467   1.00 55.37  ? 113 ARG A CB  1 
ATOM 827 C CG  . ARG A 1 113 ? 12.233  -1.987  10.872  1.00 51.41  ? 113 ARG A CG  1 
ATOM 828 C CD  . ARG A 1 113 ? 11.449  -3.280  10.849  1.00 66.76  ? 113 ARG A CD  1 
ATOM 829 N NE  . ARG A 1 113 ? 11.584  -4.012  12.107  1.00 91.89  ? 113 ARG A NE  1 
ATOM 830 C CZ  . ARG A 1 113 ? 11.119  -5.242  12.323  1.00 112.99 ? 113 ARG A CZ  1 
ATOM 831 N NH1 . ARG A 1 113 ? 10.492  -5.910  11.363  1.00 116.11 ? 113 ARG A NH1 1 
ATOM 832 N NH2 . ARG A 1 113 ? 11.304  -5.814  13.502  1.00 125.70 ? 113 ARG A NH2 1 
ATOM 833 N N   . ALA A 1 114 ? 12.929  0.679   7.123   1.00 68.37  ? 114 ALA A N   1 
ATOM 834 C CA  . ALA A 1 114 ? 13.296  0.985   5.744   1.00 80.34  ? 114 ALA A CA  1 
ATOM 835 C C   . ALA A 1 114 ? 14.298  2.134   5.613   1.00 90.70  ? 114 ALA A C   1 
ATOM 836 O O   . ALA A 1 114 ? 15.159  2.127   4.731   1.00 84.50  ? 114 ALA A O   1 
ATOM 837 C CB  . ALA A 1 114 ? 12.040  1.289   4.899   1.00 52.57  ? 114 ALA A CB  1 
ATOM 838 N N   . PHE A 1 115 ? 14.175  3.103   6.513   1.00 120.95 ? 115 PHE A N   1 
ATOM 839 C CA  . PHE A 1 115 ? 14.969  4.317   6.558   1.00 113.49 ? 115 PHE A CA  1 
ATOM 840 C C   . PHE A 1 115 ? 16.416  4.011   6.923   1.00 88.45  ? 115 PHE A C   1 
ATOM 841 O O   . PHE A 1 115 ? 17.304  4.781   6.614   1.00 90.19  ? 115 PHE A O   1 
ATOM 842 C CB  . PHE A 1 115 ? 14.306  5.220   7.626   1.00 128.35 ? 115 PHE A CB  1 
ATOM 843 C CG  . PHE A 1 115 ? 14.944  6.590   7.833   1.00 127.83 ? 115 PHE A CG  1 
ATOM 844 C CD1 . PHE A 1 115 ? 14.459  7.708   7.156   1.00 112.69 ? 115 PHE A CD1 1 
ATOM 845 C CD2 . PHE A 1 115 ? 15.944  6.775   8.795   1.00 120.40 ? 115 PHE A CD2 1 
ATOM 846 C CE1 . PHE A 1 115 ? 15.005  8.966   7.379   1.00 104.70 ? 115 PHE A CE1 1 
ATOM 847 C CE2 . PHE A 1 115 ? 16.497  8.035   9.028   1.00 95.85  ? 115 PHE A CE2 1 
ATOM 848 C CZ  . PHE A 1 115 ? 16.026  9.133   8.325   1.00 105.67 ? 115 PHE A CZ  1 
ATOM 849 N N   . VAL A 1 116 ? 16.658  2.846   7.509   1.00 89.62  ? 116 VAL A N   1 
ATOM 850 C CA  . VAL A 1 116 ? 17.932  2.524   8.156   1.00 95.67  ? 116 VAL A CA  1 
ATOM 851 C C   . VAL A 1 116 ? 19.117  2.386   7.180   1.00 98.79  ? 116 VAL A C   1 
ATOM 852 O O   . VAL A 1 116 ? 19.029  1.668   6.173   1.00 91.91  ? 116 VAL A O   1 
ATOM 853 C CB  . VAL A 1 116 ? 17.799  1.271   9.036   1.00 102.98 ? 116 VAL A CB  1 
ATOM 854 C CG1 . VAL A 1 116 ? 19.051  0.409   8.918   1.00 103.90 ? 116 VAL A CG1 1 
ATOM 855 C CG2 . VAL A 1 116 ? 17.571  1.652   10.481  1.00 92.15  ? 116 VAL A CG2 1 
ATOM 856 N N   . GLY A 1 117 ? 20.230  3.050   7.518   1.00 103.39 ? 117 GLY A N   1 
ATOM 857 C CA  . GLY A 1 117 ? 21.454  3.073   6.723   1.00 94.69  ? 117 GLY A CA  1 
ATOM 858 C C   . GLY A 1 117 ? 21.457  3.848   5.407   1.00 114.06 ? 117 GLY A C   1 
ATOM 859 O O   . GLY A 1 117 ? 22.489  3.914   4.737   1.00 131.67 ? 117 GLY A O   1 
ATOM 860 N N   . TYR A 1 118 ? 20.311  4.415   5.030   1.00 122.45 ? 118 TYR A N   1 
ATOM 861 C CA  . TYR A 1 118 ? 20.151  5.177   3.778   1.00 110.71 ? 118 TYR A CA  1 
ATOM 862 C C   . TYR A 1 118 ? 21.023  6.449   3.769   1.00 118.43 ? 118 TYR A C   1 
ATOM 863 O O   . TYR A 1 118 ? 21.639  6.808   2.763   1.00 111.33 ? 118 TYR A O   1 
ATOM 864 C CB  . TYR A 1 118 ? 18.685  5.563   3.578   1.00 91.40  ? 118 TYR A CB  1 
ATOM 865 C CG  . TYR A 1 118 ? 18.353  6.279   2.283   1.00 98.62  ? 118 TYR A CG  1 
ATOM 866 C CD1 . TYR A 1 118 ? 18.351  5.596   1.063   1.00 88.09  ? 118 TYR A CD1 1 
ATOM 867 C CD2 . TYR A 1 118 ? 17.961  7.627   2.293   1.00 86.85  ? 118 TYR A CD2 1 
ATOM 868 C CE1 . TYR A 1 118 ? 18.008  6.243   -0.120  1.00 109.13 ? 118 TYR A CE1 1 
ATOM 869 C CE2 . TYR A 1 118 ? 17.625  8.285   1.114   1.00 122.33 ? 118 TYR A CE2 1 
ATOM 870 C CZ  . TYR A 1 118 ? 17.645  7.590   -0.088  1.00 116.28 ? 118 TYR A CZ  1 
ATOM 871 O OH  . TYR A 1 118 ? 17.306  8.249   -1.257  1.00 103.74 ? 118 TYR A OH  1 
ATOM 872 N N   . TYR A 1 119 ? 21.067  7.130   4.905   1.00 125.18 ? 119 TYR A N   1 
ATOM 873 C CA  . TYR A 1 119 ? 21.679  8.443   4.993   1.00 109.52 ? 119 TYR A CA  1 
ATOM 874 C C   . TYR A 1 119 ? 23.024  8.275   5.671   1.00 108.73 ? 119 TYR A C   1 
ATOM 875 O O   . TYR A 1 119 ? 23.191  7.487   6.607   1.00 126.29 ? 119 TYR A O   1 
ATOM 876 C CB  . TYR A 1 119 ? 20.803  9.409   5.811   1.00 104.72 ? 119 TYR A CB  1 
ATOM 877 C CG  . TYR A 1 119 ? 19.550  9.936   5.121   1.00 104.72 ? 119 TYR A CG  1 
ATOM 878 C CD1 . TYR A 1 119 ? 19.653  10.818  4.025   1.00 94.11  ? 119 TYR A CD1 1 
ATOM 879 C CD2 . TYR A 1 119 ? 18.274  9.530   5.524   1.00 98.23  ? 119 TYR A CD2 1 
ATOM 880 C CE1 . TYR A 1 119 ? 18.520  11.304  3.382   1.00 97.87  ? 119 TYR A CE1 1 
ATOM 881 C CE2 . TYR A 1 119 ? 17.136  10.003  4.878   1.00 85.96  ? 119 TYR A CE2 1 
ATOM 882 C CZ  . TYR A 1 119 ? 17.261  10.884  3.815   1.00 105.82 ? 119 TYR A CZ  1 
ATOM 883 O OH  . TYR A 1 119 ? 16.125  11.359  3.184   1.00 99.94  ? 119 TYR A OH  1 
ATOM 884 N N   . LEU A 1 120 ? 24.008  8.964   5.114   1.00 101.46 ? 120 LEU A N   1 
ATOM 885 C CA  . LEU A 1 120 ? 25.359  8.924   5.618   1.00 92.05  ? 120 LEU A CA  1 
ATOM 886 C C   . LEU A 1 120 ? 25.404  9.246   7.113   1.00 102.75 ? 120 LEU A C   1 
ATOM 887 O O   . LEU A 1 120 ? 26.166  8.636   7.853   1.00 108.80 ? 120 LEU A O   1 
ATOM 888 C CB  . LEU A 1 120 ? 26.230  9.873   4.809   1.00 116.66 ? 120 LEU A CB  1 
ATOM 889 C CG  . LEU A 1 120 ? 26.988  9.154   3.685   1.00 113.43 ? 120 LEU A CG  1 
ATOM 890 C CD1 . LEU A 1 120 ? 26.281  9.277   2.335   1.00 113.10 ? 120 LEU A CD1 1 
ATOM 891 C CD2 . LEU A 1 120 ? 28.375  9.712   3.611   1.00 96.40  ? 120 LEU A CD2 1 
ATOM 892 N N   . SER A 1 121 ? 24.618  10.230  7.555   1.00 95.41  ? 121 SER A N   1 
ATOM 893 C CA  . SER A 1 121 ? 24.643  10.636  8.962   1.00 106.06 ? 121 SER A CA  1 
ATOM 894 C C   . SER A 1 121 ? 24.023  9.604   9.912   1.00 109.95 ? 121 SER A C   1 
ATOM 895 O O   . SER A 1 121 ? 24.235  9.666   11.127  1.00 111.19 ? 121 SER A O   1 
ATOM 896 C CB  . SER A 1 121 ? 23.984  12.006  9.136   1.00 116.49 ? 121 SER A CB  1 
ATOM 897 O OG  . SER A 1 121 ? 24.622  12.973  8.318   1.00 123.92 ? 121 SER A OG  1 
ATOM 898 N N   . PHE A 1 122 ? 23.278  8.654   9.344   1.00 104.50 ? 122 PHE A N   1 
ATOM 899 C CA  . PHE A 1 122 ? 22.565  7.592   10.081  1.00 112.73 ? 122 PHE A CA  1 
ATOM 900 C C   . PHE A 1 122 ? 22.905  6.179   9.591   1.00 117.81 ? 122 PHE A C   1 
ATOM 901 O O   . PHE A 1 122 ? 22.031  5.481   9.060   1.00 104.00 ? 122 PHE A O   1 
ATOM 902 C CB  . PHE A 1 122 ? 21.049  7.799   10.026  1.00 115.78 ? 122 PHE A CB  1 
ATOM 903 C CG  . PHE A 1 122 ? 20.599  9.214   10.288  1.00 100.41 ? 122 PHE A CG  1 
ATOM 904 C CD1 . PHE A 1 122 ? 20.816  9.815   11.515  1.00 101.29 ? 122 PHE A CD1 1 
ATOM 905 C CD2 . PHE A 1 122 ? 19.942  9.934   9.304   1.00 99.54  ? 122 PHE A CD2 1 
ATOM 906 C CE1 . PHE A 1 122 ? 20.396  11.110  11.754  1.00 95.11  ? 122 PHE A CE1 1 
ATOM 907 C CE2 . PHE A 1 122 ? 19.519  11.227  9.538   1.00 96.62  ? 122 PHE A CE2 1 
ATOM 908 C CZ  . PHE A 1 122 ? 19.748  11.814  10.761  1.00 92.28  ? 122 PHE A CZ  1 
ATOM 909 N N   . PRO A 1 123 ? 24.154  5.735   9.835   1.00 125.38 ? 123 PRO A N   1 
ATOM 910 C CA  . PRO A 1 123 ? 24.685  4.409   9.510   1.00 133.11 ? 123 PRO A CA  1 
ATOM 911 C C   . PRO A 1 123 ? 23.772  3.289   9.933   1.00 140.54 ? 123 PRO A C   1 
ATOM 912 C CB  . PRO A 1 123 ? 25.950  4.330   10.354  1.00 142.05 ? 123 PRO A CB  1 
ATOM 913 C CG  . PRO A 1 123 ? 26.396  5.723   10.496  1.00 137.74 ? 123 PRO A CG  1 
ATOM 914 C CD  . PRO A 1 123 ? 25.158  6.566   10.524  1.00 128.26 ? 123 PRO A CD  1 
ATOM 915 N N   . ASP A 1 124 ? 23.887  2.177   9.227   1.00 132.01 ? 124 ASP A N   1 
ATOM 916 C CA  . ASP A 1 124 ? 23.245  0.968   9.682   1.00 130.66 ? 124 ASP A CA  1 
ATOM 917 C C   . ASP A 1 124 ? 23.944  0.450   10.939  1.00 127.34 ? 124 ASP A C   1 
ATOM 918 O O   . ASP A 1 124 ? 23.745  0.985   12.039  1.00 120.24 ? 124 ASP A O   1 
ATOM 919 C CB  . ASP A 1 124 ? 23.258  -0.083  8.586   1.00 132.69 ? 124 ASP A CB  1 
ATOM 920 C CG  . ASP A 1 124 ? 22.209  -1.138  8.799   1.00 143.97 ? 124 ASP A CG  1 
ATOM 921 O OD1 . ASP A 1 124 ? 21.822  -1.801  7.809   1.00 149.49 ? 124 ASP A OD1 1 
ATOM 922 O OD2 . ASP A 1 124 ? 21.755  -1.281  9.956   1.00 136.98 ? 124 ASP A OD2 1 
# 
loop_
_atom_site_anisotrop.id 
_atom_site_anisotrop.type_symbol 
_atom_site_anisotrop.pdbx_label_atom_id 
_atom_site_anisotrop.pdbx_label_alt_id 
_atom_site_anisotrop.pdbx_label_comp_id 
_atom_site_anisotrop.pdbx_label_asym_id 
_atom_site_anisotrop.pdbx_label_seq_id 
_atom_site_anisotrop.pdbx_PDB_ins_code 
_atom_site_anisotrop.U[1][1] 
_atom_site_anisotrop.U[2][2] 
_atom_site_anisotrop.U[3][3] 
_atom_site_anisotrop.U[1][2] 
_atom_site_anisotrop.U[1][3] 
_atom_site_anisotrop.U[2][3] 
_atom_site_anisotrop.pdbx_auth_seq_id 
_atom_site_anisotrop.pdbx_auth_comp_id 
_atom_site_anisotrop.pdbx_auth_asym_id 
_atom_site_anisotrop.pdbx_auth_atom_id 
1   N N   . MET A 1   ? 0.9394 1.7420 1.4593 0.0191  -0.2909 0.0791  1   MET A N   
2   C CA  . MET A 1   ? 0.9822 1.8134 1.5161 0.0701  -0.2426 0.1033  1   MET A CA  
3   C C   . MET A 1   ? 0.9827 1.8779 1.6123 0.0563  -0.2058 0.1246  1   MET A C   
4   O O   . MET A 1   ? 0.9881 1.9489 1.7103 0.0145  -0.2252 0.1350  1   MET A O   
5   C CB  . MET A 1   ? 0.8472 1.7499 1.4093 0.1208  -0.2596 0.1295  1   MET A CB  
6   C CG  . MET A 1   ? 1.1175 1.9798 1.6081 0.1267  -0.3087 0.1138  1   MET A CG  
7   S SD  . MET A 1   ? 2.8265 3.7336 3.3044 0.2056  -0.3161 0.1428  1   MET A SD  
8   C CE  . MET A 1   ? 0.7917 1.6534 1.2302 0.2565  -0.2421 0.1545  1   MET A CE  
9   N N   . GLY A 2   ? 0.8552 1.7176 1.4504 0.0874  -0.1532 0.1286  2   GLY A N   
10  C CA  . GLY A 2   ? 0.9041 1.6774 1.3840 0.1244  -0.1376 0.1129  2   GLY A CA  
11  C C   . GLY A 2   ? 1.1337 1.8146 1.5407 0.0947  -0.1184 0.0843  2   GLY A C   
12  O O   . GLY A 2   ? 1.0105 1.6545 1.3797 0.1093  -0.0783 0.0818  2   GLY A O   
13  N N   . ASP A 3   ? 1.2022 1.8485 1.5876 0.0536  -0.1511 0.0624  3   ASP A N   
14  C CA  . ASP A 3   ? 1.2431 1.7934 1.5319 0.0365  -0.1454 0.0338  3   ASP A CA  
15  C C   . ASP A 3   ? 1.0642 1.5602 1.2646 0.0700  -0.1465 0.0291  3   ASP A C   
16  O O   . ASP A 3   ? 0.8441 1.2725 0.9691 0.0723  -0.1220 0.0168  3   ASP A O   
17  C CB  . ASP A 3   ? 1.4452 1.9680 1.7203 -0.0043 -0.1839 0.0135  3   ASP A CB  
18  C CG  . ASP A 3   ? 1.4374 1.9504 1.7408 -0.0404 -0.1685 0.0063  3   ASP A CG  
19  O OD1 . ASP A 3   ? 1.4258 1.9692 1.7741 -0.0341 -0.1306 0.0212  3   ASP A OD1 
20  O OD2 . ASP A 3   ? 1.4599 1.9257 1.7290 -0.0706 -0.1923 -0.0144 3   ASP A OD2 
21  N N   . VAL A 4   ? 1.1950 1.7182 1.4016 0.0917  -0.1791 0.0389  4   VAL A N   
22  C CA  . VAL A 4   ? 1.1433 1.6103 1.2634 0.1292  -0.1800 0.0392  4   VAL A CA  
23  C C   . VAL A 4   ? 1.1446 1.5766 1.2257 0.1627  -0.1361 0.0470  4   VAL A C   
24  O O   . VAL A 4   ? 1.1447 1.4890 1.1304 0.1647  -0.1225 0.0344  4   VAL A O   
25  C CB  . VAL A 4   ? 1.1434 1.6629 1.2901 0.1587  -0.2178 0.0561  4   VAL A CB  
26  C CG1 . VAL A 4   ? 1.0510 1.5063 1.1062 0.2066  -0.2095 0.0618  4   VAL A CG1 
27  C CG2 . VAL A 4   ? 1.3698 1.8883 1.5104 0.1254  -0.2675 0.0406  4   VAL A CG2 
28  N N   . SER A 5   ? 0.9489 1.4456 1.0980 0.1887  -0.1144 0.0682  5   SER A N   
29  C CA  . SER A 5   ? 0.8343 1.2878 0.9337 0.2246  -0.0752 0.0735  5   SER A CA  
30  C C   . SER A 5   ? 0.9991 1.3927 1.0514 0.1953  -0.0466 0.0539  5   SER A C   
31  O O   . SER A 5   ? 1.0979 1.4172 1.0686 0.2088  -0.0265 0.0466  5   SER A O   
32  C CB  . SER A 5   ? 0.8447 1.3828 1.0233 0.2644  -0.0549 0.1024  5   SER A CB  
33  O OG  . SER A 5   ? 1.0744 1.6678 1.3298 0.2355  -0.0368 0.1060  5   SER A OG  
34  N N   . TYR A 6   ? 0.8000 1.2241 0.9010 0.1535  -0.0486 0.0455  6   TYR A N   
35  C CA  . TYR A 6   ? 0.7802 1.1644 0.8476 0.1251  -0.0257 0.0291  6   TYR A CA  
36  C C   . TYR A 6   ? 0.8574 1.1610 0.8324 0.1065  -0.0352 0.0097  6   TYR A C   
37  O O   . TYR A 6   ? 0.9403 1.1914 0.8537 0.1009  -0.0154 0.0009  6   TYR A O   
38  C CB  . TYR A 6   ? 0.7063 1.1413 0.8477 0.0916  -0.0270 0.0285  6   TYR A CB  
39  C CG  . TYR A 6   ? 0.5808 1.0165 0.7279 0.0828  0.0072  0.0266  6   TYR A CG  
40  C CD1 . TYR A 6   ? 0.6704 1.1662 0.8887 0.0954  0.0289  0.0461  6   TYR A CD1 
41  C CD2 . TYR A 6   ? 0.8298 1.2152 0.9161 0.0618  0.0175  0.0086  6   TYR A CD2 
42  C CE1 . TYR A 6   ? 0.9686 1.4649 1.1875 0.0914  0.0593  0.0461  6   TYR A CE1 
43  C CE2 . TYR A 6   ? 0.7524 1.1474 0.8459 0.0567  0.0458  0.0086  6   TYR A CE2 
44  C CZ  . TYR A 6   ? 1.0334 1.4799 1.1894 0.0728  0.0657  0.0265  6   TYR A CZ  
45  O OH  . TYR A 6   ? 1.2018 1.6568 1.3592 0.0722  0.0933  0.0282  6   TYR A OH  
46  N N   . ILE A 7   ? 0.9091 1.2064 0.8756 0.0935  -0.0663 0.0038  7   ILE A N   
47  C CA  . ILE A 7   ? 0.9317 1.1557 0.8096 0.0796  -0.0732 -0.0102 7   ILE A CA  
48  C C   . ILE A 7   ? 0.8673 1.0279 0.6688 0.1061  -0.0654 -0.0052 7   ILE A C   
49  O O   . ILE A 7   ? 1.0395 1.1419 0.7773 0.0916  -0.0466 -0.0127 7   ILE A O   
50  C CB  . ILE A 7   ? 0.9671 1.1891 0.8365 0.0713  -0.1102 -0.0157 7   ILE A CB  
51  C CG1 . ILE A 7   ? 1.0025 1.2605 0.9251 0.0403  -0.1201 -0.0251 7   ILE A CG1 
52  C CG2 . ILE A 7   ? 0.7663 0.9081 0.5337 0.0662  -0.1119 -0.0244 7   ILE A CG2 
53  C CD1 . ILE A 7   ? 0.9593 1.2221 0.8827 0.0322  -0.1648 -0.0315 7   ILE A CD1 
54  N N   . VAL A 8   ? 1.0416 1.2169 0.8541 0.1456  -0.0769 0.0097  8   VAL A N   
55  C CA  . VAL A 8   ? 1.2297 1.3305 0.9586 0.1783  -0.0702 0.0159  8   VAL A CA  
56  C C   . VAL A 8   ? 1.2419 1.2964 0.9313 0.1819  -0.0370 0.0128  8   VAL A C   
57  O O   . VAL A 8   ? 1.3217 1.2846 0.9192 0.1781  -0.0285 0.0075  8   VAL A O   
58  C CB  . VAL A 8   ? 1.1176 1.2529 0.8697 0.2301  -0.0879 0.0360  8   VAL A CB  
59  C CG1 . VAL A 8   ? 1.1073 1.1638 0.7773 0.2733  -0.0699 0.0443  8   VAL A CG1 
60  C CG2 . VAL A 8   ? 1.0678 1.2081 0.8087 0.2282  -0.1262 0.0363  8   VAL A CG2 
61  N N   . ASP A 9   ? 0.9598 1.0732 0.7142 0.1895  -0.0197 0.0173  9   ASP A N   
62  C CA  . ASP A 9   ? 1.0129 1.0880 0.7303 0.1914  0.0086  0.0118  9   ASP A CA  
63  C C   . ASP A 9   ? 1.0558 1.0888 0.7296 0.1399  0.0149  -0.0064 9   ASP A C   
64  O O   . ASP A 9   ? 1.0673 1.0301 0.6688 0.1316  0.0268  -0.0145 9   ASP A O   
65  C CB  . ASP A 9   ? 0.9745 1.1286 0.7724 0.2095  0.0271  0.0221  9   ASP A CB  
66  C CG  . ASP A 9   ? 0.9411 1.1242 0.7614 0.2696  0.0326  0.0441  9   ASP A CG  
67  O OD1 . ASP A 9   ? 1.0529 1.3039 0.9390 0.2902  0.0516  0.0580  9   ASP A OD1 
68  O OD2 . ASP A 9   ? 0.9604 1.0978 0.7290 0.3004  0.0211  0.0500  9   ASP A OD2 
69  N N   . SER A 10  ? 0.9952 1.0739 0.7139 0.1058  0.0069  -0.0121 10  SER A N   
70  C CA  . SER A 10  ? 0.9493 1.0086 0.6390 0.0623  0.0155  -0.0247 10  SER A CA  
71  C C   . SER A 10  ? 1.0734 1.0528 0.6762 0.0441  0.0098  -0.0284 10  SER A C   
72  O O   . SER A 10  ? 1.2477 1.1969 0.8104 0.0118  0.0209  -0.0345 10  SER A O   
73  C CB  . SER A 10  ? 1.0605 1.1832 0.8134 0.0398  0.0120  -0.0279 10  SER A CB  
74  O OG  . SER A 10  ? 0.9297 1.1167 0.7570 0.0500  0.0223  -0.0226 10  SER A OG  
75  N N   . LEU A 11  ? 1.1337 1.0840 0.7097 0.0634  -0.0080 -0.0223 11  LEU A N   
76  C CA  . LEU A 11  ? 1.3299 1.1958 0.8164 0.0521  -0.0112 -0.0212 11  LEU A CA  
77  C C   . LEU A 11  ? 1.3105 1.0872 0.7189 0.0614  -0.0006 -0.0196 11  LEU A C   
78  O O   . LEU A 11  ? 1.5068 1.2053 0.8380 0.0384  0.0029  -0.0188 11  LEU A O   
79  C CB  . LEU A 11  ? 1.2658 1.1251 0.7402 0.0762  -0.0351 -0.0139 11  LEU A CB  
80  C CG  . LEU A 11  ? 1.3732 1.2941 0.8983 0.0633  -0.0515 -0.0188 11  LEU A CG  
81  C CD1 . LEU A 11  ? 1.4523 1.3759 0.9715 0.0923  -0.0828 -0.0125 11  LEU A CD1 
82  C CD2 . LEU A 11  ? 0.9386 0.8423 0.4306 0.0231  -0.0389 -0.0255 11  LEU A CD2 
83  N N   . GLY A 12  ? 1.2174 0.9997 0.6402 0.0945  0.0061  -0.0182 12  GLY A N   
84  C CA  . GLY A 12  ? 1.2713 0.9550 0.6075 0.1097  0.0157  -0.0192 12  GLY A CA  
85  C C   . GLY A 12  ? 1.4475 1.1086 0.7606 0.0704  0.0287  -0.0324 12  GLY A C   
86  O O   . GLY A 12  ? 1.9676 1.5326 1.1964 0.0703  0.0339  -0.0378 12  GLY A O   
87  N N   . LEU A 13  ? 1.2439 0.9911 0.6277 0.0379  0.0321  -0.0379 13  LEU A N   
88  C CA  . LEU A 13  ? 1.1436 0.8928 0.5178 -0.0041 0.0404  -0.0487 13  LEU A CA  
89  C C   . LEU A 13  ? 1.0182 0.7627 0.3763 -0.0583 0.0388  -0.0481 13  LEU A C   
90  O O   . LEU A 13  ? 1.1679 0.9277 0.5389 -0.0578 0.0341  -0.0406 13  LEU A O   
91  C CB  . LEU A 13  ? 1.0067 0.8598 0.4694 0.0010  0.0481  -0.0505 13  LEU A CB  
92  C CG  . LEU A 13  ? 1.3023 1.1624 0.7713 0.0365  0.0581  -0.0527 13  LEU A CG  
93  C CD1 . LEU A 13  ? 1.5591 1.3223 0.9479 0.0745  0.0580  -0.0517 13  LEU A CD1 
94  C CD2 . LEU A 13  ? 1.1255 1.0796 0.6899 0.0674  0.0629  -0.0419 13  LEU A CD2 
95  N N   . PRO A 14  ? 1.3648 1.1035 0.7035 -0.1041 0.0427  -0.0547 14  PRO A N   
96  C CA  . PRO A 14  ? 1.1665 0.9345 0.5128 -0.1567 0.0458  -0.0497 14  PRO A CA  
97  C C   . PRO A 14  ? 1.1831 1.0593 0.6128 -0.1542 0.0520  -0.0453 14  PRO A C   
98  O O   . PRO A 14  ? 1.1539 1.0944 0.6431 -0.1304 0.0545  -0.0493 14  PRO A O   
99  C CB  . PRO A 14  ? 1.1616 0.9259 0.4892 -0.1995 0.0451  -0.0579 14  PRO A CB  
100 C CG  . PRO A 14  ? 1.3119 0.9733 0.5651 -0.1757 0.0387  -0.0684 14  PRO A CG  
101 C CD  . PRO A 14  ? 1.4125 1.1013 0.7043 -0.1089 0.0422  -0.0662 14  PRO A CD  
102 N N   . PRO A 15  ? 1.1973 1.0881 0.6249 -0.1781 0.0568  -0.0358 15  PRO A N   
103 C CA  . PRO A 15  ? 1.3436 1.1695 0.7062 -0.2142 0.0595  -0.0261 15  PRO A CA  
104 C C   . PRO A 15  ? 1.4176 1.1604 0.7209 -0.1891 0.0534  -0.0194 15  PRO A C   
105 O O   . PRO A 15  ? 1.4944 1.1898 0.7468 -0.2164 0.0596  -0.0072 15  PRO A O   
106 C CB  . PRO A 15  ? 1.3005 1.2065 0.7030 -0.2395 0.0735  -0.0153 15  PRO A CB  
107 C CG  . PRO A 15  ? 0.9487 0.9233 0.4127 -0.2010 0.0736  -0.0206 15  PRO A CG  
108 C CD  . PRO A 15  ? 1.0380 1.0214 0.5315 -0.1751 0.0652  -0.0328 15  PRO A CD  
109 N N   . PHE A 16  ? 1.2211 0.9483 0.5294 -0.1389 0.0420  -0.0242 16  PHE A N   
110 C CA  . PHE A 16  ? 1.2240 0.8801 0.4761 -0.1104 0.0333  -0.0161 16  PHE A CA  
111 C C   . PHE A 16  ? 1.5440 1.0948 0.7218 -0.0932 0.0297  -0.0164 16  PHE A C   
112 O O   . PHE A 16  ? 1.9517 1.4085 1.0482 -0.0999 0.0309  -0.0066 16  PHE A O   
113 C CB  . PHE A 16  ? 1.2265 0.9374 0.5307 -0.0651 0.0194  -0.0177 16  PHE A CB  
114 C CG  . PHE A 16  ? 1.4511 1.2555 0.8257 -0.0763 0.0223  -0.0218 16  PHE A CG  
115 C CD1 . PHE A 16  ? 1.4749 1.2843 0.8306 -0.0905 0.0260  -0.0161 16  PHE A CD1 
116 C CD2 . PHE A 16  ? 1.4696 1.3487 0.9209 -0.0673 0.0230  -0.0300 16  PHE A CD2 
117 C CE1 . PHE A 16  ? 1.3872 1.2681 0.7937 -0.0944 0.0305  -0.0206 16  PHE A CE1 
118 C CE2 . PHE A 16  ? 1.2621 1.2111 0.7669 -0.0741 0.0268  -0.0333 16  PHE A CE2 
119 C CZ  . PHE A 16  ? 1.2280 1.1751 0.7081 -0.0865 0.0301  -0.0297 16  PHE A CZ  
120 N N   . SER A 17  ? 1.3332 0.8928 0.5310 -0.0689 0.0282  -0.0260 17  SER A N   
121 C CA  . SER A 17  ? 1.3735 0.8295 0.4947 -0.0410 0.0272  -0.0275 17  SER A CA  
122 C C   . SER A 17  ? 1.6377 1.0203 0.6983 0.0002  0.0204  -0.0143 17  SER A C   
123 O O   . SER A 17  ? 1.6546 0.9155 0.6157 -0.0032 0.0235  -0.0096 17  SER A O   
124 C CB  . SER A 17  ? 1.3627 0.7378 0.4146 -0.0935 0.0326  -0.0340 17  SER A CB  
125 O OG  . SER A 17  ? 1.6588 1.0917 0.7550 -0.1114 0.0342  -0.0477 17  SER A OG  
126 N N   . TYR A 18  ? 1.4942 0.9486 0.6129 0.0407  0.0095  -0.0080 18  TYR A N   
127 C CA  . TYR A 18  ? 1.5080 0.9196 0.5838 0.0841  -0.0023 0.0058  18  TYR A CA  
128 C C   . TYR A 18  ? 1.7004 1.1699 0.8296 0.1476  -0.0127 0.0103  18  TYR A C   
129 O O   . TYR A 18  ? 1.7519 1.3319 0.9803 0.1494  -0.0177 0.0059  18  TYR A O   
130 C CB  . TYR A 18  ? 1.5909 1.0449 0.6857 0.0650  -0.0114 0.0110  18  TYR A CB  
131 C CG  . TYR A 18  ? 1.7872 1.1985 0.8304 0.1063  -0.0270 0.0253  18  TYR A CG  
132 C CD1 . TYR A 18  ? 1.7706 1.0629 0.7043 0.1018  -0.0193 0.0378  18  TYR A CD1 
133 C CD2 . TYR A 18  ? 1.8398 1.3282 0.9412 0.1484  -0.0508 0.0283  18  TYR A CD2 
134 C CE1 . TYR A 18  ? 1.7586 1.0089 0.6374 0.1440  -0.0332 0.0530  18  TYR A CE1 
135 C CE2 . TYR A 18  ? 1.8587 1.3133 0.9102 0.1877  -0.0693 0.0419  18  TYR A CE2 
136 C CZ  . TYR A 18  ? 2.0174 1.3520 0.9550 0.1888  -0.0596 0.0545  18  TYR A CZ  
137 O OH  . TYR A 18  ? 2.4388 1.7357 1.3186 0.2323  -0.0773 0.0701  18  TYR A OH  
138 N N   . GLN A 19  ? 1.9417 1.3374 1.0059 0.2003  -0.0140 0.0214  19  GLN A N   
139 C CA  . GLN A 19  ? 1.9476 1.4071 1.0650 0.2656  -0.0212 0.0313  19  GLN A CA  
140 C C   . GLN A 19  ? 1.8717 1.3940 1.0271 0.2976  -0.0472 0.0453  19  GLN A C   
141 O O   . GLN A 19  ? 1.8386 1.2906 0.9183 0.3255  -0.0556 0.0577  19  GLN A O   
142 C CB  . GLN A 19  ? 1.8416 1.2036 0.8761 0.3195  -0.0070 0.0382  19  GLN A CB  
143 C CG  . GLN A 19  ? 1.9386 1.3173 0.9972 0.3237  0.0117  0.0275  19  GLN A CG  
144 C CD  . GLN A 19  ? 2.0792 1.4549 1.1444 0.2493  0.0189  0.0071  19  GLN A CD  
145 O OE1 . GLN A 19  ? 2.2762 1.5840 1.2843 0.1980  0.0175  0.0015  19  GLN A OE1 
146 N NE2 . GLN A 19  ? 1.8532 1.3091 0.9906 0.2444  0.0276  -0.0010 19  GLN A NE2 
147 N N   . MET A 20  ? 1.8487 1.4999 1.1181 0.2916  -0.0614 0.0433  20  MET A N   
148 C CA  . MET A 20  ? 1.7520 1.4756 1.0684 0.3138  -0.0928 0.0533  20  MET A CA  
149 C C   . MET A 20  ? 1.8276 1.6521 1.2345 0.3618  -0.0992 0.0674  20  MET A C   
150 O O   . MET A 20  ? 1.7541 1.6284 1.2222 0.3564  -0.0808 0.0641  20  MET A O   
151 C CB  . MET A 20  ? 1.5938 1.3803 0.9664 0.2610  -0.1071 0.0393  20  MET A CB  
152 C CG  . MET A 20  ? 1.7846 1.6103 1.1694 0.2721  -0.1437 0.0440  20  MET A CG  
153 S SD  . MET A 20  ? 2.1460 2.0142 1.5713 0.2094  -0.1511 0.0231  20  MET A SD  
154 C CE  . MET A 20  ? 1.2692 1.0179 0.5729 0.1803  -0.1282 0.0198  20  MET A CE  
155 N N   . SER A 21  ? 1.9168 1.7766 1.3332 0.4109  -0.1239 0.0860  21  SER A N   
156 C CA  . SER A 21  ? 1.9253 1.8934 1.4348 0.4585  -0.1273 0.1051  21  SER A CA  
157 C C   . SER A 21  ? 1.7156 1.8215 1.3538 0.4254  -0.1557 0.1033  21  SER A C   
158 O O   . SER A 21  ? 1.6482 1.7605 1.2852 0.3896  -0.1852 0.0920  21  SER A O   
159 C CB  . SER A 21  ? 1.9171 1.8752 1.3870 0.5344  -0.1396 0.1311  21  SER A CB  
160 O OG  . SER A 21  ? 1.7301 1.5928 1.0958 0.5359  -0.1555 0.1297  21  SER A OG  
161 N N   . LEU A 22  ? 1.5773 1.7883 1.3206 0.4395  -0.1467 0.1161  22  LEU A N   
162 C CA  . LEU A 22  ? 1.4860 1.8242 1.3549 0.4047  -0.1727 0.1173  22  LEU A CA  
163 C C   . LEU A 22  ? 1.7269 2.1067 1.6070 0.4089  -0.2239 0.1227  22  LEU A C   
164 O O   . LEU A 22  ? 1.9193 2.3374 1.8411 0.3595  -0.2549 0.1084  22  LEU A O   
165 C CB  . LEU A 22  ? 1.2178 1.6684 1.1969 0.4318  -0.1546 0.1408  22  LEU A CB  
166 N N   . LEU A 23  ? 1.5855 1.9517 1.4199 0.4709  -0.2338 0.1430  23  LEU A N   
167 C CA  . LEU A 23  ? 1.6196 2.0254 1.4550 0.4834  -0.2851 0.1505  23  LEU A CA  
168 C C   . LEU A 23  ? 1.7803 2.0768 1.5065 0.4504  -0.3018 0.1265  23  LEU A C   
169 O O   . LEU A 23  ? 1.8480 2.1800 1.5962 0.4151  -0.3432 0.1143  23  LEU A O   
170 C CB  . LEU A 23  ? 1.6661 2.0875 1.4771 0.5685  -0.2879 0.1827  23  LEU A CB  
171 N N   . SER A 24  ? 1.8405 2.0017 1.4463 0.4606  -0.2687 0.1204  24  SER A N   
172 C CA  . SER A 24  ? 1.8175 1.8693 1.3117 0.4349  -0.2749 0.1045  24  SER A CA  
173 C C   . SER A 24  ? 1.7868 1.8532 1.3095 0.3649  -0.2846 0.0779  24  SER A C   
174 O O   . SER A 24  ? 1.7149 1.7444 1.1811 0.3473  -0.3083 0.0673  24  SER A O   
175 C CB  . SER A 24  ? 1.8404 1.7538 1.2232 0.4397  -0.2298 0.1023  24  SER A CB  
176 O OG  . SER A 24  ? 1.9062 1.8011 1.2706 0.5018  -0.2101 0.1230  24  SER A OG  
177 N N   . PHE A 25  ? 1.7454 1.8579 1.3458 0.3300  -0.2628 0.0681  25  PHE A N   
178 C CA  . PHE A 25  ? 1.5930 1.7220 1.2256 0.2697  -0.2676 0.0449  25  PHE A CA  
179 C C   . PHE A 25  ? 1.4682 1.6790 1.1646 0.2540  -0.3187 0.0403  25  PHE A C   
180 O O   . PHE A 25  ? 1.4311 1.6069 1.0817 0.2260  -0.3403 0.0224  25  PHE A O   
181 C CB  . PHE A 25  ? 1.5380 1.6975 1.2367 0.2440  -0.2313 0.0396  25  PHE A CB  
182 C CG  . PHE A 25  ? 1.4786 1.6548 1.2113 0.1890  -0.2326 0.0185  25  PHE A CG  
183 C CD1 . PHE A 25  ? 1.3140 1.4133 0.9722 0.1592  -0.2138 0.0022  25  PHE A CD1 
184 C CD2 . PHE A 25  ? 1.5317 1.7998 1.3695 0.1679  -0.2510 0.0176  25  PHE A CD2 
185 C CE1 . PHE A 25  ? 1.2343 1.3464 0.9171 0.1178  -0.2118 -0.0151 25  PHE A CE1 
186 C CE2 . PHE A 25  ? 1.3727 1.6408 1.2297 0.1215  -0.2503 -0.0014 25  PHE A CE2 
187 C CZ  . PHE A 25  ? 1.3002 1.4895 1.0770 0.1005  -0.2301 -0.0182 25  PHE A CZ  
188 N N   . THR A 26  ? 1.4409 1.7604 1.2408 0.2723  -0.3380 0.0575  26  THR A N   
189 C CA  . THR A 26  ? 1.4423 1.8518 1.3183 0.2503  -0.3910 0.0552  26  THR A CA  
190 C C   . THR A 26  ? 1.4307 1.8221 1.2410 0.2718  -0.4402 0.0553  26  THR A C   
191 O O   . THR A 26  ? 1.3563 1.7936 1.1979 0.2444  -0.4908 0.0448  26  THR A O   
192 C CB  . THR A 26  ? 1.4142 1.9597 1.4269 0.2650  -0.3989 0.0807  26  THR A CB  
193 O OG1 . THR A 26  ? 1.5090 2.0830 1.5120 0.3323  -0.4034 0.1092  26  THR A OG1 
194 C CG2 . THR A 26  ? 1.3646 1.9292 1.4382 0.2513  -0.3481 0.0842  26  THR A CG2 
195 N N   . GLU A 27  ? 1.6392 1.9535 1.3489 0.3188  -0.4262 0.0662  27  GLU A N   
196 C CA  . GLU A 27  ? 1.6179 1.9036 1.2487 0.3476  -0.4686 0.0697  27  GLU A CA  
197 C C   . GLU A 27  ? 1.6976 1.8756 1.2172 0.3162  -0.4683 0.0444  27  GLU A C   
198 O O   . GLU A 27  ? 1.9126 2.0483 1.3472 0.3368  -0.4988 0.0444  27  GLU A O   
199 C CB  . GLU A 27  ? 1.7649 2.0159 1.3349 0.4196  -0.4547 0.0980  27  GLU A CB  
200 C CG  . GLU A 27  ? 1.8736 2.2463 1.5247 0.4697  -0.4909 0.1270  27  GLU A CG  
201 C CD  . GLU A 27  ? 1.8487 2.3006 1.5988 0.4957  -0.4572 0.1492  27  GLU A CD  
202 O OE1 . GLU A 27  ? 1.7322 2.1052 1.4227 0.5310  -0.4073 0.1583  27  GLU A OE1 
203 O OE2 . GLU A 27  ? 1.8580 2.4448 1.7428 0.4772  -0.4785 0.1577  27  GLU A OE2 
204 N N   . LYS A 28  ? 1.7337 1.8709 1.2526 0.2710  -0.4314 0.0255  28  LYS A N   
205 C CA  . LYS A 28  ? 1.7183 1.7618 1.1383 0.2443  -0.4219 0.0052  28  LYS A CA  
206 C C   . LYS A 28  ? 1.8273 1.9031 1.2674 0.2104  -0.4694 -0.0177 28  LYS A C   
207 O O   . LYS A 28  ? 1.7803 1.9278 1.3204 0.1780  -0.4813 -0.0261 28  LYS A O   
208 C CB  . LYS A 28  ? 1.6204 1.6177 1.0349 0.2133  -0.3639 -0.0030 28  LYS A CB  
209 N N   . GLY A 29  ? 1.9085 1.9213 1.2449 0.2172  -0.4949 -0.0277 29  GLY A N   
210 C CA  . GLY A 29  ? 1.7645 1.7845 1.1046 0.1819  -0.5304 -0.0515 29  GLY A CA  
211 C C   . GLY A 29  ? 1.8148 1.7667 1.1066 0.1481  -0.4964 -0.0740 29  GLY A C   
212 O O   . GLY A 29  ? 1.8546 1.7759 1.1345 0.1448  -0.4479 -0.0706 29  GLY A O   
213 N N   . PRO A 30  ? 1.9285 2.0223 1.2696 -0.0741 -0.3819 -0.2005 30  PRO A N   
214 C CA  . PRO A 30  ? 1.9320 2.0151 1.2750 -0.0819 -0.3727 -0.2146 30  PRO A CA  
215 C C   . PRO A 30  ? 1.7646 1.8419 1.0886 -0.0790 -0.3528 -0.2109 30  PRO A C   
216 O O   . PRO A 30  ? 1.8180 1.8916 1.1638 -0.0835 -0.3370 -0.2138 30  PRO A O   
217 C CB  . PRO A 30  ? 1.9901 2.0681 1.2989 -0.0873 -0.3926 -0.2297 30  PRO A CB  
218 C CG  . PRO A 30  ? 1.8637 1.9533 1.1736 -0.0857 -0.4142 -0.2249 30  PRO A CG  
219 C CD  . PRO A 30  ? 1.9482 2.0469 1.2624 -0.0754 -0.4066 -0.2053 30  PRO A CD  
220 N N   . GLN A 31  ? 1.7755 1.8532 1.0601 -0.0722 -0.3542 -0.2032 31  GLN A N   
221 C CA  . GLN A 31  ? 1.7342 1.8072 0.9960 -0.0700 -0.3376 -0.1996 31  GLN A CA  
222 C C   . GLN A 31  ? 1.7954 1.8718 1.0821 -0.0669 -0.3189 -0.1845 31  GLN A C   
223 O O   . GLN A 31  ? 1.7788 1.8528 1.0702 -0.0709 -0.3014 -0.1831 31  GLN A O   
224 C CB  . GLN A 31  ? 1.8577 1.9290 1.0643 -0.0647 -0.3459 -0.1972 31  GLN A CB  
225 C CG  . GLN A 31  ? 2.0947 2.1614 1.2700 -0.0698 -0.3640 -0.2134 31  GLN A CG  
226 C CD  . GLN A 31  ? 2.0116 2.0683 1.1810 -0.0767 -0.3563 -0.2302 31  GLN A CD  
227 O OE1 . GLN A 31  ? 1.9203 1.9742 1.0809 -0.0752 -0.3389 -0.2280 31  GLN A OE1 
228 N NE2 . GLN A 31  ? 1.8186 1.8700 0.9922 -0.0842 -0.3698 -0.2468 31  GLN A NE2 
229 N N   . GLU A 32  ? 1.9060 1.9883 1.2086 -0.0608 -0.3218 -0.1721 32  GLU A N   
230 C CA  . GLU A 32  ? 1.7677 1.8519 1.0961 -0.0591 -0.3054 -0.1587 32  GLU A CA  
231 C C   . GLU A 32  ? 1.6448 1.7281 1.0182 -0.0696 -0.2923 -0.1635 32  GLU A C   
232 O O   . GLU A 32  ? 1.6623 1.7432 1.0525 -0.0759 -0.2730 -0.1548 32  GLU A O   
233 C CB  . GLU A 32  ? 1.7101 1.8003 1.0478 -0.0502 -0.3125 -0.1469 32  GLU A CB  
234 C CG  . GLU A 32  ? 1.9604 2.0522 1.2580 -0.0409 -0.3273 -0.1405 32  GLU A CG  
235 C CD  . GLU A 32  ? 1.9629 2.0599 1.2680 -0.0305 -0.3317 -0.1260 32  GLU A CD  
236 O OE1 . GLU A 32  ? 1.9657 2.0638 1.2929 -0.0278 -0.3176 -0.1168 32  GLU A OE1 
237 O OE2 . GLU A 32  ? 1.8066 1.9065 1.0936 -0.0261 -0.3498 -0.1234 32  GLU A OE2 
238 N N   . LEU A 33  ? 1.4765 1.5605 0.8688 -0.0734 -0.3030 -0.1755 33  LEU A N   
239 C CA  . LEU A 33  ? 1.2954 1.3788 0.7307 -0.0831 -0.2915 -0.1793 33  LEU A CA  
240 C C   . LEU A 33  ? 1.3233 1.4014 0.7562 -0.0920 -0.2779 -0.1861 33  LEU A C   
241 O O   . LEU A 33  ? 1.4139 1.4912 0.8753 -0.1002 -0.2593 -0.1799 33  LEU A O   
242 C CB  . LEU A 33  ? 1.2961 1.3819 0.7517 -0.0844 -0.3081 -0.1890 33  LEU A CB  
243 C CG  . LEU A 33  ? 1.4132 1.5076 0.8860 -0.0779 -0.3165 -0.1794 33  LEU A CG  
244 C CD1 . LEU A 33  ? 1.5524 1.6509 1.0370 -0.0807 -0.3359 -0.1880 33  LEU A CD1 
245 C CD2 . LEU A 33  ? 1.2525 1.3487 0.7614 -0.0784 -0.3005 -0.1688 33  LEU A CD2 
246 N N   . LEU A 34  ? 1.3538 1.4279 0.7515 -0.0912 -0.2873 -0.1983 34  LEU A N   
247 C CA  . LEU A 34  ? 1.4071 1.4774 0.7963 -0.0976 -0.2742 -0.2045 34  LEU A CA  
248 C C   . LEU A 34  ? 1.3731 1.4451 0.7581 -0.0994 -0.2550 -0.1893 34  LEU A C   
249 O O   . LEU A 34  ? 1.2710 1.3426 0.6726 -0.1085 -0.2376 -0.1868 34  LEU A O   
250 C CB  . LEU A 34  ? 1.4184 1.4826 0.7603 -0.0945 -0.2884 -0.2190 34  LEU A CB  
251 C CG  . LEU A 34  ? 1.6190 1.6777 0.9665 -0.0977 -0.3072 -0.2349 34  LEU A CG  
252 C CD1 . LEU A 34  ? 1.6919 1.7424 0.9882 -0.0960 -0.3251 -0.2484 34  LEU A CD1 
253 C CD2 . LEU A 34  ? 1.3268 1.3831 0.7098 -0.1067 -0.2964 -0.2427 34  LEU A CD2 
254 N N   . GLN A 35  ? 1.3901 1.4635 0.7563 -0.0919 -0.2583 -0.1772 35  GLN A N   
255 C CA  . GLN A 35  ? 1.4666 1.5393 0.8277 -0.0947 -0.2422 -0.1609 35  GLN A CA  
256 C C   . GLN A 35  ? 1.4540 1.5241 0.8592 -0.1049 -0.2275 -0.1499 35  GLN A C   
257 O O   . GLN A 35  ? 1.3217 1.3875 0.7372 -0.1163 -0.2106 -0.1415 35  GLN A O   
258 C CB  . GLN A 35  ? 1.4639 1.5376 0.7932 -0.0833 -0.2508 -0.1504 35  GLN A CB  
259 C CG  . GLN A 35  ? 1.2567 1.3271 0.5744 -0.0867 -0.2365 -0.1332 35  GLN A CG  
260 C CD  . GLN A 35  ? 1.4918 1.5619 0.7853 -0.0911 -0.2284 -0.1360 35  GLN A CD  
261 O OE1 . GLN A 35  ? 1.5442 1.6160 0.7995 -0.0829 -0.2381 -0.1450 35  GLN A OE1 
262 N NE2 . GLN A 35  ? 1.3563 1.4227 0.6704 -0.1049 -0.2105 -0.1280 35  GLN A NE2 
263 N N   . LEU A 36  ? 1.5059 1.5776 0.9352 -0.1013 -0.2344 -0.1491 36  LEU A N   
264 C CA  . LEU A 36  ? 1.4580 1.5250 0.9260 -0.1101 -0.2213 -0.1383 36  LEU A CA  
265 C C   . LEU A 36  ? 1.3734 1.4387 0.8697 -0.1232 -0.2079 -0.1421 36  LEU A C   
266 O O   . LEU A 36  ? 1.2122 1.2698 0.7241 -0.1354 -0.1911 -0.1297 36  LEU A O   
267 C CB  . LEU A 36  ? 1.4235 1.4948 0.9101 -0.1020 -0.2320 -0.1388 36  LEU A CB  
268 C CG  . LEU A 36  ? 1.3735 1.4388 0.8977 -0.1101 -0.2188 -0.1282 36  LEU A CG  
269 C CD1 . LEU A 36  ? 1.5090 1.5600 1.0251 -0.1165 -0.2059 -0.1105 36  LEU A CD1 
270 C CD2 . LEU A 36  ? 1.3393 1.4119 0.8806 -0.1005 -0.2303 -0.1298 36  LEU A CD2 
271 N N   . LEU A 37  ? 1.3373 1.4083 0.8377 -0.1216 -0.2159 -0.1586 37  LEU A N   
272 C CA  . LEU A 37  ? 1.1173 1.1885 0.6412 -0.1323 -0.2038 -0.1633 37  LEU A CA  
273 C C   . LEU A 37  ? 1.1316 1.2009 0.6402 -0.1407 -0.1893 -0.1583 37  LEU A C   
274 O O   . LEU A 37  ? 1.0767 1.1438 0.6081 -0.1535 -0.1721 -0.1493 37  LEU A O   
275 C CB  . LEU A 37  ? 1.3135 1.3877 0.8352 -0.1285 -0.2173 -0.1833 37  LEU A CB  
276 C CG  . LEU A 37  ? 1.2095 1.2848 0.7637 -0.1377 -0.2062 -0.1876 37  LEU A CG  
277 C CD1 . LEU A 37  ? 1.0033 1.0792 0.5978 -0.1440 -0.1933 -0.1727 37  LEU A CD1 
278 C CD2 . LEU A 37  ? 1.3502 1.4245 0.9043 -0.1344 -0.2227 -0.2067 37  LEU A CD2 
279 N N   . SER A 38  ? 1.3268 1.3968 0.7947 -0.1336 -0.1964 -0.1626 38  SER A N   
280 C CA  . SER A 38  ? 1.4041 1.4739 0.8517 -0.1396 -0.1847 -0.1580 38  SER A CA  
281 C C   . SER A 38  ? 1.3231 1.3853 0.7820 -0.1512 -0.1699 -0.1358 38  SER A C   
282 O O   . SER A 38  ? 1.1008 1.1612 0.5704 -0.1649 -0.1545 -0.1281 38  SER A O   
283 C CB  . SER A 38  ? 1.1961 1.2675 0.5942 -0.1273 -0.1967 -0.1643 38  SER A CB  
284 O OG  . SER A 38  ? 1.5301 1.6029 0.9068 -0.1316 -0.1857 -0.1618 38  SER A OG  
285 N N   . ASP A 39  ? 1.1723 1.2283 0.6290 -0.1467 -0.1755 -0.1256 39  ASP A N   
286 C CA  . ASP A 39  ? 1.2505 1.2923 0.7118 -0.1577 -0.1648 -0.1051 39  ASP A CA  
287 C C   . ASP A 39  ? 1.3325 1.3646 0.8335 -0.1727 -0.1517 -0.0959 39  ASP A C   
288 O O   . ASP A 39  ? 1.3107 1.3304 0.8173 -0.1889 -0.1385 -0.0818 39  ASP A O   
289 C CB  . ASP A 39  ? 1.1838 1.2204 0.6261 -0.1463 -0.1756 -0.0981 39  ASP A CB  
290 C CG  . ASP A 39  ? 1.3242 1.3684 0.7216 -0.1337 -0.1853 -0.1009 39  ASP A CG  
291 O OD1 . ASP A 39  ? 1.2233 1.2725 0.6010 -0.1360 -0.1810 -0.1042 39  ASP A OD1 
292 O OD2 . ASP A 39  ? 1.2626 1.3088 0.6436 -0.1204 -0.1970 -0.0992 39  ASP A OD2 
293 N N   . VAL A 40  ? 1.2493 1.2866 0.7764 -0.1676 -0.1559 -0.1032 40  VAL A N   
294 C CA  . VAL A 40  ? 1.0110 1.0435 0.5754 -0.1793 -0.1433 -0.0966 40  VAL A CA  
295 C C   . VAL A 40  ? 0.9293 0.9659 0.5034 -0.1932 -0.1289 -0.0961 40  VAL A C   
296 O O   . VAL A 40  ? 1.0433 1.0686 0.6321 -0.2094 -0.1142 -0.0806 40  VAL A O   
297 C CB  . VAL A 40  ? 0.9953 1.0387 0.5838 -0.1692 -0.1519 -0.1084 40  VAL A CB  
298 C CG1 . VAL A 40  ? 0.8183 0.8618 0.4430 -0.1793 -0.1384 -0.1038 40  VAL A CG1 
299 C CG2 . VAL A 40  ? 1.0190 1.0593 0.6036 -0.1573 -0.1640 -0.1059 40  VAL A CG2 
300 N N   . PHE A 41  ? 0.9845 1.0358 0.5487 -0.1873 -0.1332 -0.1128 41  PHE A N   
301 C CA  . PHE A 41  ? 1.2133 1.2705 0.7838 -0.1987 -0.1198 -0.1134 41  PHE A CA  
302 C C   . PHE A 41  ? 1.1837 1.2330 0.7372 -0.2118 -0.1098 -0.0983 41  PHE A C   
303 O O   . PHE A 41  ? 1.1019 1.1507 0.6706 -0.2277 -0.0949 -0.0891 41  PHE A O   
304 C CB  . PHE A 41  ? 1.2349 1.3055 0.7912 -0.1883 -0.1278 -0.1357 41  PHE A CB  
305 C CG  . PHE A 41  ? 1.2246 1.3016 0.8073 -0.1843 -0.1312 -0.1487 41  PHE A CG  
306 C CD1 . PHE A 41  ? 1.3905 1.4707 1.0073 -0.1955 -0.1161 -0.1423 41  PHE A CD1 
307 C CD2 . PHE A 41  ? 1.2156 1.2949 0.7868 -0.1702 -0.1499 -0.1668 41  PHE A CD2 
308 C CE1 . PHE A 41  ? 1.4907 1.5768 1.1315 -0.1912 -0.1192 -0.1539 41  PHE A CE1 
309 C CE2 . PHE A 41  ? 1.3208 1.4034 0.9160 -0.1679 -0.1546 -0.1787 41  PHE A CE2 
310 C CZ  . PHE A 41  ? 1.5199 1.6066 1.1506 -0.1777 -0.1392 -0.1725 41  PHE A CZ  
311 N N   . SER A 42  ? 1.2276 1.2704 0.7503 -0.2056 -0.1183 -0.0943 42  SER A N   
312 C CA  . SER A 42  ? 1.3945 1.4294 0.8990 -0.2175 -0.1109 -0.0801 42  SER A CA  
313 C C   . SER A 42  ? 1.2215 1.2334 0.7439 -0.2363 -0.1015 -0.0584 42  SER A C   
314 O O   . SER A 42  ? 1.2949 1.3003 0.8205 -0.2547 -0.0906 -0.0459 42  SER A O   
315 C CB  . SER A 42  ? 1.4170 1.4520 0.8809 -0.2034 -0.1232 -0.0816 42  SER A CB  
316 O OG  . SER A 42  ? 1.4935 1.5457 0.9329 -0.1893 -0.1297 -0.0989 42  SER A OG  
317 N N   . THR A 43  ? 1.0320 1.0312 0.5659 -0.2320 -0.1064 -0.0544 43  THR A N   
318 C CA  . THR A 43  ? 0.8563 0.8294 0.4061 -0.2478 -0.0985 -0.0356 43  THR A CA  
319 C C   . THR A 43  ? 0.8855 0.8619 0.4650 -0.2636 -0.0829 -0.0298 43  THR A C   
320 O O   . THR A 43  ? 0.9991 0.9564 0.5850 -0.2836 -0.0729 -0.0123 43  THR A O   
321 C CB  . THR A 43  ? 1.2225 1.1853 0.7793 -0.2359 -0.1068 -0.0356 43  THR A CB  
322 O OG1 . THR A 43  ? 1.0316 0.9943 0.5599 -0.2206 -0.1209 -0.0403 43  THR A OG1 
323 C CG2 . THR A 43  ? 0.9378 0.8687 0.5056 -0.2514 -0.0990 -0.0162 43  THR A CG2 
324 N N   . ILE A 44  ? 0.9451 0.9444 0.5428 -0.2547 -0.0815 -0.0440 44  ILE A N   
325 C CA  . ILE A 44  ? 1.0968 1.1015 0.7217 -0.2675 -0.0661 -0.0378 44  ILE A CA  
326 C C   . ILE A 44  ? 1.0065 1.0196 0.6250 -0.2814 -0.0571 -0.0354 44  ILE A C   
327 O O   . ILE A 44  ? 1.2017 1.2208 0.8388 -0.2949 -0.0429 -0.0284 44  ILE A O   
328 C CB  . ILE A 44  ? 0.8902 0.9157 0.5359 -0.2539 -0.0679 -0.0540 44  ILE A CB  
329 C CG1 . ILE A 44  ? 0.8622 0.8794 0.5190 -0.2437 -0.0745 -0.0519 44  ILE A CG1 
330 C CG2 . ILE A 44  ? 1.0866 1.1237 0.7548 -0.2651 -0.0513 -0.0504 44  ILE A CG2 
331 C CD1 . ILE A 44  ? 0.7759 0.8124 0.4495 -0.2279 -0.0822 -0.0703 44  ILE A CD1 
332 N N   . GLN A 49  ? 1.8457 1.9146 1.2708 -0.2326 -0.0878 -0.0713 49  GLN A N   
333 C CA  . GLN A 49  ? 1.8313 1.9052 1.2102 -0.2134 -0.0975 -0.0754 49  GLN A CA  
334 C C   . GLN A 49  ? 1.6795 1.7498 1.0514 -0.1962 -0.1122 -0.0877 49  GLN A C   
335 O O   . GLN A 49  ? 1.4620 1.5390 0.8401 -0.1864 -0.1172 -0.1065 49  GLN A O   
336 C CB  . GLN A 49  ? 1.7845 1.8765 1.1358 -0.2021 -0.0937 -0.0875 49  GLN A CB  
337 N N   . LYS A 50  ? 1.7159 1.7762 1.0708 -0.1915 -0.1202 -0.0775 50  LYS A N   
338 C CA  . LYS A 50  ? 1.6343 1.6931 0.9825 -0.1752 -0.1348 -0.0875 50  LYS A CA  
339 C C   . LYS A 50  ? 1.7897 1.8599 1.0939 -0.1548 -0.1449 -0.1007 50  LYS A C   
340 O O   . LYS A 50  ? 1.9582 2.0353 1.2319 -0.1518 -0.1402 -0.0983 50  LYS A O   
341 C CB  . LYS A 50  ? 1.5908 1.6338 0.9378 -0.1766 -0.1398 -0.0721 50  LYS A CB  
342 C CG  . LYS A 50  ? 1.5649 1.6052 0.8754 -0.1737 -0.1407 -0.0575 50  LYS A CG  
343 C CD  . LYS A 50  ? 1.7405 1.7651 1.0469 -0.1706 -0.1484 -0.0461 50  LYS A CD  
344 C CE  . LYS A 50  ? 1.8576 1.8774 1.1289 -0.1686 -0.1492 -0.0293 50  LYS A CE  
345 N NZ  . LYS A 50  ? 1.8084 1.8098 1.0769 -0.1663 -0.1559 -0.0177 50  LYS A NZ  
346 N N   . VAL A 51  ? 1.4929 1.5638 0.7922 -0.1411 -0.1593 -0.1138 51  VAL A N   
347 C CA  . VAL A 51  ? 1.2793 1.3563 0.5377 -0.1242 -0.1706 -0.1290 51  VAL A CA  
348 C C   . VAL A 51  ? 1.6460 1.7205 0.8881 -0.1105 -0.1881 -0.1319 51  VAL A C   
349 O O   . VAL A 51  ? 1.7338 1.8058 1.0048 -0.1110 -0.1946 -0.1351 51  VAL A O   
350 C CB  . VAL A 51  ? 1.3600 1.4400 0.6278 -0.1234 -0.1717 -0.1508 51  VAL A CB  
351 C CG1 . VAL A 51  ? 1.4033 1.4821 0.6231 -0.1077 -0.1859 -0.1676 51  VAL A CG1 
352 C CG2 . VAL A 51  ? 1.2646 1.3495 0.5439 -0.1345 -0.1545 -0.1491 51  VAL A CG2 
353 N N   . ASP A 52  ? 1.9491 2.0249 1.1440 -0.0985 -0.1953 -0.1289 52  ASP A N   
354 C CA  . ASP A 52  ? 1.9751 2.0492 1.1475 -0.0851 -0.2131 -0.1320 52  ASP A CA  
355 C C   . ASP A 52  ? 1.8966 1.9690 1.0512 -0.0795 -0.2256 -0.1547 52  ASP A C   
356 O O   . ASP A 52  ? 1.7407 1.8120 0.8604 -0.0770 -0.2238 -0.1629 52  ASP A O   
357 C CB  . ASP A 52  ? 2.0045 2.0789 1.1317 -0.0758 -0.2154 -0.1174 52  ASP A CB  
358 C CG  . ASP A 52  ? 2.0688 2.1413 1.1714 -0.0627 -0.2342 -0.1186 52  ASP A CG  
359 O OD1 . ASP A 52  ? 2.0506 2.1215 1.1565 -0.0601 -0.2477 -0.1350 52  ASP A OD1 
360 O OD2 . ASP A 52  ? 1.9875 2.0596 1.0674 -0.0559 -0.2359 -0.1021 52  ASP A OD2 
361 N N   . VAL A 53  ? 2.0035 2.0741 1.1813 -0.0788 -0.2379 -0.1646 53  VAL A N   
362 C CA  . VAL A 53  ? 1.9499 2.0156 1.1175 -0.0778 -0.2504 -0.1862 53  VAL A CA  
363 C C   . VAL A 53  ? 1.8590 1.9195 0.9679 -0.0689 -0.2662 -0.1921 53  VAL A C   
364 O O   . VAL A 53  ? 1.8276 1.8810 0.9131 -0.0699 -0.2747 -0.2102 53  VAL A O   
365 C CB  . VAL A 53  ? 1.7686 1.8340 0.9783 -0.0808 -0.2604 -0.1927 53  VAL A CB  
366 C CG1 . VAL A 53  ? 1.8056 1.8730 1.0143 -0.0734 -0.2725 -0.1821 53  VAL A CG1 
367 C CG2 . VAL A 53  ? 2.0903 2.1488 1.2909 -0.0822 -0.2741 -0.2145 53  VAL A CG2 
368 N N   . ALA A 54  ? 1.8740 1.9364 0.9582 -0.0615 -0.2710 -0.1774 54  ALA A N   
369 C CA  . ALA A 54  ? 1.9724 2.0302 0.9973 -0.0549 -0.2841 -0.1793 54  ALA A CA  
370 C C   . ALA A 54  ? 1.9483 2.0044 0.9303 -0.0539 -0.2728 -0.1797 54  ALA A C   
371 O O   . ALA A 54  ? 2.0195 2.0720 0.9488 -0.0497 -0.2810 -0.1804 54  ALA A O   
372 C CB  . ALA A 54  ? 1.8021 1.8625 0.8133 -0.0470 -0.2919 -0.1612 54  ALA A CB  
373 N N   . LYS A 55  ? 1.9227 1.9822 0.9271 -0.0589 -0.2538 -0.1788 55  LYS A N   
374 C CA  . LYS A 55  ? 1.8124 1.8715 0.7815 -0.0582 -0.2412 -0.1806 55  LYS A CA  
375 C C   . LYS A 55  ? 1.8761 1.9303 0.8541 -0.0633 -0.2371 -0.2020 55  LYS A C   
376 O O   . LYS A 55  ? 1.6595 1.7151 0.6230 -0.0638 -0.2221 -0.2033 55  LYS A O   
377 C CB  . LYS A 55  ? 1.5187 1.5866 0.5040 -0.0605 -0.2216 -0.1594 55  LYS A CB  
378 N N   . GLU A 56  ? 2.0274 2.0767 1.0335 -0.0673 -0.2492 -0.2168 56  GLU A N   
379 C CA  . GLU A 56  ? 2.0371 2.0788 1.0504 -0.0720 -0.2489 -0.2387 56  GLU A CA  
380 C C   . GLU A 56  ? 2.0120 2.0412 1.0014 -0.0726 -0.2718 -0.2574 56  GLU A C   
381 O O   . GLU A 56  ? 2.0617 2.0917 1.0475 -0.0709 -0.2880 -0.2521 56  GLU A O   
382 C CB  . GLU A 56  ? 2.0343 2.0818 1.1130 -0.0801 -0.2386 -0.2383 56  GLU A CB  
383 C CG  . GLU A 56  ? 1.7800 1.8344 0.9071 -0.0832 -0.2423 -0.2255 56  GLU A CG  
384 C CD  . GLU A 56  ? 1.7361 1.7974 0.9219 -0.0931 -0.2267 -0.2206 56  GLU A CD  
385 O OE1 . GLU A 56  ? 1.9807 2.0470 1.2037 -0.0968 -0.2245 -0.2069 56  GLU A OE1 
386 O OE2 . GLU A 56  ? 1.3656 1.4261 0.5588 -0.0977 -0.2167 -0.2306 56  GLU A OE2 
387 N N   . VAL A 57  ? 2.0237 2.0409 0.9930 -0.0753 -0.2733 -0.2786 57  VAL A N   
388 C CA  . VAL A 57  ? 2.0396 2.0434 0.9971 -0.0797 -0.2955 -0.2975 57  VAL A CA  
389 C C   . VAL A 57  ? 1.9563 1.9592 0.9729 -0.0870 -0.2982 -0.3050 57  VAL A C   
390 O O   . VAL A 57  ? 1.8121 1.8167 0.8577 -0.0896 -0.2822 -0.3079 57  VAL A O   
391 C CB  . VAL A 57  ? 2.0475 2.0353 0.9441 -0.0801 -0.2984 -0.3180 57  VAL A CB  
392 C CG1 . VAL A 57  ? 1.7724 1.7630 0.6112 -0.0740 -0.2988 -0.3091 57  VAL A CG1 
393 C CG2 . VAL A 57  ? 1.9123 1.8961 0.8110 -0.0793 -0.2773 -0.3261 57  VAL A CG2 
394 N N   . PRO A 58  ? 2.1538 2.1565 1.1904 -0.0908 -0.3176 -0.3060 58  PRO A N   
395 C CA  . PRO A 58  ? 2.1725 2.1781 1.2695 -0.0968 -0.3206 -0.3065 58  PRO A CA  
396 C C   . PRO A 58  ? 2.0855 2.0807 1.2003 -0.1034 -0.3150 -0.3233 58  PRO A C   
397 O O   . PRO A 58  ? 1.8756 1.8751 1.0435 -0.1087 -0.3134 -0.3214 58  PRO A O   
398 C CB  . PRO A 58  ? 2.1258 2.1309 1.2221 -0.0998 -0.3452 -0.3085 58  PRO A CB  
399 C CG  . PRO A 58  ? 1.7803 1.7878 0.8248 -0.0940 -0.3528 -0.3025 58  PRO A CG  
400 C CD  . PRO A 58  ? 1.9994 1.9997 0.9981 -0.0906 -0.3388 -0.3085 58  PRO A CD  
401 N N   . ASP A 59  ? 1.7050 2.1247 1.4202 -0.2716 -0.0633 -0.4402 59  ASP A N   
402 C CA  . ASP A 59  ? 1.7057 2.2195 1.4919 -0.2265 -0.0372 -0.4844 59  ASP A CA  
403 C C   . ASP A 59  ? 1.5821 2.1995 1.4189 -0.2340 -0.0032 -0.5113 59  ASP A C   
404 O O   . ASP A 59  ? 1.5900 2.2648 1.5061 -0.1851 0.0021  -0.5414 59  ASP A O   
405 C CB  . ASP A 59  ? 1.7782 2.3212 1.5192 -0.2363 -0.0221 -0.5114 59  ASP A CB  
406 C CG  . ASP A 59  ? 1.7796 2.3141 1.5664 -0.1721 -0.0373 -0.5296 59  ASP A CG  
407 O OD1 . ASP A 59  ? 1.5607 2.0530 1.4011 -0.1268 -0.0616 -0.5178 59  ASP A OD1 
408 O OD2 . ASP A 59  ? 1.9329 2.5010 1.6965 -0.1721 -0.0242 -0.5571 59  ASP A OD2 
409 N N   . GLN A 60  ? 1.3484 1.9838 1.1359 -0.2965 0.0159  -0.5016 60  GLN A N   
410 C CA  . GLN A 60  ? 1.4182 2.1530 1.2553 -0.3073 0.0479  -0.5285 60  GLN A CA  
411 C C   . GLN A 60  ? 1.2455 1.9373 1.1135 -0.3023 0.0303  -0.4930 60  GLN A C   
412 O O   . GLN A 60  ? 1.2614 2.0209 1.1942 -0.2885 0.0458  -0.5117 60  GLN A O   
413 C CB  . GLN A 60  ? 1.5566 2.3528 1.3247 -0.3852 0.0871  -0.5478 60  GLN A CB  
414 C CG  . GLN A 60  ? 1.6565 2.3514 1.3057 -0.4559 0.0719  -0.4981 60  GLN A CG  
415 C CD  . GLN A 60  ? 1.6918 2.4370 1.2910 -0.5341 0.1082  -0.5034 60  GLN A CD  
416 O OE1 . GLN A 60  ? 1.7260 2.5783 1.4005 -0.5275 0.1413  -0.5369 60  GLN A OE1 
417 N NE2 . GLN A 60  ? 1.5511 2.2059 1.0291 -0.6052 0.0978  -0.4631 60  GLN A NE2 
418 N N   . THR A 61  ? 1.0546 1.6346 0.8792 -0.3127 -0.0049 -0.4461 61  THR A N   
419 C CA  . THR A 61  ? 1.2257 1.7564 1.0956 -0.2929 -0.0290 -0.4180 61  THR A CA  
420 C C   . THR A 61  ? 1.2489 1.7999 1.2093 -0.2266 -0.0349 -0.4366 61  THR A C   
421 O O   . THR A 61  ? 1.1894 1.7697 1.2066 -0.2123 -0.0297 -0.4390 61  THR A O   
422 C CB  . THR A 61  ? 1.3194 1.7268 1.1432 -0.3008 -0.0747 -0.3793 61  THR A CB  
423 O OG1 . THR A 61  ? 1.4735 1.8353 1.2013 -0.3664 -0.0816 -0.3545 61  THR A OG1 
424 C CG2 . THR A 61  ? 0.9649 1.3331 0.8536 -0.2731 -0.0982 -0.3634 61  THR A CG2 
425 N N   . ALA A 62  ? 1.1228 1.6484 1.0876 -0.1901 -0.0485 -0.4480 62  ALA A N   
426 C CA  . ALA A 62  ? 1.0648 1.5940 1.0958 -0.1337 -0.0577 -0.4655 62  ALA A CA  
427 C C   . ALA A 62  ? 1.0364 1.6584 1.1187 -0.1147 -0.0362 -0.5010 62  ALA A C   
428 O O   . ALA A 62  ? 1.0861 1.7112 1.2172 -0.0937 -0.0423 -0.5020 62  ALA A O   
429 C CB  . ALA A 62  ? 1.0753 1.5726 1.0921 -0.1043 -0.0713 -0.4768 62  ALA A CB  
430 N N   . ASP A 63  ? 0.9657 1.6636 1.0361 -0.1251 -0.0128 -0.5342 63  ASP A N   
431 C CA  . ASP A 63  ? 1.1189 1.9131 1.2481 -0.1003 0.0017  -0.5823 63  ASP A CA  
432 C C   . ASP A 63  ? 1.1213 1.9548 1.2822 -0.1190 0.0136  -0.5786 63  ASP A C   
433 O O   . ASP A 63  ? 1.1963 2.0591 1.4171 -0.0837 0.0044  -0.6001 63  ASP A O   
434 C CB  . ASP A 63  ? 1.3635 2.2447 1.4808 -0.1140 0.0280  -0.6290 63  ASP A CB  
435 C CG  . ASP A 63  ? 1.3838 2.2343 1.4882 -0.0815 0.0139  -0.6379 63  ASP A CG  
436 O OD1 . ASP A 63  ? 1.1226 1.9221 1.2586 -0.0298 -0.0154 -0.6324 63  ASP A OD1 
437 O OD2 . ASP A 63  ? 1.4999 2.3731 1.5621 -0.1105 0.0331  -0.6461 63  ASP A OD2 
438 N N   . ARG A 64  ? 1.0083 1.8361 1.1221 -0.1763 0.0303  -0.5518 64  ARG A N   
439 C CA  . ARG A 64  ? 0.8214 1.6817 0.9557 -0.2019 0.0434  -0.5436 64  ARG A CA  
440 C C   . ARG A 64  ? 0.8939 1.6963 1.0693 -0.1724 0.0182  -0.5165 64  ARG A C   
441 O O   . ARG A 64  ? 0.6477 1.4933 0.8739 -0.1606 0.0220  -0.5299 64  ARG A O   
442 C CB  . ARG A 64  ? 0.8397 1.6780 0.8974 -0.2730 0.0583  -0.5129 64  ARG A CB  
443 C CG  . ARG A 64  ? 0.7504 1.6251 0.8221 -0.3058 0.0745  -0.5051 64  ARG A CG  
444 C CD  . ARG A 64  ? 0.9581 1.7900 0.9377 -0.3788 0.0812  -0.4714 64  ARG A CD  
445 N NE  . ARG A 64  ? 1.1746 1.8808 1.1071 -0.3782 0.0417  -0.4230 64  ARG A NE  
446 C CZ  . ARG A 64  ? 1.2143 1.8497 1.1429 -0.3876 0.0173  -0.3835 64  ARG A CZ  
447 N NH1 . ARG A 64  ? 1.3613 2.0354 1.3245 -0.3995 0.0306  -0.3806 64  ARG A NH1 
448 N NH2 . ARG A 64  ? 1.0645 1.5932 0.9605 -0.3831 -0.0228 -0.3517 64  ARG A NH2 
449 N N   . LEU A 65  ? 0.7676 1.4738 0.9216 -0.1646 -0.0072 -0.4814 65  LEU A N   
450 C CA  . LEU A 65  ? 0.7617 1.4173 0.9536 -0.1432 -0.0271 -0.4629 65  LEU A CA  
451 C C   . LEU A 65  ? 0.7687 1.4278 1.0032 -0.0921 -0.0413 -0.4897 65  LEU A C   
452 O O   . LEU A 65  ? 0.6017 1.2629 0.8722 -0.0793 -0.0480 -0.4920 65  LEU A O   
453 C CB  . LEU A 65  ? 0.8089 1.3707 0.9744 -0.1530 -0.0494 -0.4290 65  LEU A CB  
454 C CG  . LEU A 65  ? 0.9982 1.5311 1.1085 -0.2012 -0.0505 -0.4015 65  LEU A CG  
455 C CD1 . LEU A 65  ? 1.0570 1.4960 1.1518 -0.1991 -0.0835 -0.3801 65  LEU A CD1 
456 C CD2 . LEU A 65  ? 0.8320 1.3915 0.9475 -0.2353 -0.0379 -0.3870 65  LEU A CD2 
457 N N   . ILE A 66  ? 0.7896 1.4450 1.0135 -0.0651 -0.0490 -0.5104 66  ILE A N   
458 C CA  . ILE A 66  ? 0.8042 1.4596 1.0582 -0.0174 -0.0683 -0.5399 66  ILE A CA  
459 C C   . ILE A 66  ? 0.7412 1.4765 1.0413 -0.0023 -0.0644 -0.5759 66  ILE A C   
460 O O   . ILE A 66  ? 0.7771 1.4926 1.1037 0.0294  -0.0894 -0.5892 66  ILE A O   
461 C CB  . ILE A 66  ? 0.9207 1.5706 1.1559 0.0077  -0.0758 -0.5610 66  ILE A CB  
462 C CG1 . ILE A 66  ? 0.8322 1.3867 1.0412 0.0155  -0.0955 -0.5370 66  ILE A CG1 
463 C CG2 . ILE A 66  ? 1.1365 1.8236 1.4085 0.0533  -0.0905 -0.6016 66  ILE A CG2 
464 C CD1 . ILE A 66  ? 1.0095 1.5254 1.1844 -0.0184 -0.0892 -0.5053 66  ILE A CD1 
465 N N   . GLY A 67  ? 0.8195 1.6431 1.1257 -0.0268 -0.0357 -0.5967 67  GLY A N   
466 C CA  . GLY A 67  ? 0.6532 1.5667 1.0132 -0.0147 -0.0299 -0.6403 67  GLY A CA  
467 C C   . GLY A 67  ? 0.7833 1.6753 1.1661 -0.0200 -0.0377 -0.6182 67  GLY A C   
468 O O   . GLY A 67  ? 0.7176 1.6172 1.1421 0.0147  -0.0621 -0.6429 67  GLY A O   
469 N N   . PHE A 68  ? 0.6495 1.5027 1.0014 -0.0620 -0.0235 -0.5710 68  PHE A N   
470 C CA  . PHE A 68  ? 0.9001 1.7331 1.2705 -0.0739 -0.0269 -0.5470 68  PHE A CA  
471 C C   . PHE A 68  ? 0.8502 1.5998 1.2265 -0.0435 -0.0606 -0.5349 68  PHE A C   
472 O O   . PHE A 68  ? 0.8392 1.5839 1.2410 -0.0339 -0.0725 -0.5368 68  PHE A O   
473 C CB  . PHE A 68  ? 0.8818 1.6811 1.2156 -0.1236 -0.0106 -0.5010 68  PHE A CB  
474 N N   . LEU A 69  ? 0.7063 1.3844 1.0515 -0.0337 -0.0747 -0.5213 69  LEU A N   
475 C CA  . LEU A 69  ? 0.8138 1.4048 1.1492 -0.0155 -0.1019 -0.5100 69  LEU A CA  
476 C C   . LEU A 69  ? 1.0420 1.6258 1.3904 0.0284  -0.1295 -0.5373 69  LEU A C   
477 O O   . LEU A 69  ? 1.1274 1.6487 1.4675 0.0353  -0.1498 -0.5241 69  LEU A O   
478 C CB  . LEU A 69  ? 0.7335 1.2584 1.0339 -0.0158 -0.1064 -0.4944 69  LEU A CB  
479 C CG  . LEU A 69  ? 0.8670 1.3717 1.1558 -0.0536 -0.0916 -0.4650 69  LEU A CG  
480 C CD1 . LEU A 69  ? 0.5601 1.0292 0.8209 -0.0497 -0.0960 -0.4628 69  LEU A CD1 
481 C CD2 . LEU A 69  ? 0.6359 1.0809 0.9287 -0.0702 -0.0913 -0.4348 69  LEU A CD2 
482 N N   . LYS A 70  ? 1.0108 1.6567 1.3784 0.0560  -0.1320 -0.5761 70  LYS A N   
483 C CA  . LYS A 70  ? 1.0376 1.6719 1.4233 0.1036  -0.1657 -0.6042 70  LYS A CA  
484 C C   . LYS A 70  ? 1.0520 1.7230 1.4763 0.1089  -0.1719 -0.6187 70  LYS A C   
485 O O   . LYS A 70  ? 1.1987 1.8124 1.6215 0.1356  -0.2082 -0.6201 70  LYS A O   
486 C CB  . LYS A 70  ? 0.7472 1.4465 1.1554 0.1337  -0.1657 -0.6464 70  LYS A CB  
487 N N   . ILE A 71  ? 1.0067 1.7633 1.4565 0.0779  -0.1366 -0.6242 71  ILE A N   
488 C CA  . ILE A 71  ? 1.0069 1.8025 1.4918 0.0759  -0.1335 -0.6334 71  ILE A CA  
489 C C   . ILE A 71  ? 1.1494 1.8515 1.6109 0.0675  -0.1542 -0.5938 71  ILE A C   
490 O O   . ILE A 71  ? 1.2998 1.9786 1.7759 0.0927  -0.1835 -0.6057 71  ILE A O   
491 C CB  . ILE A 71  ? 0.9857 1.8674 1.4808 0.0299  -0.0852 -0.6291 71  ILE A CB  
492 C CG1 . ILE A 71  ? 0.8405 1.8253 1.3552 0.0305  -0.0606 -0.6781 71  ILE A CG1 
493 C CG2 . ILE A 71  ? 1.0716 1.9694 1.5887 0.0224  -0.0792 -0.6251 71  ILE A CG2 
494 C CD1 . ILE A 71  ? 0.7014 1.7685 1.2188 -0.0129 -0.0165 -0.6868 71  ILE A CD1 
495 N N   . ILE A 72  ? 1.0327 1.3091 1.2008 -0.0796 0.0556  -0.4270 72  ILE A N   
496 C CA  . ILE A 72  ? 1.0756 1.2750 1.2365 -0.0577 0.0565  -0.3741 72  ILE A CA  
497 C C   . ILE A 72  ? 1.0735 1.2050 1.2752 -0.0436 0.0570  -0.3712 72  ILE A C   
498 O O   . ILE A 72  ? 1.1581 1.2288 1.3539 -0.0310 0.0601  -0.3278 72  ILE A O   
499 C CB  . ILE A 72  ? 1.0059 1.2074 1.1221 -0.0730 0.0538  -0.3233 72  ILE A CB  
500 C CG1 . ILE A 72  ? 0.7485 0.9742 0.8727 -0.0985 0.0497  -0.3276 72  ILE A CG1 
501 C CG2 . ILE A 72  ? 0.9061 1.1577 0.9722 -0.0891 0.0495  -0.3197 72  ILE A CG2 
502 C CD1 . ILE A 72  ? 0.7480 0.9684 0.8367 -0.1072 0.0413  -0.2824 72  ILE A CD1 
503 N N   . LYS A 73  ? 0.9993 1.1432 1.2389 -0.0497 0.0533  -0.4171 73  LYS A N   
504 C CA  . LYS A 73  ? 1.1991 1.2719 1.4757 -0.0379 0.0495  -0.4220 73  LYS A CA  
505 C C   . LYS A 73  ? 1.3350 1.3877 1.6162 -0.0587 0.0544  -0.3873 73  LYS A C   
506 O O   . LYS A 73  ? 1.2220 1.2086 1.5061 -0.0520 0.0583  -0.3522 73  LYS A O   
507 C CB  . LYS A 73  ? 1.0286 1.0247 1.3016 -0.0053 0.0468  -0.4027 73  LYS A CB  
508 N N   . TYR A 74  ? 1.2675 1.3820 1.5462 -0.0852 0.0539  -0.3971 74  TYR A N   
509 C CA  . TYR A 74  ? 0.9903 1.1022 1.2801 -0.1054 0.0560  -0.3742 74  TYR A CA  
510 C C   . TYR A 74  ? 1.1111 1.2021 1.4467 -0.1162 0.0515  -0.4072 74  TYR A C   
511 O O   . TYR A 74  ? 1.3311 1.4550 1.6832 -0.1208 0.0434  -0.4567 74  TYR A O   
512 C CB  . TYR A 74  ? 1.0494 1.2292 1.3128 -0.1269 0.0516  -0.3687 74  TYR A CB  
513 C CG  . TYR A 74  ? 1.0629 1.2469 1.3429 -0.1438 0.0506  -0.3503 74  TYR A CG  
514 C CD1 . TYR A 74  ? 1.0819 1.2346 1.3592 -0.1362 0.0571  -0.3056 74  TYR A CD1 
515 C CD2 . TYR A 74  ? 0.8286 1.0530 1.1302 -0.1670 0.0430  -0.3817 74  TYR A CD2 
516 C CE1 . TYR A 74  ? 0.9744 1.1436 1.2731 -0.1511 0.0565  -0.2949 74  TYR A CE1 
517 C CE2 . TYR A 74  ? 0.8289 1.0636 1.1507 -0.1819 0.0406  -0.3693 74  TYR A CE2 
518 C CZ  . TYR A 74  ? 0.9766 1.1867 1.2993 -0.1740 0.0477  -0.3271 74  TYR A CZ  
519 O OH  . TYR A 74  ? 1.1110 1.3431 1.4599 -0.1885 0.0456  -0.3205 74  TYR A OH  
520 N N   . ARG A 75  ? 1.0003 1.0366 1.3543 -0.1212 0.0562  -0.3806 75  ARG A N   
521 C CA  . ARG A 75  ? 1.2452 1.2553 1.6396 -0.1386 0.0508  -0.4035 75  ARG A CA  
522 C C   . ARG A 75  ? 1.3728 1.4295 1.7825 -0.1676 0.0537  -0.3956 75  ARG A C   
523 O O   . ARG A 75  ? 1.4369 1.4813 1.8477 -0.1758 0.0639  -0.3572 75  ARG A O   
524 C CB  . ARG A 75  ? 1.2133 1.1297 1.6145 -0.1330 0.0528  -0.3792 75  ARG A CB  
525 N N   . PRO A 76  ? 1.2218 1.3382 1.6421 -0.1822 0.0443  -0.4340 76  PRO A N   
526 C CA  . PRO A 76  ? 1.1494 1.3103 1.5849 -0.2073 0.0429  -0.4294 76  PRO A CA  
527 C C   . PRO A 76  ? 1.2280 1.3513 1.7042 -0.2266 0.0471  -0.4206 76  PRO A C   
528 O O   . PRO A 76  ? 1.0616 1.1238 1.5559 -0.2267 0.0445  -0.4332 76  PRO A O   
529 C CB  . PRO A 76  ? 0.9871 1.2009 1.4299 -0.2190 0.0296  -0.4804 76  PRO A CB  
530 C CG  . PRO A 76  ? 1.0516 1.2762 1.4673 -0.2000 0.0280  -0.5026 76  PRO A CG  
531 C CD  . PRO A 76  ? 1.1016 1.2527 1.5196 -0.1761 0.0343  -0.4848 76  PRO A CD  
532 N N   . ASN A 77  ? 1.2053 1.3635 1.6941 -0.2435 0.0515  -0.4006 77  ASN A N   
533 C CA  . ASN A 77  ? 1.3036 1.4452 1.8351 -0.2704 0.0563  -0.3984 77  ASN A CA  
534 C C   . ASN A 77  ? 1.2551 1.3990 1.8202 -0.2895 0.0417  -0.4454 77  ASN A C   
535 O O   . ASN A 77  ? 1.1015 1.1881 1.6914 -0.3040 0.0400  -0.4532 77  ASN A O   
536 C CB  . ASN A 77  ? 1.4398 1.6390 1.9835 -0.2822 0.0613  -0.3779 77  ASN A CB  
537 C CG  . ASN A 77  ? 1.4373 1.6241 1.9582 -0.2665 0.0769  -0.3317 77  ASN A CG  
538 O OD1 . ASN A 77  ? 1.3455 1.5828 1.8641 -0.2622 0.0770  -0.3164 77  ASN A OD1 
539 N ND2 . ASN A 77  ? 1.3616 1.4791 1.8639 -0.2553 0.0872  -0.3118 77  ASN A ND2 
540 N N   . VAL A 78  ? 1.2759 1.4827 1.8370 -0.2906 0.0288  -0.4761 78  VAL A N   
541 C CA  . VAL A 78  ? 1.2192 1.4369 1.7987 -0.2991 0.0138  -0.5205 78  VAL A CA  
542 C C   . VAL A 78  ? 1.2331 1.4041 1.8036 -0.2788 0.0073  -0.5460 78  VAL A C   
543 O O   . VAL A 78  ? 1.2297 1.4130 1.7703 -0.2575 0.0082  -0.5536 78  VAL A O   
544 C CB  . VAL A 78  ? 1.2655 1.5568 1.8183 -0.2950 0.0031  -0.5338 78  VAL A CB  
545 C CG1 . VAL A 78  ? 1.4442 1.7411 1.9906 -0.2858 -0.0075 -0.5714 78  VAL A CG1 
546 C CG2 . VAL A 78  ? 0.8293 1.1586 1.4014 -0.3126 -0.0008 -0.5231 78  VAL A CG2 
547 N N   . GLN A 79  ? 1.4809 1.6007 2.0757 -0.2843 -0.0015 -0.5601 79  GLN A N   
548 C CA  . GLN A 79  ? 1.5950 1.6655 2.1835 -0.2600 -0.0134 -0.5848 79  GLN A CA  
549 C C   . GLN A 79  ? 1.5371 1.6544 2.1242 -0.2481 -0.0268 -0.6262 79  GLN A C   
550 O O   . GLN A 79  ? 1.4907 1.5807 2.0786 -0.2259 -0.0394 -0.6529 79  GLN A O   
551 C CB  . GLN A 79  ? 1.6281 1.6031 2.2342 -0.2705 -0.0215 -0.5739 79  GLN A CB  
552 N N   . ASP A 80  ? 1.5462 1.7336 2.1297 -0.2609 -0.0254 -0.6312 80  ASP A N   
553 C CA  . ASP A 80  ? 1.5129 1.7521 2.0881 -0.2508 -0.0341 -0.6674 80  ASP A CA  
554 C C   . ASP A 80  ? 1.4237 1.7270 1.9580 -0.2391 -0.0247 -0.6668 80  ASP A C   
555 O O   . ASP A 80  ? 1.3832 1.7288 1.8934 -0.2516 -0.0197 -0.6460 80  ASP A O   
556 C CB  . ASP A 80  ? 1.5741 1.8434 2.1636 -0.2722 -0.0410 -0.6726 80  ASP A CB  
557 C CG  . ASP A 80  ? 1.8037 2.1194 2.3858 -0.2633 -0.0502 -0.7106 80  ASP A CG  
558 O OD1 . ASP A 80  ? 1.8666 2.1963 2.4376 -0.2412 -0.0503 -0.7350 80  ASP A OD1 
559 O OD2 . ASP A 80  ? 1.8711 2.2115 2.4613 -0.2783 -0.0574 -0.7175 80  ASP A OD2 
560 N N   . PRO A 81  ? 1.3524 1.6618 1.8769 -0.2152 -0.0240 -0.6881 81  PRO A N   
561 C CA  . PRO A 81  ? 1.1223 1.4926 1.6070 -0.2074 -0.0136 -0.6871 81  PRO A CA  
562 C C   . PRO A 81  ? 1.1743 1.6117 1.6284 -0.2238 -0.0122 -0.6868 81  PRO A C   
563 O O   . PRO A 81  ? 1.3067 1.7770 1.7178 -0.2308 -0.0052 -0.6633 81  PRO A O   
564 C CB  . PRO A 81  ? 0.8684 1.2475 1.3653 -0.1812 -0.0175 -0.7242 81  PRO A CB  
565 C CG  . PRO A 81  ? 1.0841 1.3783 1.6162 -0.1689 -0.0306 -0.7287 81  PRO A CG  
566 C CD  . PRO A 81  ? 1.3291 1.5872 1.8797 -0.1942 -0.0361 -0.7139 81  PRO A CD  
567 N N   . LEU A 82  ? 1.0449 1.4960 1.5164 -0.2305 -0.0213 -0.7101 82  LEU A N   
568 C CA  . LEU A 82  ? 1.0583 1.5687 1.4960 -0.2439 -0.0216 -0.7121 82  LEU A CA  
569 C C   . LEU A 82  ? 1.1089 1.6150 1.5353 -0.2637 -0.0282 -0.6813 82  LEU A C   
570 O O   . LEU A 82  ? 1.1282 1.6712 1.5121 -0.2747 -0.0310 -0.6682 82  LEU A O   
571 C CB  . LEU A 82  ? 1.2351 1.7694 1.6940 -0.2396 -0.0290 -0.7549 82  LEU A CB  
572 C CG  . LEU A 82  ? 1.3336 1.8790 1.8122 -0.2158 -0.0268 -0.7914 82  LEU A CG  
573 C CD1 . LEU A 82  ? 1.3573 1.8622 1.8846 -0.2062 -0.0437 -0.8228 82  LEU A CD1 
574 C CD2 . LEU A 82  ? 1.2842 1.9097 1.7346 -0.2167 -0.0173 -0.8124 82  LEU A CD2 
575 N N   . LEU A 83  ? 1.0304 1.4900 1.4944 -0.2686 -0.0315 -0.6681 83  LEU A N   
576 C CA  . LEU A 83  ? 1.1101 1.5703 1.5747 -0.2845 -0.0368 -0.6394 83  LEU A CA  
577 C C   . LEU A 83  ? 1.0873 1.5490 1.5196 -0.2828 -0.0309 -0.6037 83  LEU A C   
578 O O   . LEU A 83  ? 1.1259 1.6094 1.5314 -0.2902 -0.0390 -0.5813 83  LEU A O   
579 C CB  . LEU A 83  ? 1.1451 1.5599 1.6651 -0.2935 -0.0385 -0.6375 83  LEU A CB  
580 C CG  . LEU A 83  ? 1.1076 1.5353 1.6495 -0.3116 -0.0470 -0.6273 83  LEU A CG  
581 C CD1 . LEU A 83  ? 1.1353 1.5230 1.7238 -0.3251 -0.0410 -0.6103 83  LEU A CD1 
582 C CD2 . LEU A 83  ? 0.9421 1.4117 1.4450 -0.3130 -0.0529 -0.6050 83  LEU A CD2 
583 N N   . PHE A 84  ? 1.0486 1.4856 1.4811 -0.2709 -0.0202 -0.6004 84  PHE A N   
584 C CA  . PHE A 84  ? 1.0213 1.4593 1.4202 -0.2678 -0.0150 -0.5693 84  PHE A CA  
585 C C   . PHE A 84  ? 1.0803 1.5625 1.4166 -0.2693 -0.0185 -0.5635 84  PHE A C   
586 O O   . PHE A 84  ? 1.1926 1.6855 1.4920 -0.2759 -0.0274 -0.5346 84  PHE A O   
587 C CB  . PHE A 84  ? 1.0949 1.4943 1.5067 -0.2534 -0.0039 -0.5706 84  PHE A CB  
588 C CG  . PHE A 84  ? 1.0973 1.4918 1.4799 -0.2507 0.0008  -0.5383 84  PHE A CG  
589 C CD1 . PHE A 84  ? 0.9434 1.3298 1.3362 -0.2596 -0.0011 -0.5086 84  PHE A CD1 
590 C CD2 . PHE A 84  ? 1.1940 1.5967 1.5419 -0.2384 0.0069  -0.5388 84  PHE A CD2 
591 C CE1 . PHE A 84  ? 0.9610 1.3414 1.3251 -0.2527 0.0015  -0.4766 84  PHE A CE1 
592 C CE2 . PHE A 84  ? 1.2223 1.6174 1.5409 -0.2362 0.0090  -0.5092 84  PHE A CE2 
593 C CZ  . PHE A 84  ? 1.1726 1.5522 1.4963 -0.2403 0.0061  -0.4743 84  PHE A CZ  
594 N N   . ARG A 85  ? 1.0199 1.5259 1.3441 -0.2635 -0.0125 -0.5900 85  ARG A N   
595 C CA  . ARG A 85  ? 0.9116 1.4623 1.1787 -0.2716 -0.0132 -0.5861 85  ARG A CA  
596 C C   . ARG A 85  ? 0.8887 1.4481 1.1252 -0.2870 -0.0303 -0.5654 85  ARG A C   
597 O O   . ARG A 85  ? 0.9513 1.5092 1.1390 -0.2932 -0.0388 -0.5322 85  ARG A O   
598 C CB  . ARG A 85  ? 0.7928 1.3791 1.0706 -0.2681 -0.0066 -0.6267 85  ARG A CB  
599 C CG  . ARG A 85  ? 1.2554 1.8810 1.4988 -0.2667 0.0068  -0.6300 85  ARG A CG  
600 C CD  . ARG A 85  ? 1.3594 2.0137 1.5345 -0.2884 0.0033  -0.6031 85  ARG A CD  
601 N NE  . ARG A 85  ? 1.4187 2.1093 1.5857 -0.3006 -0.0003 -0.6256 85  ARG A NE  
602 C CZ  . ARG A 85  ? 1.4409 2.1863 1.5977 -0.3066 0.0122  -0.6506 85  ARG A CZ  
603 N NH1 . ARG A 85  ? 1.5453 2.3212 1.6946 -0.3183 0.0079  -0.6709 85  ARG A NH1 
604 N NH2 . ARG A 85  ? 1.4250 2.1988 1.5816 -0.3016 0.0290  -0.6569 85  ARG A NH2 
605 N N   . GLN A 86  ? 1.1177 1.6831 1.3815 -0.2922 -0.0388 -0.5857 86  GLN A N   
606 C CA  . GLN A 86  ? 1.1731 1.7485 1.4101 -0.3046 -0.0583 -0.5723 86  GLN A CA  
607 C C   . GLN A 86  ? 1.0022 1.5565 1.2375 -0.3047 -0.0723 -0.5387 86  GLN A C   
608 O O   . GLN A 86  ? 1.0442 1.6020 1.2376 -0.3110 -0.0927 -0.5184 86  GLN A O   
609 C CB  . GLN A 86  ? 1.0007 1.5853 1.2749 -0.3087 -0.0651 -0.6027 86  GLN A CB  
610 C CG  . GLN A 86  ? 1.1467 1.7558 1.4267 -0.3055 -0.0535 -0.6393 86  GLN A CG  
611 C CD  . GLN A 86  ? 1.1846 1.8294 1.4004 -0.3149 -0.0511 -0.6340 86  GLN A CD  
612 O OE1 . GLN A 86  ? 1.3063 1.9531 1.4733 -0.3277 -0.0663 -0.6098 86  GLN A OE1 
613 N NE2 . GLN A 86  ? 0.9874 1.6597 1.2034 -0.3091 -0.0333 -0.6560 86  GLN A NE2 
614 N N   . LEU A 87  ? 0.8668 1.3983 1.1493 -0.2975 -0.0635 -0.5342 87  LEU A N   
615 C CA  . LEU A 87  ? 1.0408 1.5617 1.3282 -0.2958 -0.0737 -0.5053 87  LEU A CA  
616 C C   . LEU A 87  ? 1.0654 1.5807 1.2928 -0.2916 -0.0795 -0.4742 87  LEU A C   
617 O O   . LEU A 87  ? 0.9861 1.4997 1.1891 -0.2902 -0.1004 -0.4504 87  LEU A O   
618 C CB  . LEU A 87  ? 1.0807 1.5801 1.4337 -0.2928 -0.0592 -0.5068 87  LEU A CB  
619 C CG  . LEU A 87  ? 1.0678 1.5651 1.4832 -0.3011 -0.0582 -0.5250 87  LEU A CG  
620 C CD1 . LEU A 87  ? 1.1789 1.6432 1.6475 -0.3027 -0.0403 -0.5223 87  LEU A CD1 
621 C CD2 . LEU A 87  ? 0.8454 1.3674 1.2671 -0.3055 -0.0770 -0.5153 87  LEU A CD2 
622 N N   . VAL A 88  ? 1.0706 1.5827 1.2749 -0.2884 -0.0635 -0.4759 88  VAL A N   
623 C CA  . VAL A 88  ? 0.9471 1.4530 1.0894 -0.2874 -0.0677 -0.4467 88  VAL A CA  
624 C C   . VAL A 88  ? 1.0089 1.5238 1.0848 -0.2990 -0.0871 -0.4331 88  VAL A C   
625 O O   . VAL A 88  ? 0.9574 1.4541 0.9847 -0.2992 -0.1084 -0.4010 88  VAL A O   
626 C CB  . VAL A 88  ? 0.9774 1.4850 1.1182 -0.2820 -0.0442 -0.4580 88  VAL A CB  
627 C CG1 . VAL A 88  ? 0.8183 1.3265 0.8896 -0.2860 -0.0468 -0.4299 88  VAL A CG1 
628 C CG2 . VAL A 88  ? 0.9789 1.4611 1.1769 -0.2697 -0.0305 -0.4649 88  VAL A CG2 
629 N N   . ALA A 89  ? 1.1457 1.6846 1.2204 -0.3082 -0.0818 -0.4585 89  ALA A N   
630 C CA  . ALA A 89  ? 1.1846 1.7317 1.1983 -0.3229 -0.0977 -0.4492 89  ALA A CA  
631 C C   . ALA A 89  ? 1.2713 1.7979 1.2692 -0.3233 -0.1319 -0.4316 89  ALA A C   
632 O O   . ALA A 89  ? 1.1520 1.6589 1.0861 -0.3298 -0.1556 -0.4061 89  ALA A O   
633 C CB  . ALA A 89  ? 0.8594 1.4423 0.8856 -0.3316 -0.0840 -0.4854 89  ALA A CB  
634 N N   . ALA A 90  ? 0.9786 1.5088 1.0378 -0.3160 -0.1356 -0.4476 90  ALA A N   
635 C CA  . ALA A 90  ? 1.0484 1.5690 1.1092 -0.3133 -0.1673 -0.4382 90  ALA A CA  
636 C C   . ALA A 90  ? 1.2826 1.7821 1.3391 -0.2998 -0.1830 -0.4098 90  ALA A C   
637 O O   . ALA A 90  ? 1.6320 2.1224 1.6821 -0.2934 -0.2144 -0.3996 90  ALA A O   
638 C CB  . ALA A 90  ? 1.2138 1.7547 1.3488 -0.3127 -0.1618 -0.4686 90  ALA A CB  
639 N N   . GLY A 91  ? 1.2403 1.7327 1.2994 -0.2937 -0.1635 -0.3984 91  GLY A N   
640 C CA  . GLY A 91  ? 1.1019 1.5756 1.1511 -0.2799 -0.1779 -0.3714 91  GLY A CA  
641 C C   . GLY A 91  ? 1.0852 1.5776 1.2079 -0.2690 -0.1791 -0.3817 91  GLY A C   
642 O O   . GLY A 91  ? 1.0843 1.5719 1.2016 -0.2550 -0.2034 -0.3653 91  GLY A O   
643 N N   . ASP A 92  ? 1.0035 1.5175 1.1954 -0.2751 -0.1550 -0.4099 92  ASP A N   
644 C CA  . ASP A 92  ? 1.0721 1.6067 1.3413 -0.2701 -0.1493 -0.4200 92  ASP A CA  
645 C C   . ASP A 92  ? 1.0409 1.5759 1.3208 -0.2555 -0.1509 -0.4002 92  ASP A C   
646 O O   . ASP A 92  ? 0.9672 1.4843 1.2283 -0.2527 -0.1366 -0.3874 92  ASP A O   
647 C CB  . ASP A 92  ? 1.1554 1.6917 1.4884 -0.2800 -0.1163 -0.4430 92  ASP A CB  
648 C CG  . ASP A 92  ? 1.1683 1.7221 1.5785 -0.2810 -0.1066 -0.4480 92  ASP A CG  
649 O OD1 . ASP A 92  ? 1.3061 1.8465 1.7554 -0.2840 -0.0809 -0.4451 92  ASP A OD1 
650 O OD2 . ASP A 92  ? 0.9961 1.5764 1.4268 -0.2798 -0.1247 -0.4540 92  ASP A OD2 
651 N N   . ARG A 93  ? 0.9205 1.4801 1.2329 -0.2443 -0.1691 -0.4002 93  ARG A N   
652 C CA  . ARG A 93  ? 0.8378 1.4086 1.1661 -0.2258 -0.1739 -0.3854 93  ARG A CA  
653 C C   . ARG A 93  ? 0.9762 1.5336 1.3489 -0.2241 -0.1303 -0.3740 93  ARG A C   
654 O O   . ARG A 93  ? 0.9451 1.4692 1.2848 -0.2061 -0.1206 -0.3436 93  ARG A O   
655 C CB  . ARG A 93  ? 0.9952 1.6037 1.3632 -0.2104 -0.1969 -0.3936 93  ARG A CB  
656 C CG  . ARG A 93  ? 1.3512 1.9505 1.6713 -0.1807 -0.2371 -0.3745 93  ARG A CG  
657 C CD  . ARG A 93  ? 1.4398 2.0802 1.8063 -0.1627 -0.2587 -0.3898 93  ARG A CD  
658 N NE  . ARG A 93  ? 1.5001 2.1219 1.8194 -0.1290 -0.3014 -0.3729 93  ARG A NE  
659 C CZ  . ARG A 93  ? 1.6510 2.2373 1.9099 -0.1216 -0.3432 -0.3645 93  ARG A CZ  
660 N NH1 . ARG A 93  ? 1.6914 2.2687 1.9349 -0.1449 -0.3477 -0.3740 93  ARG A NH1 
661 N NH2 . ARG A 93  ? 1.7180 2.2743 1.9319 -0.0917 -0.3804 -0.3455 93  ARG A NH2 
662 N N   . GLU A 94  ? 0.7809 1.3527 1.2204 -0.2425 -0.1046 -0.3938 94  GLU A N   
663 C CA  . GLU A 94  ? 0.8729 1.4194 1.3476 -0.2416 -0.0655 -0.3770 94  GLU A CA  
664 C C   . GLU A 94  ? 0.9352 1.4291 1.3728 -0.2412 -0.0469 -0.3663 94  GLU A C   
665 O O   . GLU A 94  ? 1.0465 1.5063 1.4718 -0.2257 -0.0282 -0.3379 94  GLU A O   
666 C CB  . GLU A 94  ? 0.6872 1.2565 1.2382 -0.2666 -0.0470 -0.3992 94  GLU A CB  
667 N N   . THR A 95  ? 0.9435 1.4356 1.3638 -0.2569 -0.0536 -0.3920 95  THR A N   
668 C CA  . THR A 95  ? 0.8917 1.3479 1.2771 -0.2553 -0.0408 -0.3919 95  THR A CA  
669 C C   . THR A 95  ? 0.8043 1.2419 1.1248 -0.2356 -0.0475 -0.3602 95  THR A C   
670 O O   . THR A 95  ? 0.6434 1.0451 0.9499 -0.2236 -0.0293 -0.3437 95  THR A O   
671 C CB  . THR A 95  ? 0.8931 1.3685 1.2622 -0.2738 -0.0522 -0.4293 95  THR A CB  
672 O OG1 . THR A 95  ? 0.9679 1.4480 1.3860 -0.2844 -0.0474 -0.4507 95  THR A OG1 
673 C CG2 . THR A 95  ? 0.8842 1.3352 1.2283 -0.2709 -0.0375 -0.4378 95  THR A CG2 
674 N N   . LEU A 96  ? 0.8179 1.2762 1.0950 -0.2332 -0.0779 -0.3533 96  LEU A N   
675 C CA  . LEU A 96  ? 0.9224 1.3589 1.1310 -0.2190 -0.0905 -0.3235 96  LEU A CA  
676 C C   . LEU A 96  ? 0.8937 1.3061 1.1077 -0.1910 -0.0830 -0.2882 96  LEU A C   
677 O O   . LEU A 96  ? 0.7971 1.1765 0.9756 -0.1778 -0.0743 -0.2642 96  LEU A O   
678 C CB  . LEU A 96  ? 0.9658 1.4187 1.1136 -0.2286 -0.1310 -0.3253 96  LEU A CB  
679 C CG  . LEU A 96  ? 0.9779 1.4264 1.0709 -0.2479 -0.1280 -0.3337 96  LEU A CG  
680 C CD1 . LEU A 96  ? 0.6957 1.1578 0.7934 -0.2609 -0.1290 -0.3551 96  LEU A CD1 
681 C CD2 . LEU A 96  ? 1.1629 1.5811 1.1680 -0.2434 -0.1515 -0.2981 96  LEU A CD2 
682 N N   . TYR A 97  ? 1.0124 1.4468 1.2725 -0.1823 -0.0860 -0.2881 97  TYR A N   
683 C CA  . TYR A 97  ? 0.9061 1.3286 1.1827 -0.1575 -0.0734 -0.2612 97  TYR A CA  
684 C C   . TYR A 97  ? 0.8041 1.1908 1.1021 -0.1577 -0.0339 -0.2500 97  TYR A C   
685 O O   . TYR A 97  ? 0.9388 1.2938 1.2130 -0.1372 -0.0245 -0.2217 97  TYR A O   
686 C CB  . TYR A 97  ? 1.0771 1.5463 1.4138 -0.1559 -0.0771 -0.2745 97  TYR A CB  
687 C CG  . TYR A 97  ? 1.1471 1.6459 1.4628 -0.1421 -0.1222 -0.2810 97  TYR A CG  
688 C CD1 . TYR A 97  ? 0.9460 1.4882 1.3056 -0.1248 -0.1316 -0.2874 97  TYR A CD1 
689 C CD2 . TYR A 97  ? 1.2705 1.7539 1.5192 -0.1468 -0.1578 -0.2821 97  TYR A CD2 
690 C CE1 . TYR A 97  ? 0.9346 1.4994 1.2749 -0.1069 -0.1798 -0.2973 97  TYR A CE1 
691 C CE2 . TYR A 97  ? 1.3071 1.8043 1.5278 -0.1342 -0.2059 -0.2866 97  TYR A CE2 
692 C CZ  . TYR A 97  ? 1.1970 1.7324 1.4646 -0.1113 -0.2193 -0.2953 97  TYR A CZ  
693 O OH  . TYR A 97  ? 1.2290 1.7727 1.4668 -0.0942 -0.2744 -0.3033 97  TYR A OH  
694 N N   . GLN A 98  ? 0.7063 1.0904 1.0394 -0.1801 -0.0160 -0.2736 98  GLN A N   
695 C CA  . GLN A 98  ? 0.8747 1.2155 1.2272 -0.1815 0.0147  -0.2673 98  GLN A CA  
696 C C   . GLN A 98  ? 0.8523 1.1550 1.1531 -0.1670 0.0165  -0.2538 98  GLN A C   
697 O O   . GLN A 98  ? 0.8324 1.0965 1.1242 -0.1503 0.0321  -0.2286 98  GLN A O   
698 C CB  . GLN A 98  ? 1.0404 1.3812 1.4364 -0.2074 0.0238  -0.3001 98  GLN A CB  
699 C CG  . GLN A 98  ? 1.1212 1.4668 1.5769 -0.2239 0.0408  -0.3014 98  GLN A CG  
700 C CD  . GLN A 98  ? 1.4845 1.8481 1.9823 -0.2524 0.0361  -0.3394 98  GLN A CD  
701 O OE1 . GLN A 98  ? 1.6188 1.9748 2.1039 -0.2574 0.0274  -0.3650 98  GLN A OE1 
702 N NE2 . GLN A 98  ? 1.3855 1.7776 1.9349 -0.2721 0.0421  -0.3454 98  GLN A NE2 
703 N N   . ILE A 99  ? 0.8832 1.2008 1.1504 -0.1761 0.0010  -0.2728 99  ILE A N   
704 C CA  . ILE A 99  ? 0.7195 1.0168 0.9383 -0.1682 0.0013  -0.2666 99  ILE A CA  
705 C C   . ILE A 99  ? 0.6880 0.9677 0.8608 -0.1464 -0.0080 -0.2280 99  ILE A C   
706 O O   . ILE A 99  ? 0.8176 1.0615 0.9754 -0.1295 0.0047  -0.2088 99  ILE A O   
707 C CB  . ILE A 99  ? 0.8152 1.1476 1.0023 -0.1887 -0.0153 -0.2943 99  ILE A CB  
708 C CG1 . ILE A 99  ? 0.8498 1.2030 1.0843 -0.2081 -0.0100 -0.3354 99  ILE A CG1 
709 C CG2 . ILE A 99  ? 0.8064 1.1298 0.9477 -0.1858 -0.0117 -0.2928 99  ILE A CG2 
710 C CD1 . ILE A 99  ? 0.9500 1.3471 1.1565 -0.2312 -0.0280 -0.3655 99  ILE A CD1 
711 N N   . LEU A 100 ? 0.7195 1.0206 0.8681 -0.1449 -0.0342 -0.2181 100 LEU A N   
712 C CA  . LEU A 100 ? 0.6750 0.9565 0.7772 -0.1227 -0.0510 -0.1839 100 LEU A CA  
713 C C   . LEU A 100 ? 0.6512 0.9064 0.7796 -0.0973 -0.0303 -0.1597 100 LEU A C   
714 O O   . LEU A 100 ? 0.7032 0.9262 0.7969 -0.0781 -0.0296 -0.1339 100 LEU A O   
715 C CB  . LEU A 100 ? 1.0529 1.3585 1.1353 -0.1220 -0.0880 -0.1833 100 LEU A CB  
716 C CG  . LEU A 100 ? 1.0271 1.3487 1.0618 -0.1489 -0.1136 -0.2000 100 LEU A CG  
717 C CD1 . LEU A 100 ? 0.9874 1.3330 1.0140 -0.1524 -0.1517 -0.2092 100 LEU A CD1 
718 C CD2 . LEU A 100 ? 0.9625 1.2553 0.9219 -0.1504 -0.1256 -0.1774 100 LEU A CD2 
719 N N   . ARG A 101 ? 0.7362 1.0062 0.9240 -0.1006 -0.0126 -0.1685 101 ARG A N   
720 C CA  . ARG A 101 ? 0.7534 1.0044 0.9656 -0.0835 0.0102  -0.1470 101 ARG A CA  
721 C C   . ARG A 101 ? 0.7910 0.9899 0.9939 -0.0782 0.0340  -0.1351 101 ARG A C   
722 O O   . ARG A 101 ? 0.8047 0.9740 0.9956 -0.0578 0.0448  -0.1084 101 ARG A O   
723 C CB  . ARG A 101 ? 0.7932 1.0765 1.0699 -0.0990 0.0258  -0.1620 101 ARG A CB  
724 C CG  . ARG A 101 ? 0.6060 0.8690 0.9100 -0.0956 0.0571  -0.1435 101 ARG A CG  
725 C CD  . ARG A 101 ? 0.9811 1.2471 1.2654 -0.0665 0.0551  -0.1174 101 ARG A CD  
726 N NE  . ARG A 101 ? 1.2710 1.5270 1.5796 -0.0689 0.0866  -0.1017 101 ARG A NE  
727 C CZ  . ARG A 101 ? 1.4027 1.6008 1.6860 -0.0599 0.1046  -0.0774 101 ARG A CZ  
728 N NH1 . ARG A 101 ? 1.5339 1.6851 1.7757 -0.0474 0.0950  -0.0705 101 ARG A NH1 
729 N NH2 . ARG A 101 ? 1.0937 1.2817 1.3924 -0.0669 0.1320  -0.0619 101 ARG A NH2 
730 N N   . TRP A 102 ? 0.6247 0.8133 0.8353 -0.0949 0.0405  -0.1578 102 TRP A N   
731 C CA  . TRP A 102 ? 0.7084 0.8477 0.9130 -0.0870 0.0571  -0.1536 102 TRP A CA  
732 C C   . TRP A 102 ? 0.8211 0.9478 0.9731 -0.0716 0.0462  -0.1422 102 TRP A C   
733 O O   . TRP A 102 ? 0.8767 0.9633 1.0110 -0.0513 0.0545  -0.1202 102 TRP A O   
734 C CB  . TRP A 102 ? 0.7888 0.9209 1.0252 -0.1057 0.0646  -0.1880 102 TRP A CB  
735 C CG  . TRP A 102 ? 1.0799 1.1547 1.3132 -0.0921 0.0766  -0.1858 102 TRP A CG  
736 C CD1 . TRP A 102 ? 1.0336 1.0550 1.2846 -0.0883 0.0920  -0.1707 102 TRP A CD1 
737 C CD2 . TRP A 102 ? 1.1765 1.2427 1.3875 -0.0822 0.0718  -0.2023 102 TRP A CD2 
738 N NE1 . TRP A 102 ? 1.1328 1.1054 1.3714 -0.0722 0.0928  -0.1755 102 TRP A NE1 
739 C CE2 . TRP A 102 ? 1.1514 1.1556 1.3705 -0.0668 0.0813  -0.1975 102 TRP A CE2 
740 C CE3 . TRP A 102 ? 1.1622 1.2695 1.3454 -0.0867 0.0598  -0.2211 102 TRP A CE3 
741 C CZ2 . TRP A 102 ? 1.1124 1.0989 1.3197 -0.0509 0.0776  -0.2152 102 TRP A CZ2 
742 C CZ3 . TRP A 102 ? 1.2776 1.3748 1.4494 -0.0754 0.0607  -0.2382 102 TRP A CZ3 
743 C CH2 . TRP A 102 ? 1.2631 1.3023 1.4507 -0.0551 0.0688  -0.2372 102 TRP A CH2 
744 N N   . VAL A 103 ? 0.8292 0.9902 0.9522 -0.0841 0.0265  -0.1560 103 VAL A N   
745 C CA  . VAL A 103 ? 0.8172 0.9719 0.8888 -0.0791 0.0169  -0.1489 103 VAL A CA  
746 C C   . VAL A 103 ? 0.8418 0.9788 0.8653 -0.0601 0.0010  -0.1122 103 VAL A C   
747 O O   . VAL A 103 ? 0.9518 1.0610 0.9487 -0.0460 0.0042  -0.0972 103 VAL A O   
748 C CB  . VAL A 103 ? 0.8191 1.0182 0.8673 -0.1070 0.0012  -0.1763 103 VAL A CB  
749 C CG1 . VAL A 103 ? 0.9489 1.1492 0.9339 -0.1103 -0.0126 -0.1634 103 VAL A CG1 
750 C CG2 . VAL A 103 ? 0.7971 1.0121 0.8844 -0.1210 0.0164  -0.2179 103 VAL A CG2 
751 N N   . VAL A 104 ? 0.7991 0.9513 0.8131 -0.0578 -0.0191 -0.1009 104 VAL A N   
752 C CA  . VAL A 104 ? 0.6744 0.8093 0.6380 -0.0399 -0.0437 -0.0710 104 VAL A CA  
753 C C   . VAL A 104 ? 0.8586 0.9546 0.8218 -0.0081 -0.0311 -0.0429 104 VAL A C   
754 O O   . VAL A 104 ? 1.0319 1.1009 0.9486 0.0042  -0.0430 -0.0222 104 VAL A O   
755 C CB  . VAL A 104 ? 0.8566 1.0151 0.8131 -0.0395 -0.0745 -0.0710 104 VAL A CB  
756 C CG1 . VAL A 104 ? 0.6869 0.8185 0.5910 -0.0162 -0.1053 -0.0420 104 VAL A CG1 
757 C CG2 . VAL A 104 ? 0.7446 0.9309 0.6777 -0.0718 -0.0941 -0.0928 104 VAL A CG2 
758 N N   . PRO A 105 ? 1.1607 1.2541 1.1724 0.0024  -0.0077 -0.0418 105 PRO A N   
759 C CA  . PRO A 105 ? 1.1668 1.2195 1.1731 0.0278  0.0085  -0.0173 105 PRO A CA  
760 C C   . PRO A 105 ? 1.2728 1.2968 1.2748 0.0227  0.0235  -0.0244 105 PRO A C   
761 O O   . PRO A 105 ? 1.6090 1.6481 1.6388 0.0015  0.0327  -0.0519 105 PRO A O   
762 C CB  . PRO A 105 ? 1.0397 1.0999 1.0974 0.0275  0.0333  -0.0190 105 PRO A CB  
763 C CG  . PRO A 105 ? 0.8245 0.9359 0.9122 0.0097  0.0231  -0.0406 105 PRO A CG  
764 C CD  . PRO A 105 ? 0.9876 1.1114 1.0559 -0.0110 0.0062  -0.0606 105 PRO A CD  
765 N N   . GLN A 106 ? 0.8757 0.8643 0.8441 0.0421  0.0220  -0.0049 106 GLN A N   
766 C CA  . GLN A 106 ? 1.0504 1.0177 1.0184 0.0407  0.0330  -0.0171 106 GLN A CA  
767 C C   . GLN A 106 ? 0.8513 0.8478 0.7877 0.0220  0.0167  -0.0329 106 GLN A C   
768 O O   . GLN A 106 ? 0.8447 0.8422 0.7834 0.0179  0.0237  -0.0518 106 GLN A O   
769 C CB  . GLN A 106 ? 0.8893 0.8485 0.9067 0.0303  0.0544  -0.0415 106 GLN A CB  
770 C CG  . GLN A 106 ? 1.0166 1.0131 1.0504 0.0050  0.0517  -0.0811 106 GLN A CG  
771 C CD  . GLN A 106 ? 1.1157 1.1020 1.1994 -0.0053 0.0665  -0.1059 106 GLN A CD  
772 O OE1 . GLN A 106 ? 1.2774 1.2180 1.3739 0.0075  0.0759  -0.1085 106 GLN A OE1 
773 N NE2 . GLN A 106 ? 0.9655 0.9890 1.0749 -0.0283 0.0647  -0.1250 106 GLN A NE2 
774 N N   . ALA A 107 ? 0.9558 0.9758 0.8591 0.0106  -0.0072 -0.0251 107 ALA A N   
775 C CA  . ALA A 107 ? 1.0007 1.0449 0.8599 -0.0136 -0.0252 -0.0332 107 ALA A CA  
776 C C   . ALA A 107 ? 0.8272 0.8453 0.6439 -0.0025 -0.0319 -0.0135 107 ALA A C   
777 O O   . ALA A 107 ? 0.9985 1.0383 0.7959 -0.0224 -0.0317 -0.0287 107 ALA A O   
778 C CB  . ALA A 107 ? 0.7636 0.8234 0.5893 -0.0269 -0.0555 -0.0243 107 ALA A CB  
779 N N   . GLN A 108 ? 0.8402 0.8172 0.6436 0.0280  -0.0377 0.0177  108 GLN A N   
780 C CA  . GLN A 108 ? 0.8639 0.8095 0.6305 0.0434  -0.0446 0.0383  108 GLN A CA  
781 C C   . GLN A 108 ? 0.8607 0.8057 0.6579 0.0474  -0.0198 0.0172  108 GLN A C   
782 O O   . GLN A 108 ? 1.0440 0.9994 0.8188 0.0380  -0.0232 0.0104  108 GLN A O   
783 C CB  . GLN A 108 ? 0.8351 0.7389 0.5936 0.0796  -0.0511 0.0697  108 GLN A CB  
784 C CG  . GLN A 108 ? 1.2777 1.1516 0.9918 0.0912  -0.0709 0.0946  108 GLN A CG  
785 C CD  . GLN A 108 ? 1.5917 1.4560 1.3564 0.1081  -0.0599 0.1021  108 GLN A CD  
786 O OE1 . GLN A 108 ? 1.5536 1.4016 1.3364 0.1306  -0.0404 0.1036  108 GLN A OE1 
787 N NE2 . GLN A 108 ? 1.5240 1.4057 1.3112 0.0922  -0.0706 0.1057  108 GLN A NE2 
788 N N   . LEU A 109 ? 0.8973 0.8308 0.7449 0.0600  0.0028  0.0046  109 LEU A N   
789 C CA  . LEU A 109 ? 0.8562 0.7823 0.7341 0.0670  0.0198  -0.0203 109 LEU A CA  
790 C C   . LEU A 109 ? 1.0204 1.0004 0.9123 0.0391  0.0224  -0.0624 109 LEU A C   
791 O O   . LEU A 109 ? 0.9953 0.9839 0.8955 0.0438  0.0270  -0.0848 109 LEU A O   
792 C CB  . LEU A 109 ? 0.8416 0.7342 0.7637 0.0815  0.0380  -0.0234 109 LEU A CB  
793 C CG  . LEU A 109 ? 0.8318 0.7057 0.7801 0.0926  0.0469  -0.0507 109 LEU A CG  
794 C CD1 . LEU A 109 ? 0.9209 0.7537 0.8494 0.1216  0.0433  -0.0366 109 LEU A CD1 
795 C CD2 . LEU A 109 ? 0.9383 0.7836 0.9277 0.0931  0.0596  -0.0616 109 LEU A CD2 
796 N N   . LEU A 110 ? 0.9972 1.0170 0.8932 0.0114  0.0190  -0.0765 110 LEU A N   
797 C CA  . LEU A 110 ? 0.6939 0.7712 0.6026 -0.0170 0.0227  -0.1198 110 LEU A CA  
798 C C   . LEU A 110 ? 0.7346 0.8456 0.5918 -0.0388 0.0105  -0.1174 110 LEU A C   
799 O O   . LEU A 110 ? 0.8542 1.0091 0.7183 -0.0519 0.0176  -0.1517 110 LEU A O   
800 C CB  . LEU A 110 ? 0.8530 0.9580 0.7760 -0.0398 0.0204  -0.1318 110 LEU A CB  
801 C CG  . LEU A 110 ? 1.1044 1.1833 1.0826 -0.0265 0.0342  -0.1400 110 LEU A CG  
802 C CD1 . LEU A 110 ? 0.8452 0.9477 0.8399 -0.0460 0.0305  -0.1463 110 LEU A CD1 
803 C CD2 . LEU A 110 ? 0.7965 0.8722 0.8169 -0.0181 0.0473  -0.1790 110 LEU A CD2 
804 N N   . GLU A 111 ? 0.7679 0.8586 0.5730 -0.0432 -0.0095 -0.0782 111 GLU A N   
805 C CA  . GLU A 111 ? 0.9014 1.0113 0.6457 -0.0696 -0.0264 -0.0672 111 GLU A CA  
806 C C   . GLU A 111 ? 0.9110 1.0130 0.6548 -0.0538 -0.0194 -0.0683 111 GLU A C   
807 O O   . GLU A 111 ? 0.8672 1.0174 0.5952 -0.0803 -0.0173 -0.0899 111 GLU A O   
808 C CB  . GLU A 111 ? 0.8598 0.9317 0.5469 -0.0710 -0.0566 -0.0233 111 GLU A CB  
809 C CG  . GLU A 111 ? 1.0773 1.1509 0.7136 -0.0960 -0.0753 -0.0076 111 GLU A CG  
810 C CD  . GLU A 111 ? 1.7209 1.7396 1.3483 -0.0683 -0.0965 0.0296  111 GLU A CD  
811 O OE1 . GLU A 111 ? 1.8370 1.8528 1.4577 -0.0816 -0.1063 0.0361  111 GLU A OE1 
812 O OE2 . GLU A 111 ? 2.0113 1.9987 1.6466 -0.0333 -0.0990 0.0480  111 GLU A OE2 
813 N N   . LYS A 112 ? 0.9324 0.9773 0.6910 -0.0123 -0.0169 -0.0454 112 LYS A N   
814 C CA  . LYS A 112 ? 0.9185 0.9516 0.6813 0.0076  -0.0120 -0.0486 112 LYS A CA  
815 C C   . LYS A 112 ? 0.9342 1.0212 0.7404 0.0003  0.0053  -0.1017 112 LYS A C   
816 O O   . LYS A 112 ? 0.9844 1.1081 0.7808 -0.0106 0.0051  -0.1186 112 LYS A O   
817 C CB  . LYS A 112 ? 0.9131 0.8767 0.6935 0.0546  -0.0082 -0.0236 112 LYS A CB  
818 C CG  . LYS A 112 ? 0.8653 0.8161 0.6801 0.0814  0.0034  -0.0455 112 LYS A CG  
819 C CD  . LYS A 112 ? 1.2566 1.1368 1.0584 0.1205  -0.0010 -0.0093 112 LYS A CD  
820 C CE  . LYS A 112 ? 1.5568 1.4233 1.3785 0.1457  0.0022  -0.0288 112 LYS A CE  
821 N NZ  . LYS A 112 ? 1.5846 1.5094 1.3918 0.1229  -0.0045 -0.0500 112 LYS A NZ  
822 N N   . ARG A 113 ? 0.8873 0.9780 0.7443 0.0092  0.0187  -0.1301 113 ARG A N   
823 C CA  . ARG A 113 ? 0.9119 1.0495 0.8152 0.0095  0.0308  -0.1865 113 ARG A CA  
824 C C   . ARG A 113 ? 0.9678 1.1970 0.8599 -0.0356 0.0334  -0.2235 113 ARG A C   
825 O O   . ARG A 113 ? 0.9110 1.1978 0.8241 -0.0399 0.0402  -0.2678 113 ARG A O   
826 C CB  . ARG A 113 ? 0.6795 0.7890 0.6352 0.0282  0.0395  -0.2067 113 ARG A CB  
827 C CG  . ARG A 113 ? 0.6526 0.6769 0.6242 0.0697  0.0399  -0.1819 113 ARG A CG  
828 C CD  . ARG A 113 ? 0.8426 0.8367 0.8571 0.0776  0.0462  -0.1983 113 ARG A CD  
829 N NE  . ARG A 113 ? 1.1818 1.0976 1.2121 0.1141  0.0453  -0.1881 113 ARG A NE  
830 C CZ  . ARG A 113 ? 1.4530 1.3238 1.5161 0.1238  0.0469  -0.2011 113 ARG A CZ  
831 N NH1 . ARG A 113 ? 1.4738 1.3736 1.5641 0.1020  0.0504  -0.2276 113 ARG A NH1 
832 N NH2 . ARG A 113 ? 1.6397 1.4319 1.7046 0.1538  0.0426  -0.1874 113 ARG A NH2 
833 N N   . ALA A 114 ? 0.8328 1.0776 0.6873 -0.0701 0.0264  -0.2052 114 ALA A N   
834 C CA  . ALA A 114 ? 0.9665 1.2919 0.7945 -0.1198 0.0270  -0.2320 114 ALA A CA  
835 C C   . ALA A 114 ? 1.1034 1.4454 0.8973 -0.1429 0.0198  -0.2055 114 ALA A C   
836 O O   . ALA A 114 ? 0.9977 1.4018 0.8112 -0.1688 0.0289  -0.2240 114 ALA A O   
837 C CB  . ALA A 114 ? 0.6251 0.9469 0.4254 -0.1462 0.0168  -0.2145 114 ALA A CB  
838 N N   . PHE A 115 ? 1.4908 1.4074 1.6972 -0.1899 0.6377  -0.3884 115 PHE A N   
839 C CA  . PHE A 115 ? 1.3862 1.3258 1.6000 -0.1869 0.6280  -0.3890 115 PHE A CA  
840 C C   . PHE A 115 ? 1.0639 1.0205 1.2765 -0.1694 0.6313  -0.3837 115 PHE A C   
841 O O   . PHE A 115 ? 1.0783 1.0523 1.2962 -0.1685 0.6264  -0.3858 115 PHE A O   
842 C CB  . PHE A 115 ? 1.5697 1.5186 1.7886 -0.1883 0.6202  -0.3889 115 PHE A CB  
843 C CG  . PHE A 115 ? 1.5535 1.5227 1.7809 -0.1893 0.6124  -0.3920 115 PHE A CG  
844 C CD1 . PHE A 115 ? 1.3604 1.3269 1.5945 -0.2018 0.6080  -0.3963 115 PHE A CD1 
845 C CD2 . PHE A 115 ? 1.4511 1.4437 1.6798 -0.1774 0.6113  -0.3905 115 PHE A CD2 
846 C CE1 . PHE A 115 ? 1.2522 1.2316 1.4946 -0.2045 0.6042  -0.4000 115 PHE A CE1 
847 C CE2 . PHE A 115 ? 1.1314 1.1418 1.3685 -0.1822 0.6061  -0.3963 115 PHE A CE2 
848 C CZ  . PHE A 115 ? 1.2568 1.2569 1.5011 -0.1968 0.6034  -0.4014 115 PHE A CZ  
849 N N   . VAL A 116 ? 1.0827 1.0345 1.2880 -0.1547 0.6413  -0.3763 116 VAL A N   
850 C CA  . VAL A 116 ? 1.1518 1.1287 1.3548 -0.1322 0.6452  -0.3681 116 VAL A CA  
851 C C   . VAL A 116 ? 1.1892 1.1717 1.3927 -0.1279 0.6488  -0.3679 116 VAL A C   
852 O O   . VAL A 116 ? 1.1119 1.0687 1.3115 -0.1345 0.6575  -0.3695 116 VAL A O   
853 C CB  . VAL A 116 ? 1.2494 1.2196 1.4438 -0.1144 0.6578  -0.3576 116 VAL A CB  
854 C CG1 . VAL A 116 ? 1.2589 1.2402 1.4488 -0.0927 0.6696  -0.3479 116 VAL A CG1 
855 C CG2 . VAL A 116 ? 1.1040 1.0989 1.2986 -0.1038 0.6521  -0.3534 116 VAL A CG2 
856 N N   . GLY A 117 ? 1.2340 1.2521 1.4421 -0.1174 0.6434  -0.3665 117 GLY A N   
857 C CA  . GLY A 117 ? 1.1193 1.1495 1.3291 -0.1119 0.6456  -0.3660 117 GLY A CA  
858 C C   . GLY A 117 ? 1.3670 1.3842 1.5827 -0.1318 0.6399  -0.3759 117 GLY A C   
859 O O   . GLY A 117 ? 1.5861 1.6133 1.8037 -0.1277 0.6417  -0.3757 117 GLY A O   
860 N N   . TYR A 118 ? 1.4788 1.4766 1.6971 -0.1513 0.6341  -0.3831 118 TYR A N   
861 C CA  . TYR A 118 ? 1.3315 1.3202 1.5547 -0.1682 0.6295  -0.3906 118 TYR A CA  
862 C C   . TYR A 118 ? 1.4183 1.4305 1.6510 -0.1696 0.6224  -0.3946 118 TYR A C   
863 O O   . TYR A 118 ? 1.3273 1.3399 1.5628 -0.1740 0.6224  -0.3975 118 TYR A O   
864 C CB  . TYR A 118 ? 1.0923 1.0644 1.3160 -0.1840 0.6254  -0.3950 118 TYR A CB  
865 C CG  . TYR A 118 ? 1.1845 1.1515 1.4111 -0.1979 0.6224  -0.4003 118 TYR A CG  
866 C CD1 . TYR A 118 ? 1.0570 1.0120 1.2779 -0.2034 0.6282  -0.4027 118 TYR A CD1 
867 C CD2 . TYR A 118 ? 1.0304 1.0046 1.2648 -0.2050 0.6154  -0.4027 118 TYR A CD2 
868 C CE1 . TYR A 118 ? 1.3228 1.2790 1.5446 -0.2138 0.6256  -0.4067 118 TYR A CE1 
869 C CE2 . TYR A 118 ? 1.4800 1.4524 1.7158 -0.2135 0.6143  -0.4049 118 TYR A CE2 
870 C CZ  . TYR A 118 ? 1.4076 1.3739 1.6368 -0.2171 0.6185  -0.4066 118 TYR A CZ  
871 O OH  . TYR A 118 ? 1.2472 1.2180 1.4763 -0.2231 0.6177  -0.4078 118 TYR A OH  
872 N N   . TYR A 119 ? 1.4959 1.5269 1.7333 -0.1672 0.6174  -0.3959 119 TYR A N   
873 C CA  . TYR A 119 ? 1.2883 1.3375 1.5356 -0.1740 0.6124  -0.4028 119 TYR A CA  
874 C C   . TYR A 119 ? 1.2664 1.3504 1.5145 -0.1592 0.6138  -0.4012 119 TYR A C   
875 O O   . TYR A 119 ? 1.4853 1.5858 1.7272 -0.1432 0.6165  -0.3940 119 TYR A O   
876 C CB  . TYR A 119 ? 1.2261 1.2740 1.4789 -0.1843 0.6078  -0.4077 119 TYR A CB  
877 C CG  . TYR A 119 ? 1.2344 1.2559 1.4886 -0.1979 0.6067  -0.4090 119 TYR A CG  
878 C CD1 . TYR A 119 ? 1.1006 1.1149 1.3604 -0.2070 0.6071  -0.4121 119 TYR A CD1 
879 C CD2 . TYR A 119 ? 1.1586 1.1656 1.4083 -0.1995 0.6061  -0.4058 119 TYR A CD2 
880 C CE1 . TYR A 119 ? 1.1537 1.1511 1.4138 -0.2149 0.6074  -0.4106 119 TYR A CE1 
881 C CE2 . TYR A 119 ? 1.0084 0.9986 1.2591 -0.2094 0.6056  -0.4057 119 TYR A CE2 
882 C CZ  . TYR A 119 ? 1.2593 1.2468 1.5147 -0.2157 0.6063  -0.4074 119 TYR A CZ  
883 O OH  . TYR A 119 ? 1.1882 1.1657 1.4432 -0.2210 0.6069  -0.4049 119 TYR A OH  
884 N N   . LEU A 120 ? 1.1676 1.2647 1.4226 -0.1632 0.6133  -0.4065 120 LEU A N   
885 C CA  . LEU A 120 ? 1.0348 1.1708 1.2917 -0.1506 0.6148  -0.4059 120 LEU A CA  
886 C C   . LEU A 120 ? 1.1592 1.3273 1.4175 -0.1465 0.6125  -0.4081 120 LEU A C   
887 O O   . LEU A 120 ? 1.2250 1.4297 1.4792 -0.1272 0.6155  -0.4007 120 LEU A O   
888 C CB  . LEU A 120 ? 1.3415 1.4834 1.6077 -0.1614 0.6142  -0.4145 120 LEU A CB  
889 C CG  . LEU A 120 ? 1.3034 1.4403 1.5662 -0.1525 0.6188  -0.4084 120 LEU A CG  
890 C CD1 . LEU A 120 ? 1.3126 1.4104 1.5745 -0.1656 0.6190  -0.4098 120 LEU A CD1 
891 C CD2 . LEU A 120 ? 1.0744 1.2435 1.3448 -0.1508 0.6196  -0.4133 120 LEU A CD2 
892 N N   . SER A 121 ? 1.0680 1.2256 1.3317 -0.1636 0.6085  -0.4178 121 SER A N   
893 C CA  . SER A 121 ? 1.1922 1.3799 1.4575 -0.1634 0.6068  -0.4228 121 SER A CA  
894 C C   . SER A 121 ? 1.2432 1.4363 1.4980 -0.1464 0.6077  -0.4111 121 SER A C   
895 O O   . SER A 121 ? 1.2478 1.4756 1.5013 -0.1395 0.6074  -0.4114 121 SER A O   
896 C CB  . SER A 121 ? 1.3269 1.4978 1.6013 -0.1876 0.6049  -0.4371 121 SER A CB  
897 O OG  . SER A 121 ? 1.4193 1.5858 1.7034 -0.2019 0.6067  -0.4473 121 SER A OG  
898 N N   . PHE A 122 ? 1.1877 1.3478 1.4352 -0.1404 0.6098  -0.4014 122 PHE A N   
899 C CA  . PHE A 122 ? 1.2969 1.4520 1.5344 -0.1258 0.6129  -0.3904 122 PHE A CA  
900 C C   . PHE A 122 ? 1.3665 1.5147 1.5952 -0.1063 0.6213  -0.3770 122 PHE A C   
901 O O   . PHE A 122 ? 1.2059 1.3161 1.4297 -0.1101 0.6248  -0.3741 122 PHE A O   
902 C CB  . PHE A 122 ? 1.3486 1.4646 1.5861 -0.1413 0.6100  -0.3936 122 PHE A CB  
903 C CG  . PHE A 122 ? 1.1516 1.2649 1.3987 -0.1616 0.6045  -0.4061 122 PHE A CG  
904 C CD1 . PHE A 122 ? 1.1522 1.2945 1.4017 -0.1623 0.6028  -0.4120 122 PHE A CD1 
905 C CD2 . PHE A 122 ? 1.1489 1.2312 1.4019 -0.1793 0.6030  -0.4114 122 PHE A CD2 
906 C CE1 . PHE A 122 ? 1.0735 1.2085 1.3318 -0.1825 0.6006  -0.4246 122 PHE A CE1 
907 C CE2 . PHE A 122 ? 1.1109 1.1875 1.3725 -0.1958 0.6014  -0.4209 122 PHE A CE2 
908 C CZ  . PHE A 122 ? 1.0472 1.1472 1.3118 -0.1985 0.6007  -0.4283 122 PHE A CZ  
909 N N   . PRO A 123 ? 1.4500 1.6371 1.6768 -0.0853 0.6264  -0.3688 123 PRO A N   
910 C CA  . PRO A 123 ? 1.5503 1.7380 1.7693 -0.0628 0.6375  -0.3544 123 PRO A CA  
911 C C   . PRO A 123 ? 1.6557 1.8188 1.8654 -0.0530 0.6452  -0.3451 123 PRO A C   
912 C CB  . PRO A 123 ? 1.6423 1.8936 1.8614 -0.0382 0.6408  -0.3445 123 PRO A CB  
913 C CG  . PRO A 123 ? 1.5763 1.8517 1.8055 -0.0556 0.6314  -0.3588 123 PRO A CG  
914 C CD  . PRO A 123 ? 1.4673 1.7056 1.7003 -0.0827 0.6230  -0.3732 123 PRO A CD  
915 N N   . ASP A 124 ? 1.5580 1.6960 1.7621 -0.0446 0.6568  -0.3376 124 ASP A N   
916 C CA  . ASP A 124 ? 1.5507 1.6676 1.7460 -0.0324 0.6686  -0.3276 124 ASP A CA  
917 C C   . ASP A 124 ? 1.4923 1.6620 1.6840 0.0002  0.6751  -0.3116 124 ASP A C   
918 O O   . ASP A 124 ? 1.3913 1.5937 1.5836 0.0045  0.6680  -0.3109 124 ASP A O   
919 C CB  . ASP A 124 ? 1.5921 1.6664 1.7830 -0.0341 0.6826  -0.3254 124 ASP A CB  
920 C CG  . ASP A 124 ? 1.7514 1.7838 1.9350 -0.0355 0.6948  -0.3218 124 ASP A CG  
921 O OD1 . ASP A 124 ? 1.8378 1.8240 2.0183 -0.0489 0.7050  -0.3259 124 ASP A OD1 
922 O OD2 . ASP A 124 ? 1.6591 1.7052 1.8403 -0.0248 0.6949  -0.3156 124 ASP A OD2 
# 
